data_2RIQ
# 
_entry.id   2RIQ 
# 
_audit_conform.dict_name       mmcif_pdbx.dic 
_audit_conform.dict_version    5.387 
_audit_conform.dict_location   http://mmcif.pdb.org/dictionaries/ascii/mmcif_pdbx.dic 
# 
loop_
_database_2.database_id 
_database_2.database_code 
_database_2.pdbx_database_accession 
_database_2.pdbx_DOI 
PDB   2RIQ         pdb_00002riq 10.2210/pdb2riq/pdb 
RCSB  RCSB044906   ?            ?                   
WWPDB D_1000044906 ?            ?                   
# 
loop_
_pdbx_audit_revision_history.ordinal 
_pdbx_audit_revision_history.data_content_type 
_pdbx_audit_revision_history.major_revision 
_pdbx_audit_revision_history.minor_revision 
_pdbx_audit_revision_history.revision_date 
1 'Structure model' 1 0 2008-01-08 
2 'Structure model' 1 1 2011-07-13 
3 'Structure model' 1 2 2024-02-21 
# 
_pdbx_audit_revision_details.ordinal             1 
_pdbx_audit_revision_details.revision_ordinal    1 
_pdbx_audit_revision_details.data_content_type   'Structure model' 
_pdbx_audit_revision_details.provider            repository 
_pdbx_audit_revision_details.type                'Initial release' 
_pdbx_audit_revision_details.description         ? 
_pdbx_audit_revision_details.details             ? 
# 
loop_
_pdbx_audit_revision_group.ordinal 
_pdbx_audit_revision_group.revision_ordinal 
_pdbx_audit_revision_group.data_content_type 
_pdbx_audit_revision_group.group 
1 2 'Structure model' Advisory                    
2 2 'Structure model' 'Version format compliance' 
3 3 'Structure model' 'Data collection'           
4 3 'Structure model' 'Database references'       
5 3 'Structure model' 'Derived calculations'      
# 
loop_
_pdbx_audit_revision_category.ordinal 
_pdbx_audit_revision_category.revision_ordinal 
_pdbx_audit_revision_category.data_content_type 
_pdbx_audit_revision_category.category 
1 3 'Structure model' chem_comp_atom     
2 3 'Structure model' chem_comp_bond     
3 3 'Structure model' database_2         
4 3 'Structure model' struct_conn        
5 3 'Structure model' struct_ref_seq_dif 
6 3 'Structure model' struct_site        
# 
loop_
_pdbx_audit_revision_item.ordinal 
_pdbx_audit_revision_item.revision_ordinal 
_pdbx_audit_revision_item.data_content_type 
_pdbx_audit_revision_item.item 
1  3 'Structure model' '_database_2.pdbx_DOI'                
2  3 'Structure model' '_database_2.pdbx_database_accession' 
3  3 'Structure model' '_struct_conn.ptnr1_auth_comp_id'     
4  3 'Structure model' '_struct_conn.ptnr1_auth_seq_id'      
5  3 'Structure model' '_struct_conn.ptnr1_label_asym_id'    
6  3 'Structure model' '_struct_conn.ptnr1_label_atom_id'    
7  3 'Structure model' '_struct_conn.ptnr1_label_comp_id'    
8  3 'Structure model' '_struct_conn.ptnr1_label_seq_id'     
9  3 'Structure model' '_struct_conn.ptnr2_auth_comp_id'     
10 3 'Structure model' '_struct_conn.ptnr2_auth_seq_id'      
11 3 'Structure model' '_struct_conn.ptnr2_label_asym_id'    
12 3 'Structure model' '_struct_conn.ptnr2_label_atom_id'    
13 3 'Structure model' '_struct_conn.ptnr2_label_comp_id'    
14 3 'Structure model' '_struct_conn.ptnr2_label_seq_id'     
15 3 'Structure model' '_struct_ref_seq_dif.details'         
16 3 'Structure model' '_struct_site.pdbx_auth_asym_id'      
17 3 'Structure model' '_struct_site.pdbx_auth_comp_id'      
18 3 'Structure model' '_struct_site.pdbx_auth_seq_id'       
# 
_pdbx_database_status.status_code                     REL 
_pdbx_database_status.entry_id                        2RIQ 
_pdbx_database_status.recvd_initial_deposition_date   2007-10-12 
_pdbx_database_status.deposit_site                    RCSB 
_pdbx_database_status.process_site                    RCSB 
_pdbx_database_status.status_code_sf                  REL 
_pdbx_database_status.status_code_mr                  ? 
_pdbx_database_status.SG_entry                        ? 
_pdbx_database_status.status_code_cs                  ? 
_pdbx_database_status.methods_development_category    ? 
_pdbx_database_status.pdb_format_compatible           Y 
_pdbx_database_status.status_code_nmr_data            ? 
# 
loop_
_audit_author.name 
_audit_author.pdbx_ordinal 
'Pascal, J.M.'    1 
'Langelier, M.F.' 2 
'Servent, K.M.'   3 
# 
_citation.id                        primary 
_citation.title                     
'A Third Zinc-binding Domain of Human Poly(ADP-ribose) Polymerase-1 Coordinates DNA-dependent Enzyme Activation.' 
_citation.journal_abbrev            J.Biol.Chem. 
_citation.journal_volume            283 
_citation.page_first                4105 
_citation.page_last                 4114 
_citation.year                      2008 
_citation.journal_id_ASTM           JBCHA3 
_citation.country                   US 
_citation.journal_id_ISSN           0021-9258 
_citation.journal_id_CSD            0071 
_citation.book_publisher            ? 
_citation.pdbx_database_id_PubMed   18055453 
_citation.pdbx_database_id_DOI      10.1074/jbc.M708558200 
# 
loop_
_citation_author.citation_id 
_citation_author.name 
_citation_author.ordinal 
_citation_author.identifier_ORCID 
primary 'Langelier, M.F.' 1 ? 
primary 'Servent, K.M.'   2 ? 
primary 'Rogers, E.E.'    3 ? 
primary 'Pascal, J.M.'    4 ? 
# 
loop_
_entity.id 
_entity.type 
_entity.src_method 
_entity.pdbx_description 
_entity.formula_weight 
_entity.pdbx_number_of_molecules 
_entity.pdbx_ec 
_entity.pdbx_mutation 
_entity.pdbx_fragment 
_entity.details 
1 polymer     man 'Poly [ADP-ribose] polymerase 1' 18393.297 1   2.4.2.30 ? 'Third Zinc-binding domain' ? 
2 non-polymer syn 'ZINC ION'                       65.409    1   ?        ? ?                           ? 
3 non-polymer syn ETHANOL                          46.068    1   ?        ? ?                           ? 
4 non-polymer syn GLYCEROL                         92.094    3   ?        ? ?                           ? 
5 water       nat water                            18.015    171 ?        ? ?                           ? 
# 
_entity_name_com.entity_id   1 
_entity_name_com.name        'PARP-1, ADPRT, NAD+, ADP-ribosyltransferase 1, Poly[ADP-ribose] synthetase 1' 
# 
_entity_poly.entity_id                      1 
_entity_poly.type                           'polypeptide(L)' 
_entity_poly.nstd_linkage                   no 
_entity_poly.nstd_monomer                   no 
_entity_poly.pdbx_seq_one_letter_code       
;MVDEVAKKKSKKEKDKDSKLEKALKAQNDLIWNIKDELKKVCSTNDLKELLIFNKQQVPSGESAILDRVADGMVFGALLP
CEECSGQLVFKSDAYYCTGDVTAWTKCMVKTQTPNRKEWVTPKEFREISYLKKLKVKKQDRIFPPETSASVALEHHHHHH
;
_entity_poly.pdbx_seq_one_letter_code_can   
;MVDEVAKKKSKKEKDKDSKLEKALKAQNDLIWNIKDELKKVCSTNDLKELLIFNKQQVPSGESAILDRVADGMVFGALLP
CEECSGQLVFKSDAYYCTGDVTAWTKCMVKTQTPNRKEWVTPKEFREISYLKKLKVKKQDRIFPPETSASVALEHHHHHH
;
_entity_poly.pdbx_strand_id                 A 
_entity_poly.pdbx_target_identifier         ? 
# 
loop_
_pdbx_entity_nonpoly.entity_id 
_pdbx_entity_nonpoly.name 
_pdbx_entity_nonpoly.comp_id 
2 'ZINC ION' ZN  
3 ETHANOL    EOH 
4 GLYCEROL   GOL 
5 water      HOH 
# 
loop_
_entity_poly_seq.entity_id 
_entity_poly_seq.num 
_entity_poly_seq.mon_id 
_entity_poly_seq.hetero 
1 1   MET n 
1 2   VAL n 
1 3   ASP n 
1 4   GLU n 
1 5   VAL n 
1 6   ALA n 
1 7   LYS n 
1 8   LYS n 
1 9   LYS n 
1 10  SER n 
1 11  LYS n 
1 12  LYS n 
1 13  GLU n 
1 14  LYS n 
1 15  ASP n 
1 16  LYS n 
1 17  ASP n 
1 18  SER n 
1 19  LYS n 
1 20  LEU n 
1 21  GLU n 
1 22  LYS n 
1 23  ALA n 
1 24  LEU n 
1 25  LYS n 
1 26  ALA n 
1 27  GLN n 
1 28  ASN n 
1 29  ASP n 
1 30  LEU n 
1 31  ILE n 
1 32  TRP n 
1 33  ASN n 
1 34  ILE n 
1 35  LYS n 
1 36  ASP n 
1 37  GLU n 
1 38  LEU n 
1 39  LYS n 
1 40  LYS n 
1 41  VAL n 
1 42  CYS n 
1 43  SER n 
1 44  THR n 
1 45  ASN n 
1 46  ASP n 
1 47  LEU n 
1 48  LYS n 
1 49  GLU n 
1 50  LEU n 
1 51  LEU n 
1 52  ILE n 
1 53  PHE n 
1 54  ASN n 
1 55  LYS n 
1 56  GLN n 
1 57  GLN n 
1 58  VAL n 
1 59  PRO n 
1 60  SER n 
1 61  GLY n 
1 62  GLU n 
1 63  SER n 
1 64  ALA n 
1 65  ILE n 
1 66  LEU n 
1 67  ASP n 
1 68  ARG n 
1 69  VAL n 
1 70  ALA n 
1 71  ASP n 
1 72  GLY n 
1 73  MET n 
1 74  VAL n 
1 75  PHE n 
1 76  GLY n 
1 77  ALA n 
1 78  LEU n 
1 79  LEU n 
1 80  PRO n 
1 81  CYS n 
1 82  GLU n 
1 83  GLU n 
1 84  CYS n 
1 85  SER n 
1 86  GLY n 
1 87  GLN n 
1 88  LEU n 
1 89  VAL n 
1 90  PHE n 
1 91  LYS n 
1 92  SER n 
1 93  ASP n 
1 94  ALA n 
1 95  TYR n 
1 96  TYR n 
1 97  CYS n 
1 98  THR n 
1 99  GLY n 
1 100 ASP n 
1 101 VAL n 
1 102 THR n 
1 103 ALA n 
1 104 TRP n 
1 105 THR n 
1 106 LYS n 
1 107 CYS n 
1 108 MET n 
1 109 VAL n 
1 110 LYS n 
1 111 THR n 
1 112 GLN n 
1 113 THR n 
1 114 PRO n 
1 115 ASN n 
1 116 ARG n 
1 117 LYS n 
1 118 GLU n 
1 119 TRP n 
1 120 VAL n 
1 121 THR n 
1 122 PRO n 
1 123 LYS n 
1 124 GLU n 
1 125 PHE n 
1 126 ARG n 
1 127 GLU n 
1 128 ILE n 
1 129 SER n 
1 130 TYR n 
1 131 LEU n 
1 132 LYS n 
1 133 LYS n 
1 134 LEU n 
1 135 LYS n 
1 136 VAL n 
1 137 LYS n 
1 138 LYS n 
1 139 GLN n 
1 140 ASP n 
1 141 ARG n 
1 142 ILE n 
1 143 PHE n 
1 144 PRO n 
1 145 PRO n 
1 146 GLU n 
1 147 THR n 
1 148 SER n 
1 149 ALA n 
1 150 SER n 
1 151 VAL n 
1 152 ALA n 
1 153 LEU n 
1 154 GLU n 
1 155 HIS n 
1 156 HIS n 
1 157 HIS n 
1 158 HIS n 
1 159 HIS n 
1 160 HIS n 
# 
_entity_src_gen.entity_id                          1 
_entity_src_gen.pdbx_src_id                        1 
_entity_src_gen.pdbx_alt_source_flag               sample 
_entity_src_gen.pdbx_seq_type                      ? 
_entity_src_gen.pdbx_beg_seq_num                   ? 
_entity_src_gen.pdbx_end_seq_num                   ? 
_entity_src_gen.gene_src_common_name               human 
_entity_src_gen.gene_src_genus                     Homo 
_entity_src_gen.pdbx_gene_src_gene                 'PARP1, ADPRT, PPOL' 
_entity_src_gen.gene_src_species                   ? 
_entity_src_gen.gene_src_strain                    ? 
_entity_src_gen.gene_src_tissue                    ? 
_entity_src_gen.gene_src_tissue_fraction           ? 
_entity_src_gen.gene_src_details                   ? 
_entity_src_gen.pdbx_gene_src_fragment             ? 
_entity_src_gen.pdbx_gene_src_scientific_name      'Homo sapiens' 
_entity_src_gen.pdbx_gene_src_ncbi_taxonomy_id     9606 
_entity_src_gen.pdbx_gene_src_variant              ? 
_entity_src_gen.pdbx_gene_src_cell_line            ? 
_entity_src_gen.pdbx_gene_src_atcc                 ? 
_entity_src_gen.pdbx_gene_src_organ                ? 
_entity_src_gen.pdbx_gene_src_organelle            ? 
_entity_src_gen.pdbx_gene_src_cell                 ? 
_entity_src_gen.pdbx_gene_src_cellular_location    ? 
_entity_src_gen.host_org_common_name               ? 
_entity_src_gen.pdbx_host_org_scientific_name      'Escherichia coli' 
_entity_src_gen.pdbx_host_org_ncbi_taxonomy_id     562 
_entity_src_gen.host_org_genus                     Escherichia 
_entity_src_gen.pdbx_host_org_gene                 ? 
_entity_src_gen.pdbx_host_org_organ                ? 
_entity_src_gen.host_org_species                   ? 
_entity_src_gen.pdbx_host_org_tissue               ? 
_entity_src_gen.pdbx_host_org_tissue_fraction      ? 
_entity_src_gen.pdbx_host_org_strain               'BL21(DE3) RIPL' 
_entity_src_gen.pdbx_host_org_variant              ? 
_entity_src_gen.pdbx_host_org_cell_line            ? 
_entity_src_gen.pdbx_host_org_atcc                 ? 
_entity_src_gen.pdbx_host_org_culture_collection   ? 
_entity_src_gen.pdbx_host_org_cell                 ? 
_entity_src_gen.pdbx_host_org_organelle            ? 
_entity_src_gen.pdbx_host_org_cellular_location    ? 
_entity_src_gen.pdbx_host_org_vector_type          pET24 
_entity_src_gen.pdbx_host_org_vector               ? 
_entity_src_gen.host_org_details                   ? 
_entity_src_gen.expression_system_id               ? 
_entity_src_gen.plasmid_name                       ? 
_entity_src_gen.plasmid_details                    ? 
_entity_src_gen.pdbx_description                   ? 
# 
loop_
_chem_comp.id 
_chem_comp.type 
_chem_comp.mon_nstd_flag 
_chem_comp.name 
_chem_comp.pdbx_synonyms 
_chem_comp.formula 
_chem_comp.formula_weight 
ALA 'L-peptide linking' y ALANINE         ?                               'C3 H7 N O2'     89.093  
ARG 'L-peptide linking' y ARGININE        ?                               'C6 H15 N4 O2 1' 175.209 
ASN 'L-peptide linking' y ASPARAGINE      ?                               'C4 H8 N2 O3'    132.118 
ASP 'L-peptide linking' y 'ASPARTIC ACID' ?                               'C4 H7 N O4'     133.103 
CYS 'L-peptide linking' y CYSTEINE        ?                               'C3 H7 N O2 S'   121.158 
EOH non-polymer         . ETHANOL         ?                               'C2 H6 O'        46.068  
GLN 'L-peptide linking' y GLUTAMINE       ?                               'C5 H10 N2 O3'   146.144 
GLU 'L-peptide linking' y 'GLUTAMIC ACID' ?                               'C5 H9 N O4'     147.129 
GLY 'peptide linking'   y GLYCINE         ?                               'C2 H5 N O2'     75.067  
GOL non-polymer         . GLYCEROL        'GLYCERIN; PROPANE-1,2,3-TRIOL' 'C3 H8 O3'       92.094  
HIS 'L-peptide linking' y HISTIDINE       ?                               'C6 H10 N3 O2 1' 156.162 
HOH non-polymer         . WATER           ?                               'H2 O'           18.015  
ILE 'L-peptide linking' y ISOLEUCINE      ?                               'C6 H13 N O2'    131.173 
LEU 'L-peptide linking' y LEUCINE         ?                               'C6 H13 N O2'    131.173 
LYS 'L-peptide linking' y LYSINE          ?                               'C6 H15 N2 O2 1' 147.195 
MET 'L-peptide linking' y METHIONINE      ?                               'C5 H11 N O2 S'  149.211 
PHE 'L-peptide linking' y PHENYLALANINE   ?                               'C9 H11 N O2'    165.189 
PRO 'L-peptide linking' y PROLINE         ?                               'C5 H9 N O2'     115.130 
SER 'L-peptide linking' y SERINE          ?                               'C3 H7 N O3'     105.093 
THR 'L-peptide linking' y THREONINE       ?                               'C4 H9 N O3'     119.119 
TRP 'L-peptide linking' y TRYPTOPHAN      ?                               'C11 H12 N2 O2'  204.225 
TYR 'L-peptide linking' y TYROSINE        ?                               'C9 H11 N O3'    181.189 
VAL 'L-peptide linking' y VALINE          ?                               'C5 H11 N O2'    117.146 
ZN  non-polymer         . 'ZINC ION'      ?                               'Zn 2'           65.409  
# 
loop_
_pdbx_poly_seq_scheme.asym_id 
_pdbx_poly_seq_scheme.entity_id 
_pdbx_poly_seq_scheme.seq_id 
_pdbx_poly_seq_scheme.mon_id 
_pdbx_poly_seq_scheme.ndb_seq_num 
_pdbx_poly_seq_scheme.pdb_seq_num 
_pdbx_poly_seq_scheme.auth_seq_num 
_pdbx_poly_seq_scheme.pdb_mon_id 
_pdbx_poly_seq_scheme.auth_mon_id 
_pdbx_poly_seq_scheme.pdb_strand_id 
_pdbx_poly_seq_scheme.pdb_ins_code 
_pdbx_poly_seq_scheme.hetero 
A 1 1   MET 1   215 ?   ?   ?   A . n 
A 1 2   VAL 2   216 ?   ?   ?   A . n 
A 1 3   ASP 3   217 ?   ?   ?   A . n 
A 1 4   GLU 4   218 ?   ?   ?   A . n 
A 1 5   VAL 5   219 ?   ?   ?   A . n 
A 1 6   ALA 6   220 ?   ?   ?   A . n 
A 1 7   LYS 7   221 ?   ?   ?   A . n 
A 1 8   LYS 8   222 ?   ?   ?   A . n 
A 1 9   LYS 9   223 ?   ?   ?   A . n 
A 1 10  SER 10  224 ?   ?   ?   A . n 
A 1 11  LYS 11  225 225 LYS LYS A . n 
A 1 12  LYS 12  226 226 LYS LYS A . n 
A 1 13  GLU 13  227 227 GLU GLU A . n 
A 1 14  LYS 14  228 228 LYS LYS A . n 
A 1 15  ASP 15  229 229 ASP ASP A . n 
A 1 16  LYS 16  230 230 LYS LYS A . n 
A 1 17  ASP 17  231 231 ASP ASP A . n 
A 1 18  SER 18  232 232 SER SER A . n 
A 1 19  LYS 19  233 233 LYS LYS A . n 
A 1 20  LEU 20  234 234 LEU LEU A . n 
A 1 21  GLU 21  235 235 GLU GLU A . n 
A 1 22  LYS 22  236 236 LYS LYS A . n 
A 1 23  ALA 23  237 237 ALA ALA A . n 
A 1 24  LEU 24  238 238 LEU LEU A . n 
A 1 25  LYS 25  239 239 LYS LYS A . n 
A 1 26  ALA 26  240 240 ALA ALA A . n 
A 1 27  GLN 27  241 241 GLN GLN A . n 
A 1 28  ASN 28  242 242 ASN ASN A . n 
A 1 29  ASP 29  243 243 ASP ASP A . n 
A 1 30  LEU 30  244 244 LEU LEU A . n 
A 1 31  ILE 31  245 245 ILE ILE A . n 
A 1 32  TRP 32  246 246 TRP TRP A . n 
A 1 33  ASN 33  247 247 ASN ASN A . n 
A 1 34  ILE 34  248 248 ILE ILE A . n 
A 1 35  LYS 35  249 249 LYS LYS A . n 
A 1 36  ASP 36  250 250 ASP ASP A . n 
A 1 37  GLU 37  251 251 GLU GLU A . n 
A 1 38  LEU 38  252 252 LEU LEU A . n 
A 1 39  LYS 39  253 253 LYS LYS A . n 
A 1 40  LYS 40  254 254 LYS LYS A . n 
A 1 41  VAL 41  255 255 VAL VAL A . n 
A 1 42  CYS 42  256 256 CYS CYS A . n 
A 1 43  SER 43  257 257 SER SER A . n 
A 1 44  THR 44  258 258 THR THR A . n 
A 1 45  ASN 45  259 259 ASN ASN A . n 
A 1 46  ASP 46  260 260 ASP ASP A . n 
A 1 47  LEU 47  261 261 LEU LEU A . n 
A 1 48  LYS 48  262 262 LYS LYS A . n 
A 1 49  GLU 49  263 263 GLU GLU A . n 
A 1 50  LEU 50  264 264 LEU LEU A . n 
A 1 51  LEU 51  265 265 LEU LEU A . n 
A 1 52  ILE 52  266 266 ILE ILE A . n 
A 1 53  PHE 53  267 267 PHE PHE A . n 
A 1 54  ASN 54  268 268 ASN ASN A . n 
A 1 55  LYS 55  269 269 LYS LYS A . n 
A 1 56  GLN 56  270 270 GLN GLN A . n 
A 1 57  GLN 57  271 271 GLN GLN A . n 
A 1 58  VAL 58  272 272 VAL VAL A . n 
A 1 59  PRO 59  273 273 PRO PRO A . n 
A 1 60  SER 60  274 274 SER SER A . n 
A 1 61  GLY 61  275 275 GLY GLY A . n 
A 1 62  GLU 62  276 276 GLU GLU A . n 
A 1 63  SER 63  277 277 SER SER A . n 
A 1 64  ALA 64  278 278 ALA ALA A . n 
A 1 65  ILE 65  279 279 ILE ILE A . n 
A 1 66  LEU 66  280 280 LEU LEU A . n 
A 1 67  ASP 67  281 281 ASP ASP A . n 
A 1 68  ARG 68  282 282 ARG ARG A . n 
A 1 69  VAL 69  283 283 VAL VAL A . n 
A 1 70  ALA 70  284 284 ALA ALA A . n 
A 1 71  ASP 71  285 285 ASP ASP A . n 
A 1 72  GLY 72  286 286 GLY GLY A . n 
A 1 73  MET 73  287 287 MET MET A . n 
A 1 74  VAL 74  288 288 VAL VAL A . n 
A 1 75  PHE 75  289 289 PHE PHE A . n 
A 1 76  GLY 76  290 290 GLY GLY A . n 
A 1 77  ALA 77  291 291 ALA ALA A . n 
A 1 78  LEU 78  292 292 LEU LEU A . n 
A 1 79  LEU 79  293 293 LEU LEU A . n 
A 1 80  PRO 80  294 294 PRO PRO A . n 
A 1 81  CYS 81  295 295 CYS CYS A . n 
A 1 82  GLU 82  296 296 GLU GLU A . n 
A 1 83  GLU 83  297 297 GLU GLU A . n 
A 1 84  CYS 84  298 298 CYS CYS A . n 
A 1 85  SER 85  299 299 SER SER A . n 
A 1 86  GLY 86  300 300 GLY GLY A . n 
A 1 87  GLN 87  301 301 GLN GLN A . n 
A 1 88  LEU 88  302 302 LEU LEU A . n 
A 1 89  VAL 89  303 303 VAL VAL A . n 
A 1 90  PHE 90  304 304 PHE PHE A . n 
A 1 91  LYS 91  305 305 LYS LYS A . n 
A 1 92  SER 92  306 306 SER SER A . n 
A 1 93  ASP 93  307 307 ASP ASP A . n 
A 1 94  ALA 94  308 308 ALA ALA A . n 
A 1 95  TYR 95  309 309 TYR TYR A . n 
A 1 96  TYR 96  310 310 TYR TYR A . n 
A 1 97  CYS 97  311 311 CYS CYS A . n 
A 1 98  THR 98  312 312 THR THR A . n 
A 1 99  GLY 99  313 313 GLY GLY A . n 
A 1 100 ASP 100 314 314 ASP ASP A . n 
A 1 101 VAL 101 315 315 VAL VAL A . n 
A 1 102 THR 102 316 316 THR THR A . n 
A 1 103 ALA 103 317 317 ALA ALA A . n 
A 1 104 TRP 104 318 318 TRP TRP A . n 
A 1 105 THR 105 319 319 THR THR A . n 
A 1 106 LYS 106 320 320 LYS LYS A . n 
A 1 107 CYS 107 321 321 CYS CYS A . n 
A 1 108 MET 108 322 322 MET MET A . n 
A 1 109 VAL 109 323 323 VAL VAL A . n 
A 1 110 LYS 110 324 324 LYS LYS A . n 
A 1 111 THR 111 325 325 THR THR A . n 
A 1 112 GLN 112 326 326 GLN GLN A . n 
A 1 113 THR 113 327 327 THR THR A . n 
A 1 114 PRO 114 328 328 PRO PRO A . n 
A 1 115 ASN 115 329 329 ASN ASN A . n 
A 1 116 ARG 116 330 330 ARG ARG A . n 
A 1 117 LYS 117 331 331 LYS LYS A . n 
A 1 118 GLU 118 332 332 GLU GLU A . n 
A 1 119 TRP 119 333 333 TRP TRP A . n 
A 1 120 VAL 120 334 334 VAL VAL A . n 
A 1 121 THR 121 335 335 THR THR A . n 
A 1 122 PRO 122 336 336 PRO PRO A . n 
A 1 123 LYS 123 337 337 LYS LYS A . n 
A 1 124 GLU 124 338 338 GLU GLU A . n 
A 1 125 PHE 125 339 339 PHE PHE A . n 
A 1 126 ARG 126 340 340 ARG ARG A . n 
A 1 127 GLU 127 341 341 GLU GLU A . n 
A 1 128 ILE 128 342 342 ILE ILE A . n 
A 1 129 SER 129 343 343 SER SER A . n 
A 1 130 TYR 130 344 344 TYR TYR A . n 
A 1 131 LEU 131 345 345 LEU LEU A . n 
A 1 132 LYS 132 346 346 LYS LYS A . n 
A 1 133 LYS 133 347 347 LYS LYS A . n 
A 1 134 LEU 134 348 348 LEU LEU A . n 
A 1 135 LYS 135 349 349 LYS LYS A . n 
A 1 136 VAL 136 350 350 VAL VAL A . n 
A 1 137 LYS 137 351 351 LYS LYS A . n 
A 1 138 LYS 138 352 352 LYS LYS A . n 
A 1 139 GLN 139 353 353 GLN GLN A . n 
A 1 140 ASP 140 354 354 ASP ASP A . n 
A 1 141 ARG 141 355 355 ARG ARG A . n 
A 1 142 ILE 142 356 356 ILE ILE A . n 
A 1 143 PHE 143 357 357 PHE PHE A . n 
A 1 144 PRO 144 358 358 PRO PRO A . n 
A 1 145 PRO 145 359 359 PRO PRO A . n 
A 1 146 GLU 146 360 ?   ?   ?   A . n 
A 1 147 THR 147 361 ?   ?   ?   A . n 
A 1 148 SER 148 362 ?   ?   ?   A . n 
A 1 149 ALA 149 363 ?   ?   ?   A . n 
A 1 150 SER 150 364 ?   ?   ?   A . n 
A 1 151 VAL 151 365 ?   ?   ?   A . n 
A 1 152 ALA 152 366 ?   ?   ?   A . n 
A 1 153 LEU 153 367 ?   ?   ?   A . n 
A 1 154 GLU 154 368 ?   ?   ?   A . n 
A 1 155 HIS 155 369 ?   ?   ?   A . n 
A 1 156 HIS 156 370 ?   ?   ?   A . n 
A 1 157 HIS 157 371 ?   ?   ?   A . n 
A 1 158 HIS 158 372 ?   ?   ?   A . n 
A 1 159 HIS 159 373 ?   ?   ?   A . n 
A 1 160 HIS 160 374 ?   ?   ?   A . n 
# 
loop_
_pdbx_nonpoly_scheme.asym_id 
_pdbx_nonpoly_scheme.entity_id 
_pdbx_nonpoly_scheme.mon_id 
_pdbx_nonpoly_scheme.ndb_seq_num 
_pdbx_nonpoly_scheme.pdb_seq_num 
_pdbx_nonpoly_scheme.auth_seq_num 
_pdbx_nonpoly_scheme.pdb_mon_id 
_pdbx_nonpoly_scheme.auth_mon_id 
_pdbx_nonpoly_scheme.pdb_strand_id 
_pdbx_nonpoly_scheme.pdb_ins_code 
B 2 ZN  1   1   1   ZN  ZN  A . 
C 3 EOH 1   2   2   EOH EOH A . 
D 4 GOL 1   3   3   GOL GOL A . 
E 4 GOL 1   4   4   GOL GOL A . 
F 4 GOL 1   5   5   GOL GOL A . 
G 5 HOH 1   377 377 HOH HOH A . 
G 5 HOH 2   378 378 HOH HOH A . 
G 5 HOH 3   379 379 HOH HOH A . 
G 5 HOH 4   380 380 HOH HOH A . 
G 5 HOH 5   381 381 HOH HOH A . 
G 5 HOH 6   382 382 HOH HOH A . 
G 5 HOH 7   383 383 HOH HOH A . 
G 5 HOH 8   384 384 HOH HOH A . 
G 5 HOH 9   385 385 HOH HOH A . 
G 5 HOH 10  386 386 HOH HOH A . 
G 5 HOH 11  387 387 HOH HOH A . 
G 5 HOH 12  388 388 HOH HOH A . 
G 5 HOH 13  389 389 HOH HOH A . 
G 5 HOH 14  390 390 HOH HOH A . 
G 5 HOH 15  391 391 HOH HOH A . 
G 5 HOH 16  392 392 HOH HOH A . 
G 5 HOH 17  393 393 HOH HOH A . 
G 5 HOH 18  394 394 HOH HOH A . 
G 5 HOH 19  395 395 HOH HOH A . 
G 5 HOH 20  396 396 HOH HOH A . 
G 5 HOH 21  397 397 HOH HOH A . 
G 5 HOH 22  398 398 HOH HOH A . 
G 5 HOH 23  399 399 HOH HOH A . 
G 5 HOH 24  400 400 HOH HOH A . 
G 5 HOH 25  401 401 HOH HOH A . 
G 5 HOH 26  402 402 HOH HOH A . 
G 5 HOH 27  403 403 HOH HOH A . 
G 5 HOH 28  404 404 HOH HOH A . 
G 5 HOH 29  405 405 HOH HOH A . 
G 5 HOH 30  406 406 HOH HOH A . 
G 5 HOH 31  407 407 HOH HOH A . 
G 5 HOH 32  408 408 HOH HOH A . 
G 5 HOH 33  409 409 HOH HOH A . 
G 5 HOH 34  410 410 HOH HOH A . 
G 5 HOH 35  411 411 HOH HOH A . 
G 5 HOH 36  412 412 HOH HOH A . 
G 5 HOH 37  413 413 HOH HOH A . 
G 5 HOH 38  414 414 HOH HOH A . 
G 5 HOH 39  415 415 HOH HOH A . 
G 5 HOH 40  416 416 HOH HOH A . 
G 5 HOH 41  417 417 HOH HOH A . 
G 5 HOH 42  418 418 HOH HOH A . 
G 5 HOH 43  419 419 HOH HOH A . 
G 5 HOH 44  420 420 HOH HOH A . 
G 5 HOH 45  421 421 HOH HOH A . 
G 5 HOH 46  422 422 HOH HOH A . 
G 5 HOH 47  423 423 HOH HOH A . 
G 5 HOH 48  424 424 HOH HOH A . 
G 5 HOH 49  425 425 HOH HOH A . 
G 5 HOH 50  426 426 HOH HOH A . 
G 5 HOH 51  427 427 HOH HOH A . 
G 5 HOH 52  428 428 HOH HOH A . 
G 5 HOH 53  429 429 HOH HOH A . 
G 5 HOH 54  430 430 HOH HOH A . 
G 5 HOH 55  431 431 HOH HOH A . 
G 5 HOH 56  432 432 HOH HOH A . 
G 5 HOH 57  433 433 HOH HOH A . 
G 5 HOH 58  434 434 HOH HOH A . 
G 5 HOH 59  435 435 HOH HOH A . 
G 5 HOH 60  436 436 HOH HOH A . 
G 5 HOH 61  437 437 HOH HOH A . 
G 5 HOH 62  438 438 HOH HOH A . 
G 5 HOH 63  439 439 HOH HOH A . 
G 5 HOH 64  440 440 HOH HOH A . 
G 5 HOH 65  441 441 HOH HOH A . 
G 5 HOH 66  442 442 HOH HOH A . 
G 5 HOH 67  443 443 HOH HOH A . 
G 5 HOH 68  444 444 HOH HOH A . 
G 5 HOH 69  445 445 HOH HOH A . 
G 5 HOH 70  446 446 HOH HOH A . 
G 5 HOH 71  447 447 HOH HOH A . 
G 5 HOH 72  448 448 HOH HOH A . 
G 5 HOH 73  449 449 HOH HOH A . 
G 5 HOH 74  450 450 HOH HOH A . 
G 5 HOH 75  451 451 HOH HOH A . 
G 5 HOH 76  452 452 HOH HOH A . 
G 5 HOH 77  453 453 HOH HOH A . 
G 5 HOH 78  454 454 HOH HOH A . 
G 5 HOH 79  455 455 HOH HOH A . 
G 5 HOH 80  456 456 HOH HOH A . 
G 5 HOH 81  457 457 HOH HOH A . 
G 5 HOH 82  458 458 HOH HOH A . 
G 5 HOH 83  459 459 HOH HOH A . 
G 5 HOH 84  460 460 HOH HOH A . 
G 5 HOH 85  461 461 HOH HOH A . 
G 5 HOH 86  462 462 HOH HOH A . 
G 5 HOH 87  463 463 HOH HOH A . 
G 5 HOH 88  464 464 HOH HOH A . 
G 5 HOH 89  465 465 HOH HOH A . 
G 5 HOH 90  466 466 HOH HOH A . 
G 5 HOH 91  467 467 HOH HOH A . 
G 5 HOH 92  468 468 HOH HOH A . 
G 5 HOH 93  469 469 HOH HOH A . 
G 5 HOH 94  470 470 HOH HOH A . 
G 5 HOH 95  471 471 HOH HOH A . 
G 5 HOH 96  472 472 HOH HOH A . 
G 5 HOH 97  473 473 HOH HOH A . 
G 5 HOH 98  474 474 HOH HOH A . 
G 5 HOH 99  475 475 HOH HOH A . 
G 5 HOH 100 476 476 HOH HOH A . 
G 5 HOH 101 477 477 HOH HOH A . 
G 5 HOH 102 478 478 HOH HOH A . 
G 5 HOH 103 479 479 HOH HOH A . 
G 5 HOH 104 480 480 HOH HOH A . 
G 5 HOH 105 481 481 HOH HOH A . 
G 5 HOH 106 482 482 HOH HOH A . 
G 5 HOH 107 483 483 HOH HOH A . 
G 5 HOH 108 484 484 HOH HOH A . 
G 5 HOH 109 485 485 HOH HOH A . 
G 5 HOH 110 486 486 HOH HOH A . 
G 5 HOH 111 487 487 HOH HOH A . 
G 5 HOH 112 488 488 HOH HOH A . 
G 5 HOH 113 489 489 HOH HOH A . 
G 5 HOH 114 490 490 HOH HOH A . 
G 5 HOH 115 491 491 HOH HOH A . 
G 5 HOH 116 492 492 HOH HOH A . 
G 5 HOH 117 493 493 HOH HOH A . 
G 5 HOH 118 494 494 HOH HOH A . 
G 5 HOH 119 495 495 HOH HOH A . 
G 5 HOH 120 496 496 HOH HOH A . 
G 5 HOH 121 497 497 HOH HOH A . 
G 5 HOH 122 498 498 HOH HOH A . 
G 5 HOH 123 499 499 HOH HOH A . 
G 5 HOH 124 500 500 HOH HOH A . 
G 5 HOH 125 501 501 HOH HOH A . 
G 5 HOH 126 502 502 HOH HOH A . 
G 5 HOH 127 503 503 HOH HOH A . 
G 5 HOH 128 504 504 HOH HOH A . 
G 5 HOH 129 505 505 HOH HOH A . 
G 5 HOH 130 506 506 HOH HOH A . 
G 5 HOH 131 507 507 HOH HOH A . 
G 5 HOH 132 508 508 HOH HOH A . 
G 5 HOH 133 509 509 HOH HOH A . 
G 5 HOH 134 510 510 HOH HOH A . 
G 5 HOH 135 511 511 HOH HOH A . 
G 5 HOH 136 512 512 HOH HOH A . 
G 5 HOH 137 513 513 HOH HOH A . 
G 5 HOH 138 514 514 HOH HOH A . 
G 5 HOH 139 515 515 HOH HOH A . 
G 5 HOH 140 516 516 HOH HOH A . 
G 5 HOH 141 517 517 HOH HOH A . 
G 5 HOH 142 518 518 HOH HOH A . 
G 5 HOH 143 519 519 HOH HOH A . 
G 5 HOH 144 520 520 HOH HOH A . 
G 5 HOH 145 521 521 HOH HOH A . 
G 5 HOH 146 522 522 HOH HOH A . 
G 5 HOH 147 523 523 HOH HOH A . 
G 5 HOH 148 524 524 HOH HOH A . 
G 5 HOH 149 525 525 HOH HOH A . 
G 5 HOH 150 526 526 HOH HOH A . 
G 5 HOH 151 527 527 HOH HOH A . 
G 5 HOH 152 528 528 HOH HOH A . 
G 5 HOH 153 529 529 HOH HOH A . 
G 5 HOH 154 530 530 HOH HOH A . 
G 5 HOH 155 531 531 HOH HOH A . 
G 5 HOH 156 532 532 HOH HOH A . 
G 5 HOH 157 533 533 HOH HOH A . 
G 5 HOH 158 534 534 HOH HOH A . 
G 5 HOH 159 535 535 HOH HOH A . 
G 5 HOH 160 536 536 HOH HOH A . 
G 5 HOH 161 537 537 HOH HOH A . 
G 5 HOH 162 538 538 HOH HOH A . 
G 5 HOH 163 539 539 HOH HOH A . 
G 5 HOH 164 540 540 HOH HOH A . 
G 5 HOH 165 541 541 HOH HOH A . 
G 5 HOH 166 542 542 HOH HOH A . 
G 5 HOH 167 543 543 HOH HOH A . 
G 5 HOH 168 544 544 HOH HOH A . 
G 5 HOH 169 545 545 HOH HOH A . 
G 5 HOH 170 546 546 HOH HOH A . 
G 5 HOH 171 547 547 HOH HOH A . 
# 
loop_
_pdbx_unobs_or_zero_occ_atoms.id 
_pdbx_unobs_or_zero_occ_atoms.PDB_model_num 
_pdbx_unobs_or_zero_occ_atoms.polymer_flag 
_pdbx_unobs_or_zero_occ_atoms.occupancy_flag 
_pdbx_unobs_or_zero_occ_atoms.auth_asym_id 
_pdbx_unobs_or_zero_occ_atoms.auth_comp_id 
_pdbx_unobs_or_zero_occ_atoms.auth_seq_id 
_pdbx_unobs_or_zero_occ_atoms.PDB_ins_code 
_pdbx_unobs_or_zero_occ_atoms.auth_atom_id 
_pdbx_unobs_or_zero_occ_atoms.label_alt_id 
_pdbx_unobs_or_zero_occ_atoms.label_asym_id 
_pdbx_unobs_or_zero_occ_atoms.label_comp_id 
_pdbx_unobs_or_zero_occ_atoms.label_seq_id 
_pdbx_unobs_or_zero_occ_atoms.label_atom_id 
1  1 Y 1 A LYS 225 ? CG  ? A LYS 11  CG  
2  1 Y 1 A LYS 225 ? CD  ? A LYS 11  CD  
3  1 Y 1 A LYS 225 ? CE  ? A LYS 11  CE  
4  1 Y 1 A LYS 225 ? NZ  ? A LYS 11  NZ  
5  1 Y 1 A LYS 226 ? CG  ? A LYS 12  CG  
6  1 Y 1 A LYS 226 ? CD  ? A LYS 12  CD  
7  1 Y 1 A LYS 226 ? CE  ? A LYS 12  CE  
8  1 Y 1 A LYS 226 ? NZ  ? A LYS 12  NZ  
9  1 Y 1 A GLU 227 ? CG  ? A GLU 13  CG  
10 1 Y 1 A GLU 227 ? CD  ? A GLU 13  CD  
11 1 Y 1 A GLU 227 ? OE1 ? A GLU 13  OE1 
12 1 Y 1 A GLU 227 ? OE2 ? A GLU 13  OE2 
13 1 Y 1 A LYS 228 ? CG  ? A LYS 14  CG  
14 1 Y 1 A LYS 228 ? CD  ? A LYS 14  CD  
15 1 Y 1 A LYS 228 ? CE  ? A LYS 14  CE  
16 1 Y 1 A LYS 228 ? NZ  ? A LYS 14  NZ  
17 1 Y 1 A LYS 233 ? CG  ? A LYS 19  CG  
18 1 Y 1 A LYS 233 ? CD  ? A LYS 19  CD  
19 1 Y 1 A LYS 233 ? CE  ? A LYS 19  CE  
20 1 Y 1 A LYS 233 ? NZ  ? A LYS 19  NZ  
21 1 Y 1 A LYS 337 ? CG  ? A LYS 123 CG  
22 1 Y 1 A LYS 337 ? CD  ? A LYS 123 CD  
23 1 Y 1 A LYS 337 ? CE  ? A LYS 123 CE  
24 1 Y 1 A LYS 337 ? NZ  ? A LYS 123 NZ  
# 
loop_
_software.name 
_software.classification 
_software.version 
_software.citation_id 
_software.pdbx_ordinal 
REFMAC   refinement        5.2.0019 ? 1 
CBASS    'data collection' .        ? 2 
HKL-2000 'data reduction'  .        ? 3 
HKL-2000 'data scaling'    .        ? 4 
SOLVE    phasing           .        ? 5 
# 
_cell.entry_id           2RIQ 
_cell.length_a           71.841 
_cell.length_b           85.652 
_cell.length_c           67.758 
_cell.angle_alpha        90.00 
_cell.angle_beta         90.00 
_cell.angle_gamma        90.00 
_cell.Z_PDB              8 
_cell.pdbx_unique_axis   ? 
_cell.length_a_esd       ? 
_cell.length_b_esd       ? 
_cell.length_c_esd       ? 
_cell.angle_alpha_esd    ? 
_cell.angle_beta_esd     ? 
_cell.angle_gamma_esd    ? 
# 
_symmetry.entry_id                         2RIQ 
_symmetry.space_group_name_H-M             'C 2 2 21' 
_symmetry.pdbx_full_space_group_name_H-M   ? 
_symmetry.cell_setting                     ? 
_symmetry.Int_Tables_number                20 
_symmetry.space_group_name_Hall            ? 
# 
_exptl.entry_id          2RIQ 
_exptl.method            'X-RAY DIFFRACTION' 
_exptl.crystals_number   1 
# 
_exptl_crystal.id                    1 
_exptl_crystal.density_meas          ? 
_exptl_crystal.density_Matthews      2.89 
_exptl_crystal.density_percent_sol   57.40 
_exptl_crystal.description           ? 
_exptl_crystal.F_000                 ? 
_exptl_crystal.preparation           ? 
# 
_exptl_crystal_grow.crystal_id      1 
_exptl_crystal_grow.method          'VAPOR DIFFUSION, SITTING DROP' 
_exptl_crystal_grow.temp            277 
_exptl_crystal_grow.temp_details    ? 
_exptl_crystal_grow.pH              8.5 
_exptl_crystal_grow.pdbx_details    
'20% ethanol, 100 mM Tris-HCl pH 8.5, 25 mM NaCl, and 0.5 mM TCEP, VAPOR DIFFUSION, SITTING DROP, temperature 277K' 
_exptl_crystal_grow.pdbx_pH_range   . 
# 
_diffrn.id                     1 
_diffrn.ambient_temp           100 
_diffrn.ambient_temp_details   ? 
_diffrn.crystal_id             1 
# 
_diffrn_detector.diffrn_id              1 
_diffrn_detector.detector               CCD 
_diffrn_detector.type                   'ADSC QUANTUM 210' 
_diffrn_detector.pdbx_collection_date   2007-06-12 
_diffrn_detector.details                ? 
# 
_diffrn_radiation.diffrn_id                        1 
_diffrn_radiation.wavelength_id                    1 
_diffrn_radiation.pdbx_monochromatic_or_laue_m_l   M 
_diffrn_radiation.monochromator                    'Si 111 CHANNEL' 
_diffrn_radiation.pdbx_diffrn_protocol             MAD 
_diffrn_radiation.pdbx_scattering_type             x-ray 
# 
loop_
_diffrn_radiation_wavelength.id 
_diffrn_radiation_wavelength.wavelength 
_diffrn_radiation_wavelength.wt 
1 1.1  1.0 
2 1.28 1.0 
# 
_diffrn_source.diffrn_id                   1 
_diffrn_source.source                      SYNCHROTRON 
_diffrn_source.type                        'NSLS BEAMLINE X12C' 
_diffrn_source.pdbx_synchrotron_site       NSLS 
_diffrn_source.pdbx_synchrotron_beamline   X12C 
_diffrn_source.pdbx_wavelength             ? 
_diffrn_source.pdbx_wavelength_list        '1.1, 1.28' 
# 
_reflns.entry_id                     2RIQ 
_reflns.observed_criterion_sigma_F   0 
_reflns.observed_criterion_sigma_I   0 
_reflns.d_resolution_high            1.7 
_reflns.d_resolution_low             40 
_reflns.number_all                   ? 
_reflns.number_obs                   22986 
_reflns.percent_possible_obs         98.3 
_reflns.pdbx_Rmerge_I_obs            0.048 
_reflns.pdbx_Rsym_value              ? 
_reflns.pdbx_netI_over_sigmaI        34.8 
_reflns.B_iso_Wilson_estimate        25.3 
_reflns.pdbx_redundancy              8 
_reflns.R_free_details               ? 
_reflns.limit_h_max                  ? 
_reflns.limit_h_min                  ? 
_reflns.limit_k_max                  ? 
_reflns.limit_k_min                  ? 
_reflns.limit_l_max                  ? 
_reflns.limit_l_min                  ? 
_reflns.observed_criterion_F_max     ? 
_reflns.observed_criterion_F_min     ? 
_reflns.pdbx_chi_squared             ? 
_reflns.pdbx_scaling_rejects         ? 
_reflns.pdbx_ordinal                 1 
_reflns.pdbx_diffrn_id               1 
# 
_reflns_shell.d_res_high             1.7 
_reflns_shell.d_res_low              1.76 
_reflns_shell.percent_possible_all   84.6 
_reflns_shell.Rmerge_I_obs           0.38 
_reflns_shell.pdbx_Rsym_value        ? 
_reflns_shell.meanI_over_sigI_obs    3.6 
_reflns_shell.pdbx_redundancy        5.6 
_reflns_shell.percent_possible_obs   ? 
_reflns_shell.number_unique_all      1953 
_reflns_shell.number_measured_all    ? 
_reflns_shell.number_measured_obs    ? 
_reflns_shell.number_unique_obs      ? 
_reflns_shell.pdbx_chi_squared       ? 
_reflns_shell.pdbx_ordinal           1 
_reflns_shell.pdbx_diffrn_id         1 
# 
_refine.entry_id                                 2RIQ 
_refine.ls_number_reflns_obs                     21771 
_refine.ls_number_reflns_all                     ? 
_refine.pdbx_ls_sigma_I                          0.38 
_refine.pdbx_ls_sigma_F                          0 
_refine.pdbx_data_cutoff_high_absF               ? 
_refine.pdbx_data_cutoff_low_absF                ? 
_refine.pdbx_data_cutoff_high_rms_absF           ? 
_refine.ls_d_res_low                             20.00 
_refine.ls_d_res_high                            1.70 
_refine.ls_percent_reflns_obs                    98.18 
_refine.ls_R_factor_obs                          0.18077 
_refine.ls_R_factor_all                          ? 
_refine.ls_R_factor_R_work                       0.17838 
_refine.ls_R_factor_R_free                       0.23 
_refine.ls_R_factor_R_free_error                 ? 
_refine.ls_R_factor_R_free_error_details         ? 
_refine.ls_percent_reflns_R_free                 5.0 
_refine.ls_number_reflns_R_free                  1146 
_refine.ls_number_parameters                     ? 
_refine.ls_number_restraints                     ? 
_refine.occupancy_min                            ? 
_refine.occupancy_max                            ? 
_refine.correlation_coeff_Fo_to_Fc               0.966 
_refine.correlation_coeff_Fo_to_Fc_free          0.948 
_refine.B_iso_mean                               39.182 
_refine.aniso_B[1][1]                            3.12 
_refine.aniso_B[2][2]                            -1.90 
_refine.aniso_B[3][3]                            -1.21 
_refine.aniso_B[1][2]                            0.00 
_refine.aniso_B[1][3]                            0.00 
_refine.aniso_B[2][3]                            0.00 
_refine.solvent_model_details                    'BABINET MODEL WITH MASK' 
_refine.solvent_model_param_ksol                 ? 
_refine.solvent_model_param_bsol                 ? 
_refine.pdbx_solvent_vdw_probe_radii             1.20 
_refine.pdbx_solvent_ion_probe_radii             0.80 
_refine.pdbx_solvent_shrinkage_radii             0.80 
_refine.pdbx_ls_cross_valid_method               THROUGHOUT 
_refine.details                                  'HYDROGENS HAVE BEEN ADDED IN THE RIDING POSITIONS' 
_refine.pdbx_starting_model                      ? 
_refine.pdbx_method_to_determine_struct          SAD 
_refine.pdbx_isotropic_thermal_model             ? 
_refine.pdbx_stereochemistry_target_values       'MAXIMUM LIKELIHOOD' 
_refine.pdbx_stereochem_target_val_spec_case     ? 
_refine.pdbx_R_Free_selection_details            RANDOM 
_refine.pdbx_overall_ESU_R                       0.085 
_refine.pdbx_overall_ESU_R_Free                  0.096 
_refine.overall_SU_ML                            0.061 
_refine.overall_SU_B                             3.519 
_refine.ls_redundancy_reflns_obs                 ? 
_refine.B_iso_min                                ? 
_refine.B_iso_max                                ? 
_refine.overall_SU_R_Cruickshank_DPI             ? 
_refine.overall_SU_R_free                        ? 
_refine.ls_wR_factor_R_free                      ? 
_refine.ls_wR_factor_R_work                      ? 
_refine.overall_FOM_free_R_set                   ? 
_refine.overall_FOM_work_R_set                   ? 
_refine.pdbx_refine_id                           'X-RAY DIFFRACTION' 
_refine.pdbx_TLS_residual_ADP_flag               'LIKELY RESIDUAL' 
_refine.pdbx_diffrn_id                           1 
_refine.pdbx_overall_phase_error                 ? 
_refine.pdbx_overall_SU_R_free_Cruickshank_DPI   ? 
_refine.pdbx_overall_SU_R_Blow_DPI               ? 
_refine.pdbx_overall_SU_R_free_Blow_DPI          ? 
# 
_refine_hist.pdbx_refine_id                   'X-RAY DIFFRACTION' 
_refine_hist.cycle_id                         LAST 
_refine_hist.pdbx_number_atoms_protein        1064 
_refine_hist.pdbx_number_atoms_nucleic_acid   0 
_refine_hist.pdbx_number_atoms_ligand         22 
_refine_hist.number_atoms_solvent             171 
_refine_hist.number_atoms_total               1257 
_refine_hist.d_res_high                       1.70 
_refine_hist.d_res_low                        20.00 
# 
loop_
_refine_ls_restr.type 
_refine_ls_restr.dev_ideal 
_refine_ls_restr.dev_ideal_target 
_refine_ls_restr.weight 
_refine_ls_restr.number 
_refine_ls_restr.pdbx_refine_id 
_refine_ls_restr.pdbx_restraint_function 
r_bond_refined_d         0.015  0.022  ? 1100 'X-RAY DIFFRACTION' ? 
r_angle_refined_deg      1.460  1.990  ? 1477 'X-RAY DIFFRACTION' ? 
r_dihedral_angle_1_deg   5.450  5.000  ? 134  'X-RAY DIFFRACTION' ? 
r_dihedral_angle_2_deg   35.558 25.778 ? 45   'X-RAY DIFFRACTION' ? 
r_dihedral_angle_3_deg   12.856 15.000 ? 208  'X-RAY DIFFRACTION' ? 
r_dihedral_angle_4_deg   8.500  15.000 ? 4    'X-RAY DIFFRACTION' ? 
r_chiral_restr           0.098  0.200  ? 165  'X-RAY DIFFRACTION' ? 
r_gen_planes_refined     0.007  0.020  ? 789  'X-RAY DIFFRACTION' ? 
r_nbd_refined            0.201  0.200  ? 448  'X-RAY DIFFRACTION' ? 
r_nbtor_refined          0.311  0.200  ? 768  'X-RAY DIFFRACTION' ? 
r_xyhbond_nbd_refined    0.141  0.200  ? 131  'X-RAY DIFFRACTION' ? 
r_symmetry_vdw_refined   0.168  0.200  ? 56   'X-RAY DIFFRACTION' ? 
r_symmetry_hbond_refined 0.141  0.200  ? 13   'X-RAY DIFFRACTION' ? 
r_mcbond_it              0.888  1.500  ? 691  'X-RAY DIFFRACTION' ? 
r_mcangle_it             1.456  2.000  ? 1090 'X-RAY DIFFRACTION' ? 
r_scbond_it              2.601  3.000  ? 460  'X-RAY DIFFRACTION' ? 
r_scangle_it             4.068  4.500  ? 387  'X-RAY DIFFRACTION' ? 
# 
_refine_ls_shell.pdbx_total_number_of_bins_used   20 
_refine_ls_shell.d_res_high                       1.700 
_refine_ls_shell.d_res_low                        1.744 
_refine_ls_shell.number_reflns_R_work             1311 
_refine_ls_shell.R_factor_R_work                  0.222 
_refine_ls_shell.percent_reflns_obs               81.44 
_refine_ls_shell.R_factor_R_free                  0.245 
_refine_ls_shell.R_factor_R_free_error            ? 
_refine_ls_shell.percent_reflns_R_free            ? 
_refine_ls_shell.number_reflns_R_free             71 
_refine_ls_shell.number_reflns_all                ? 
_refine_ls_shell.R_factor_all                     ? 
_refine_ls_shell.number_reflns_obs                ? 
_refine_ls_shell.redundancy_reflns_obs            ? 
_refine_ls_shell.pdbx_refine_id                   'X-RAY DIFFRACTION' 
# 
_struct.entry_id                  2RIQ 
_struct.title                     'Crystal Structure of the Third Zinc-binding domain of human PARP-1' 
_struct.pdbx_model_details        ? 
_struct.pdbx_CASP_flag            ? 
_struct.pdbx_model_type_details   ? 
# 
_struct_keywords.entry_id        2RIQ 
_struct_keywords.pdbx_keywords   TRANSFERASE 
_struct_keywords.text            
;Zn-binding domain, Zn ribbon, Zn finger, ADP-ribosylation, DNA damage, DNA repair, DNA-binding, Glycosyltransferase, Metal-binding, NAD, Nucleus, Phosphorylation, Transferase, Zinc-finger
;
# 
loop_
_struct_asym.id 
_struct_asym.pdbx_blank_PDB_chainid_flag 
_struct_asym.pdbx_modified 
_struct_asym.entity_id 
_struct_asym.details 
A N N 1 ? 
B N N 2 ? 
C N N 3 ? 
D N N 4 ? 
E N N 4 ? 
F N N 4 ? 
G N N 5 ? 
# 
_struct_ref.id                         1 
_struct_ref.db_name                    UNP 
_struct_ref.db_code                    PARP1_HUMAN 
_struct_ref.pdbx_db_accession          P09874 
_struct_ref.entity_id                  1 
_struct_ref.pdbx_seq_one_letter_code   
;VADVAKKKSKKEKDKDSKLEKALKAQNDLIWNIKDELKKVCSTNDLKELLIFNKQQVPSGESAILDRVADGMVFGALLPC
EECSGQLVFKSDAYYCTGDVTAWTKCMVKTQTPNRKEWVTPKEFREISYLKKLKVKKQDRIFPPETSASVA
;
_struct_ref.pdbx_align_begin           216 
_struct_ref.pdbx_db_isoform            ? 
# 
_struct_ref_seq.align_id                      1 
_struct_ref_seq.ref_id                        1 
_struct_ref_seq.pdbx_PDB_id_code              2RIQ 
_struct_ref_seq.pdbx_strand_id                A 
_struct_ref_seq.seq_align_beg                 2 
_struct_ref_seq.pdbx_seq_align_beg_ins_code   ? 
_struct_ref_seq.seq_align_end                 152 
_struct_ref_seq.pdbx_seq_align_end_ins_code   ? 
_struct_ref_seq.pdbx_db_accession             P09874 
_struct_ref_seq.db_align_beg                  216 
_struct_ref_seq.pdbx_db_align_beg_ins_code    ? 
_struct_ref_seq.db_align_end                  366 
_struct_ref_seq.pdbx_db_align_end_ins_code    ? 
_struct_ref_seq.pdbx_auth_seq_align_beg       216 
_struct_ref_seq.pdbx_auth_seq_align_end       366 
# 
loop_
_struct_ref_seq_dif.align_id 
_struct_ref_seq_dif.pdbx_pdb_id_code 
_struct_ref_seq_dif.mon_id 
_struct_ref_seq_dif.pdbx_pdb_strand_id 
_struct_ref_seq_dif.seq_num 
_struct_ref_seq_dif.pdbx_pdb_ins_code 
_struct_ref_seq_dif.pdbx_seq_db_name 
_struct_ref_seq_dif.pdbx_seq_db_accession_code 
_struct_ref_seq_dif.db_mon_id 
_struct_ref_seq_dif.pdbx_seq_db_seq_num 
_struct_ref_seq_dif.details 
_struct_ref_seq_dif.pdbx_auth_seq_num 
_struct_ref_seq_dif.pdbx_ordinal 
1 2RIQ MET A 1   ? UNP P09874 ? ? 'initiating methionine' 215 1 
1 2RIQ LEU A 153 ? UNP P09874 ? ? 'expression tag'        367 2 
1 2RIQ GLU A 154 ? UNP P09874 ? ? 'expression tag'        368 3 
1 2RIQ HIS A 155 ? UNP P09874 ? ? 'expression tag'        369 4 
1 2RIQ HIS A 156 ? UNP P09874 ? ? 'expression tag'        370 5 
1 2RIQ HIS A 157 ? UNP P09874 ? ? 'expression tag'        371 6 
1 2RIQ HIS A 158 ? UNP P09874 ? ? 'expression tag'        372 7 
1 2RIQ HIS A 159 ? UNP P09874 ? ? 'expression tag'        373 8 
1 2RIQ HIS A 160 ? UNP P09874 ? ? 'expression tag'        374 9 
# 
_pdbx_struct_assembly.id                   1 
_pdbx_struct_assembly.details              author_and_software_defined_assembly 
_pdbx_struct_assembly.method_details       PISA 
_pdbx_struct_assembly.oligomeric_details   dimeric 
_pdbx_struct_assembly.oligomeric_count     2 
# 
_pdbx_struct_assembly_prop.biol_id   1 
_pdbx_struct_assembly_prop.type      'ABSA (A^2)' 
_pdbx_struct_assembly_prop.value     6260 
_pdbx_struct_assembly_prop.details   ? 
# 
_pdbx_struct_assembly_gen.assembly_id       1 
_pdbx_struct_assembly_gen.oper_expression   1,2 
_pdbx_struct_assembly_gen.asym_id_list      A,B,C,D,E,F,G 
# 
loop_
_pdbx_struct_oper_list.id 
_pdbx_struct_oper_list.type 
_pdbx_struct_oper_list.name 
_pdbx_struct_oper_list.symmetry_operation 
_pdbx_struct_oper_list.matrix[1][1] 
_pdbx_struct_oper_list.matrix[1][2] 
_pdbx_struct_oper_list.matrix[1][3] 
_pdbx_struct_oper_list.vector[1] 
_pdbx_struct_oper_list.matrix[2][1] 
_pdbx_struct_oper_list.matrix[2][2] 
_pdbx_struct_oper_list.matrix[2][3] 
_pdbx_struct_oper_list.vector[2] 
_pdbx_struct_oper_list.matrix[3][1] 
_pdbx_struct_oper_list.matrix[3][2] 
_pdbx_struct_oper_list.matrix[3][3] 
_pdbx_struct_oper_list.vector[3] 
1 'identity operation'         1_555 x,y,z       1.0000000000  0.0000000000 0.0000000000 0.0000000000   0.0000000000 1.0000000000  0.0000000000 0.0000000000  0.0000000000 0.0000000000 1.0000000000 0.0000000000 
2 'crystal symmetry operation' 4_566 x,-y+1,-z+1 -0.6436237682 0.2548992699 0.7216472872 -22.7830374645 0.2548992699 -0.8176824603 0.5161605916 26.4245314560 0.7216472872 0.5161605916 0.4613062286 1.9174731056 
# 
_struct_biol.id        1 
_struct_biol.details   ? 
# 
loop_
_struct_conf.conf_type_id 
_struct_conf.id 
_struct_conf.pdbx_PDB_helix_id 
_struct_conf.beg_label_comp_id 
_struct_conf.beg_label_asym_id 
_struct_conf.beg_label_seq_id 
_struct_conf.pdbx_beg_PDB_ins_code 
_struct_conf.end_label_comp_id 
_struct_conf.end_label_asym_id 
_struct_conf.end_label_seq_id 
_struct_conf.pdbx_end_PDB_ins_code 
_struct_conf.beg_auth_comp_id 
_struct_conf.beg_auth_asym_id 
_struct_conf.beg_auth_seq_id 
_struct_conf.end_auth_comp_id 
_struct_conf.end_auth_asym_id 
_struct_conf.end_auth_seq_id 
_struct_conf.pdbx_PDB_helix_class 
_struct_conf.details 
_struct_conf.pdbx_PDB_helix_length 
HELX_P HELX_P1 1 LYS A 11  ? CYS A 42  ? LYS A 225 CYS A 256 1 ? 32 
HELX_P HELX_P2 2 SER A 43  ? ASN A 54  ? SER A 257 ASN A 268 1 ? 12 
HELX_P HELX_P3 3 GLY A 61  ? GLY A 76  ? GLY A 275 GLY A 290 1 ? 16 
HELX_P HELX_P4 4 PRO A 122 ? GLU A 127 ? PRO A 336 GLU A 341 1 ? 6  
HELX_P HELX_P5 5 GLU A 127 ? LEU A 134 ? GLU A 341 LEU A 348 1 ? 8  
# 
_struct_conf_type.id          HELX_P 
_struct_conf_type.criteria    ? 
_struct_conf_type.reference   ? 
# 
loop_
_struct_conn.id 
_struct_conn.conn_type_id 
_struct_conn.pdbx_leaving_atom_flag 
_struct_conn.pdbx_PDB_id 
_struct_conn.ptnr1_label_asym_id 
_struct_conn.ptnr1_label_comp_id 
_struct_conn.ptnr1_label_seq_id 
_struct_conn.ptnr1_label_atom_id 
_struct_conn.pdbx_ptnr1_label_alt_id 
_struct_conn.pdbx_ptnr1_PDB_ins_code 
_struct_conn.pdbx_ptnr1_standard_comp_id 
_struct_conn.ptnr1_symmetry 
_struct_conn.ptnr2_label_asym_id 
_struct_conn.ptnr2_label_comp_id 
_struct_conn.ptnr2_label_seq_id 
_struct_conn.ptnr2_label_atom_id 
_struct_conn.pdbx_ptnr2_label_alt_id 
_struct_conn.pdbx_ptnr2_PDB_ins_code 
_struct_conn.ptnr1_auth_asym_id 
_struct_conn.ptnr1_auth_comp_id 
_struct_conn.ptnr1_auth_seq_id 
_struct_conn.ptnr2_auth_asym_id 
_struct_conn.ptnr2_auth_comp_id 
_struct_conn.ptnr2_auth_seq_id 
_struct_conn.ptnr2_symmetry 
_struct_conn.pdbx_ptnr3_label_atom_id 
_struct_conn.pdbx_ptnr3_label_seq_id 
_struct_conn.pdbx_ptnr3_label_comp_id 
_struct_conn.pdbx_ptnr3_label_asym_id 
_struct_conn.pdbx_ptnr3_label_alt_id 
_struct_conn.pdbx_ptnr3_PDB_ins_code 
_struct_conn.details 
_struct_conn.pdbx_dist_value 
_struct_conn.pdbx_value_order 
_struct_conn.pdbx_role 
metalc1 metalc ? ? B ZN . ZN ? ? ? 1_555 A CYS 81  SG ? ? A ZN 1 A CYS 295 1_555 ? ? ? ? ? ? ? 2.343 ? ? 
metalc2 metalc ? ? B ZN . ZN ? ? ? 1_555 A CYS 84  SG ? ? A ZN 1 A CYS 298 1_555 ? ? ? ? ? ? ? 2.355 ? ? 
metalc3 metalc ? ? B ZN . ZN ? ? ? 1_555 A CYS 97  SG ? ? A ZN 1 A CYS 311 1_555 ? ? ? ? ? ? ? 2.330 ? ? 
metalc4 metalc ? ? B ZN . ZN ? ? ? 1_555 A CYS 107 SG ? ? A ZN 1 A CYS 321 1_555 ? ? ? ? ? ? ? 2.291 ? ? 
# 
_struct_conn_type.id          metalc 
_struct_conn_type.criteria    ? 
_struct_conn_type.reference   ? 
# 
loop_
_pdbx_struct_conn_angle.id 
_pdbx_struct_conn_angle.ptnr1_label_atom_id 
_pdbx_struct_conn_angle.ptnr1_label_alt_id 
_pdbx_struct_conn_angle.ptnr1_label_asym_id 
_pdbx_struct_conn_angle.ptnr1_label_comp_id 
_pdbx_struct_conn_angle.ptnr1_label_seq_id 
_pdbx_struct_conn_angle.ptnr1_auth_atom_id 
_pdbx_struct_conn_angle.ptnr1_auth_asym_id 
_pdbx_struct_conn_angle.ptnr1_auth_comp_id 
_pdbx_struct_conn_angle.ptnr1_auth_seq_id 
_pdbx_struct_conn_angle.ptnr1_PDB_ins_code 
_pdbx_struct_conn_angle.ptnr1_symmetry 
_pdbx_struct_conn_angle.ptnr2_label_atom_id 
_pdbx_struct_conn_angle.ptnr2_label_alt_id 
_pdbx_struct_conn_angle.ptnr2_label_asym_id 
_pdbx_struct_conn_angle.ptnr2_label_comp_id 
_pdbx_struct_conn_angle.ptnr2_label_seq_id 
_pdbx_struct_conn_angle.ptnr2_auth_atom_id 
_pdbx_struct_conn_angle.ptnr2_auth_asym_id 
_pdbx_struct_conn_angle.ptnr2_auth_comp_id 
_pdbx_struct_conn_angle.ptnr2_auth_seq_id 
_pdbx_struct_conn_angle.ptnr2_PDB_ins_code 
_pdbx_struct_conn_angle.ptnr2_symmetry 
_pdbx_struct_conn_angle.ptnr3_label_atom_id 
_pdbx_struct_conn_angle.ptnr3_label_alt_id 
_pdbx_struct_conn_angle.ptnr3_label_asym_id 
_pdbx_struct_conn_angle.ptnr3_label_comp_id 
_pdbx_struct_conn_angle.ptnr3_label_seq_id 
_pdbx_struct_conn_angle.ptnr3_auth_atom_id 
_pdbx_struct_conn_angle.ptnr3_auth_asym_id 
_pdbx_struct_conn_angle.ptnr3_auth_comp_id 
_pdbx_struct_conn_angle.ptnr3_auth_seq_id 
_pdbx_struct_conn_angle.ptnr3_PDB_ins_code 
_pdbx_struct_conn_angle.ptnr3_symmetry 
_pdbx_struct_conn_angle.value 
_pdbx_struct_conn_angle.value_esd 
1 SG ? A CYS 81 ? A CYS 295 ? 1_555 ZN ? B ZN . ? A ZN 1 ? 1_555 SG ? A CYS 84  ? A CYS 298 ? 1_555 116.5 ? 
2 SG ? A CYS 81 ? A CYS 295 ? 1_555 ZN ? B ZN . ? A ZN 1 ? 1_555 SG ? A CYS 97  ? A CYS 311 ? 1_555 108.3 ? 
3 SG ? A CYS 84 ? A CYS 298 ? 1_555 ZN ? B ZN . ? A ZN 1 ? 1_555 SG ? A CYS 97  ? A CYS 311 ? 1_555 94.3  ? 
4 SG ? A CYS 81 ? A CYS 295 ? 1_555 ZN ? B ZN . ? A ZN 1 ? 1_555 SG ? A CYS 107 ? A CYS 321 ? 1_555 112.0 ? 
5 SG ? A CYS 84 ? A CYS 298 ? 1_555 ZN ? B ZN . ? A ZN 1 ? 1_555 SG ? A CYS 107 ? A CYS 321 ? 1_555 112.2 ? 
6 SG ? A CYS 97 ? A CYS 311 ? 1_555 ZN ? B ZN . ? A ZN 1 ? 1_555 SG ? A CYS 107 ? A CYS 321 ? 1_555 112.3 ? 
# 
loop_
_struct_sheet.id 
_struct_sheet.type 
_struct_sheet.number_strands 
_struct_sheet.details 
A ? 2 ? 
B ? 3 ? 
C ? 2 ? 
# 
loop_
_struct_sheet_order.sheet_id 
_struct_sheet_order.range_id_1 
_struct_sheet_order.range_id_2 
_struct_sheet_order.offset 
_struct_sheet_order.sense 
A 1 2 ? anti-parallel 
B 1 2 ? anti-parallel 
B 2 3 ? anti-parallel 
C 1 2 ? anti-parallel 
# 
loop_
_struct_sheet_range.sheet_id 
_struct_sheet_range.id 
_struct_sheet_range.beg_label_comp_id 
_struct_sheet_range.beg_label_asym_id 
_struct_sheet_range.beg_label_seq_id 
_struct_sheet_range.pdbx_beg_PDB_ins_code 
_struct_sheet_range.end_label_comp_id 
_struct_sheet_range.end_label_asym_id 
_struct_sheet_range.end_label_seq_id 
_struct_sheet_range.pdbx_end_PDB_ins_code 
_struct_sheet_range.beg_auth_comp_id 
_struct_sheet_range.beg_auth_asym_id 
_struct_sheet_range.beg_auth_seq_id 
_struct_sheet_range.end_auth_comp_id 
_struct_sheet_range.end_auth_asym_id 
_struct_sheet_range.end_auth_seq_id 
A 1 ALA A 77  ? LEU A 78  ? ALA A 291 LEU A 292 
A 2 ARG A 116 ? LYS A 117 ? ARG A 330 LYS A 331 
B 1 LEU A 88  ? LYS A 91  ? LEU A 302 LYS A 305 
B 2 ALA A 94  ? CYS A 97  ? ALA A 308 CYS A 311 
B 3 LYS A 110 ? THR A 111 ? LYS A 324 THR A 325 
C 1 ASP A 100 ? THR A 102 ? ASP A 314 THR A 316 
C 2 THR A 105 ? LYS A 106 ? THR A 319 LYS A 320 
# 
loop_
_pdbx_struct_sheet_hbond.sheet_id 
_pdbx_struct_sheet_hbond.range_id_1 
_pdbx_struct_sheet_hbond.range_id_2 
_pdbx_struct_sheet_hbond.range_1_label_atom_id 
_pdbx_struct_sheet_hbond.range_1_label_comp_id 
_pdbx_struct_sheet_hbond.range_1_label_asym_id 
_pdbx_struct_sheet_hbond.range_1_label_seq_id 
_pdbx_struct_sheet_hbond.range_1_PDB_ins_code 
_pdbx_struct_sheet_hbond.range_1_auth_atom_id 
_pdbx_struct_sheet_hbond.range_1_auth_comp_id 
_pdbx_struct_sheet_hbond.range_1_auth_asym_id 
_pdbx_struct_sheet_hbond.range_1_auth_seq_id 
_pdbx_struct_sheet_hbond.range_2_label_atom_id 
_pdbx_struct_sheet_hbond.range_2_label_comp_id 
_pdbx_struct_sheet_hbond.range_2_label_asym_id 
_pdbx_struct_sheet_hbond.range_2_label_seq_id 
_pdbx_struct_sheet_hbond.range_2_PDB_ins_code 
_pdbx_struct_sheet_hbond.range_2_auth_atom_id 
_pdbx_struct_sheet_hbond.range_2_auth_comp_id 
_pdbx_struct_sheet_hbond.range_2_auth_asym_id 
_pdbx_struct_sheet_hbond.range_2_auth_seq_id 
A 1 2 N ALA A 77  ? N ALA A 291 O LYS A 117 ? O LYS A 331 
B 1 2 N VAL A 89  ? N VAL A 303 O TYR A 96  ? O TYR A 310 
B 2 3 N TYR A 95  ? N TYR A 309 O THR A 111 ? O THR A 325 
C 1 2 N VAL A 101 ? N VAL A 315 O THR A 105 ? O THR A 319 
# 
loop_
_struct_site.id 
_struct_site.pdbx_evidence_code 
_struct_site.pdbx_auth_asym_id 
_struct_site.pdbx_auth_comp_id 
_struct_site.pdbx_auth_seq_id 
_struct_site.pdbx_auth_ins_code 
_struct_site.pdbx_num_residues 
_struct_site.details 
AC1 Software A ZN  1 ? 4 'BINDING SITE FOR RESIDUE ZN A 1'  
AC2 Software A EOH 2 ? 4 'BINDING SITE FOR RESIDUE EOH A 2' 
AC3 Software A GOL 3 ? 9 'BINDING SITE FOR RESIDUE GOL A 3' 
AC4 Software A GOL 4 ? 7 'BINDING SITE FOR RESIDUE GOL A 4' 
AC5 Software A GOL 5 ? 5 'BINDING SITE FOR RESIDUE GOL A 5' 
# 
loop_
_struct_site_gen.id 
_struct_site_gen.site_id 
_struct_site_gen.pdbx_num_res 
_struct_site_gen.label_comp_id 
_struct_site_gen.label_asym_id 
_struct_site_gen.label_seq_id 
_struct_site_gen.pdbx_auth_ins_code 
_struct_site_gen.auth_comp_id 
_struct_site_gen.auth_asym_id 
_struct_site_gen.auth_seq_id 
_struct_site_gen.label_atom_id 
_struct_site_gen.label_alt_id 
_struct_site_gen.symmetry 
_struct_site_gen.details 
1  AC1 4 CYS A 81  ? CYS A 295 . ? 1_555 ? 
2  AC1 4 CYS A 84  ? CYS A 298 . ? 1_555 ? 
3  AC1 4 CYS A 97  ? CYS A 311 . ? 1_555 ? 
4  AC1 4 CYS A 107 ? CYS A 321 . ? 1_555 ? 
5  AC2 4 PHE A 125 ? PHE A 339 . ? 1_555 ? 
6  AC2 4 ILE A 128 ? ILE A 342 . ? 1_555 ? 
7  AC2 4 LEU A 134 ? LEU A 348 . ? 4_566 ? 
8  AC2 4 HOH G .   ? HOH A 379 . ? 1_555 ? 
9  AC3 9 LEU A 30  ? LEU A 244 . ? 4_566 ? 
10 AC3 9 ASN A 33  ? ASN A 247 . ? 4_566 ? 
11 AC3 9 ILE A 34  ? ILE A 248 . ? 4_566 ? 
12 AC3 9 LYS A 132 ? LYS A 346 . ? 1_555 ? 
13 AC3 9 LYS A 133 ? LYS A 347 . ? 1_555 ? 
14 AC3 9 VAL A 136 ? VAL A 350 . ? 1_555 ? 
15 AC3 9 HOH G .   ? HOH A 466 . ? 1_555 ? 
16 AC3 9 HOH G .   ? HOH A 514 . ? 1_555 ? 
17 AC3 9 HOH G .   ? HOH A 517 . ? 1_555 ? 
18 AC4 7 ASN A 45  ? ASN A 259 . ? 6_554 ? 
19 AC4 7 GLU A 82  ? GLU A 296 . ? 1_555 ? 
20 AC4 7 VAL A 109 ? VAL A 323 . ? 1_555 ? 
21 AC4 7 PRO A 114 ? PRO A 328 . ? 1_555 ? 
22 AC4 7 ASN A 115 ? ASN A 329 . ? 1_555 ? 
23 AC4 7 HOH G .   ? HOH A 393 . ? 1_555 ? 
24 AC4 7 HOH G .   ? HOH A 444 . ? 1_555 ? 
25 AC5 5 TRP A 32  ? TRP A 246 . ? 1_555 ? 
26 AC5 5 LYS A 35  ? LYS A 249 . ? 1_555 ? 
27 AC5 5 ASP A 36  ? ASP A 250 . ? 1_555 ? 
28 AC5 5 LYS A 39  ? LYS A 253 . ? 1_555 ? 
29 AC5 5 HOH G .   ? HOH A 537 . ? 1_555 ? 
# 
_pdbx_refine_tls.id               1 
_pdbx_refine_tls.details          ? 
_pdbx_refine_tls.method           refined 
_pdbx_refine_tls.origin_x         -0.2237 
_pdbx_refine_tls.origin_y         0.7737 
_pdbx_refine_tls.origin_z         -0.0806 
_pdbx_refine_tls.T[1][1]          -0.1988 
_pdbx_refine_tls.T[2][2]          -0.1778 
_pdbx_refine_tls.T[3][3]          -0.1905 
_pdbx_refine_tls.T[1][2]          -0.0067 
_pdbx_refine_tls.T[1][3]          -0.0302 
_pdbx_refine_tls.T[2][3]          -0.0102 
_pdbx_refine_tls.L[1][1]          1.8002 
_pdbx_refine_tls.L[2][2]          3.2575 
_pdbx_refine_tls.L[3][3]          0.8482 
_pdbx_refine_tls.L[1][2]          -1.7053 
_pdbx_refine_tls.L[1][3]          0.1807 
_pdbx_refine_tls.L[2][3]          -0.3982 
_pdbx_refine_tls.S[1][1]          0.0159 
_pdbx_refine_tls.S[1][2]          -0.0149 
_pdbx_refine_tls.S[1][3]          0.0275 
_pdbx_refine_tls.S[2][1]          0.0093 
_pdbx_refine_tls.S[2][2]          -0.0393 
_pdbx_refine_tls.S[2][3]          -0.3832 
_pdbx_refine_tls.S[3][1]          0.1045 
_pdbx_refine_tls.S[3][2]          0.0783 
_pdbx_refine_tls.S[3][3]          0.0234 
_pdbx_refine_tls.pdbx_refine_id   'X-RAY DIFFRACTION' 
# 
loop_
_pdbx_refine_tls_group.id 
_pdbx_refine_tls_group.refine_tls_id 
_pdbx_refine_tls_group.beg_auth_asym_id 
_pdbx_refine_tls_group.beg_auth_seq_id 
_pdbx_refine_tls_group.beg_label_asym_id 
_pdbx_refine_tls_group.beg_label_seq_id 
_pdbx_refine_tls_group.end_auth_asym_id 
_pdbx_refine_tls_group.end_auth_seq_id 
_pdbx_refine_tls_group.end_label_asym_id 
_pdbx_refine_tls_group.end_label_seq_id 
_pdbx_refine_tls_group.selection 
_pdbx_refine_tls_group.pdbx_refine_id 
_pdbx_refine_tls_group.selection_details 
1 1 A 225 A 11 A 359 A 145 ? 'X-RAY DIFFRACTION' ? 
2 1 A 1   B 1  A 1   B 1   ? 'X-RAY DIFFRACTION' ? 
# 
loop_
_pdbx_unobs_or_zero_occ_residues.id 
_pdbx_unobs_or_zero_occ_residues.PDB_model_num 
_pdbx_unobs_or_zero_occ_residues.polymer_flag 
_pdbx_unobs_or_zero_occ_residues.occupancy_flag 
_pdbx_unobs_or_zero_occ_residues.auth_asym_id 
_pdbx_unobs_or_zero_occ_residues.auth_comp_id 
_pdbx_unobs_or_zero_occ_residues.auth_seq_id 
_pdbx_unobs_or_zero_occ_residues.PDB_ins_code 
_pdbx_unobs_or_zero_occ_residues.label_asym_id 
_pdbx_unobs_or_zero_occ_residues.label_comp_id 
_pdbx_unobs_or_zero_occ_residues.label_seq_id 
1  1 Y 1 A MET 215 ? A MET 1   
2  1 Y 1 A VAL 216 ? A VAL 2   
3  1 Y 1 A ASP 217 ? A ASP 3   
4  1 Y 1 A GLU 218 ? A GLU 4   
5  1 Y 1 A VAL 219 ? A VAL 5   
6  1 Y 1 A ALA 220 ? A ALA 6   
7  1 Y 1 A LYS 221 ? A LYS 7   
8  1 Y 1 A LYS 222 ? A LYS 8   
9  1 Y 1 A LYS 223 ? A LYS 9   
10 1 Y 1 A SER 224 ? A SER 10  
11 1 Y 1 A GLU 360 ? A GLU 146 
12 1 Y 1 A THR 361 ? A THR 147 
13 1 Y 1 A SER 362 ? A SER 148 
14 1 Y 1 A ALA 363 ? A ALA 149 
15 1 Y 1 A SER 364 ? A SER 150 
16 1 Y 1 A VAL 365 ? A VAL 151 
17 1 Y 1 A ALA 366 ? A ALA 152 
18 1 Y 1 A LEU 367 ? A LEU 153 
19 1 Y 1 A GLU 368 ? A GLU 154 
20 1 Y 1 A HIS 369 ? A HIS 155 
21 1 Y 1 A HIS 370 ? A HIS 156 
22 1 Y 1 A HIS 371 ? A HIS 157 
23 1 Y 1 A HIS 372 ? A HIS 158 
24 1 Y 1 A HIS 373 ? A HIS 159 
25 1 Y 1 A HIS 374 ? A HIS 160 
# 
loop_
_chem_comp_atom.comp_id 
_chem_comp_atom.atom_id 
_chem_comp_atom.type_symbol 
_chem_comp_atom.pdbx_aromatic_flag 
_chem_comp_atom.pdbx_stereo_config 
_chem_comp_atom.pdbx_ordinal 
ALA N    N  N N 1   
ALA CA   C  N S 2   
ALA C    C  N N 3   
ALA O    O  N N 4   
ALA CB   C  N N 5   
ALA OXT  O  N N 6   
ALA H    H  N N 7   
ALA H2   H  N N 8   
ALA HA   H  N N 9   
ALA HB1  H  N N 10  
ALA HB2  H  N N 11  
ALA HB3  H  N N 12  
ALA HXT  H  N N 13  
ARG N    N  N N 14  
ARG CA   C  N S 15  
ARG C    C  N N 16  
ARG O    O  N N 17  
ARG CB   C  N N 18  
ARG CG   C  N N 19  
ARG CD   C  N N 20  
ARG NE   N  N N 21  
ARG CZ   C  N N 22  
ARG NH1  N  N N 23  
ARG NH2  N  N N 24  
ARG OXT  O  N N 25  
ARG H    H  N N 26  
ARG H2   H  N N 27  
ARG HA   H  N N 28  
ARG HB2  H  N N 29  
ARG HB3  H  N N 30  
ARG HG2  H  N N 31  
ARG HG3  H  N N 32  
ARG HD2  H  N N 33  
ARG HD3  H  N N 34  
ARG HE   H  N N 35  
ARG HH11 H  N N 36  
ARG HH12 H  N N 37  
ARG HH21 H  N N 38  
ARG HH22 H  N N 39  
ARG HXT  H  N N 40  
ASN N    N  N N 41  
ASN CA   C  N S 42  
ASN C    C  N N 43  
ASN O    O  N N 44  
ASN CB   C  N N 45  
ASN CG   C  N N 46  
ASN OD1  O  N N 47  
ASN ND2  N  N N 48  
ASN OXT  O  N N 49  
ASN H    H  N N 50  
ASN H2   H  N N 51  
ASN HA   H  N N 52  
ASN HB2  H  N N 53  
ASN HB3  H  N N 54  
ASN HD21 H  N N 55  
ASN HD22 H  N N 56  
ASN HXT  H  N N 57  
ASP N    N  N N 58  
ASP CA   C  N S 59  
ASP C    C  N N 60  
ASP O    O  N N 61  
ASP CB   C  N N 62  
ASP CG   C  N N 63  
ASP OD1  O  N N 64  
ASP OD2  O  N N 65  
ASP OXT  O  N N 66  
ASP H    H  N N 67  
ASP H2   H  N N 68  
ASP HA   H  N N 69  
ASP HB2  H  N N 70  
ASP HB3  H  N N 71  
ASP HD2  H  N N 72  
ASP HXT  H  N N 73  
CYS N    N  N N 74  
CYS CA   C  N R 75  
CYS C    C  N N 76  
CYS O    O  N N 77  
CYS CB   C  N N 78  
CYS SG   S  N N 79  
CYS OXT  O  N N 80  
CYS H    H  N N 81  
CYS H2   H  N N 82  
CYS HA   H  N N 83  
CYS HB2  H  N N 84  
CYS HB3  H  N N 85  
CYS HG   H  N N 86  
CYS HXT  H  N N 87  
EOH C1   C  N N 88  
EOH C2   C  N N 89  
EOH O    O  N N 90  
EOH H11  H  N N 91  
EOH H12  H  N N 92  
EOH H21  H  N N 93  
EOH H22  H  N N 94  
EOH H23  H  N N 95  
EOH HO   H  N N 96  
GLN N    N  N N 97  
GLN CA   C  N S 98  
GLN C    C  N N 99  
GLN O    O  N N 100 
GLN CB   C  N N 101 
GLN CG   C  N N 102 
GLN CD   C  N N 103 
GLN OE1  O  N N 104 
GLN NE2  N  N N 105 
GLN OXT  O  N N 106 
GLN H    H  N N 107 
GLN H2   H  N N 108 
GLN HA   H  N N 109 
GLN HB2  H  N N 110 
GLN HB3  H  N N 111 
GLN HG2  H  N N 112 
GLN HG3  H  N N 113 
GLN HE21 H  N N 114 
GLN HE22 H  N N 115 
GLN HXT  H  N N 116 
GLU N    N  N N 117 
GLU CA   C  N S 118 
GLU C    C  N N 119 
GLU O    O  N N 120 
GLU CB   C  N N 121 
GLU CG   C  N N 122 
GLU CD   C  N N 123 
GLU OE1  O  N N 124 
GLU OE2  O  N N 125 
GLU OXT  O  N N 126 
GLU H    H  N N 127 
GLU H2   H  N N 128 
GLU HA   H  N N 129 
GLU HB2  H  N N 130 
GLU HB3  H  N N 131 
GLU HG2  H  N N 132 
GLU HG3  H  N N 133 
GLU HE2  H  N N 134 
GLU HXT  H  N N 135 
GLY N    N  N N 136 
GLY CA   C  N N 137 
GLY C    C  N N 138 
GLY O    O  N N 139 
GLY OXT  O  N N 140 
GLY H    H  N N 141 
GLY H2   H  N N 142 
GLY HA2  H  N N 143 
GLY HA3  H  N N 144 
GLY HXT  H  N N 145 
GOL C1   C  N N 146 
GOL O1   O  N N 147 
GOL C2   C  N N 148 
GOL O2   O  N N 149 
GOL C3   C  N N 150 
GOL O3   O  N N 151 
GOL H11  H  N N 152 
GOL H12  H  N N 153 
GOL HO1  H  N N 154 
GOL H2   H  N N 155 
GOL HO2  H  N N 156 
GOL H31  H  N N 157 
GOL H32  H  N N 158 
GOL HO3  H  N N 159 
HIS N    N  N N 160 
HIS CA   C  N S 161 
HIS C    C  N N 162 
HIS O    O  N N 163 
HIS CB   C  N N 164 
HIS CG   C  Y N 165 
HIS ND1  N  Y N 166 
HIS CD2  C  Y N 167 
HIS CE1  C  Y N 168 
HIS NE2  N  Y N 169 
HIS OXT  O  N N 170 
HIS H    H  N N 171 
HIS H2   H  N N 172 
HIS HA   H  N N 173 
HIS HB2  H  N N 174 
HIS HB3  H  N N 175 
HIS HD1  H  N N 176 
HIS HD2  H  N N 177 
HIS HE1  H  N N 178 
HIS HE2  H  N N 179 
HIS HXT  H  N N 180 
HOH O    O  N N 181 
HOH H1   H  N N 182 
HOH H2   H  N N 183 
ILE N    N  N N 184 
ILE CA   C  N S 185 
ILE C    C  N N 186 
ILE O    O  N N 187 
ILE CB   C  N S 188 
ILE CG1  C  N N 189 
ILE CG2  C  N N 190 
ILE CD1  C  N N 191 
ILE OXT  O  N N 192 
ILE H    H  N N 193 
ILE H2   H  N N 194 
ILE HA   H  N N 195 
ILE HB   H  N N 196 
ILE HG12 H  N N 197 
ILE HG13 H  N N 198 
ILE HG21 H  N N 199 
ILE HG22 H  N N 200 
ILE HG23 H  N N 201 
ILE HD11 H  N N 202 
ILE HD12 H  N N 203 
ILE HD13 H  N N 204 
ILE HXT  H  N N 205 
LEU N    N  N N 206 
LEU CA   C  N S 207 
LEU C    C  N N 208 
LEU O    O  N N 209 
LEU CB   C  N N 210 
LEU CG   C  N N 211 
LEU CD1  C  N N 212 
LEU CD2  C  N N 213 
LEU OXT  O  N N 214 
LEU H    H  N N 215 
LEU H2   H  N N 216 
LEU HA   H  N N 217 
LEU HB2  H  N N 218 
LEU HB3  H  N N 219 
LEU HG   H  N N 220 
LEU HD11 H  N N 221 
LEU HD12 H  N N 222 
LEU HD13 H  N N 223 
LEU HD21 H  N N 224 
LEU HD22 H  N N 225 
LEU HD23 H  N N 226 
LEU HXT  H  N N 227 
LYS N    N  N N 228 
LYS CA   C  N S 229 
LYS C    C  N N 230 
LYS O    O  N N 231 
LYS CB   C  N N 232 
LYS CG   C  N N 233 
LYS CD   C  N N 234 
LYS CE   C  N N 235 
LYS NZ   N  N N 236 
LYS OXT  O  N N 237 
LYS H    H  N N 238 
LYS H2   H  N N 239 
LYS HA   H  N N 240 
LYS HB2  H  N N 241 
LYS HB3  H  N N 242 
LYS HG2  H  N N 243 
LYS HG3  H  N N 244 
LYS HD2  H  N N 245 
LYS HD3  H  N N 246 
LYS HE2  H  N N 247 
LYS HE3  H  N N 248 
LYS HZ1  H  N N 249 
LYS HZ2  H  N N 250 
LYS HZ3  H  N N 251 
LYS HXT  H  N N 252 
MET N    N  N N 253 
MET CA   C  N S 254 
MET C    C  N N 255 
MET O    O  N N 256 
MET CB   C  N N 257 
MET CG   C  N N 258 
MET SD   S  N N 259 
MET CE   C  N N 260 
MET OXT  O  N N 261 
MET H    H  N N 262 
MET H2   H  N N 263 
MET HA   H  N N 264 
MET HB2  H  N N 265 
MET HB3  H  N N 266 
MET HG2  H  N N 267 
MET HG3  H  N N 268 
MET HE1  H  N N 269 
MET HE2  H  N N 270 
MET HE3  H  N N 271 
MET HXT  H  N N 272 
PHE N    N  N N 273 
PHE CA   C  N S 274 
PHE C    C  N N 275 
PHE O    O  N N 276 
PHE CB   C  N N 277 
PHE CG   C  Y N 278 
PHE CD1  C  Y N 279 
PHE CD2  C  Y N 280 
PHE CE1  C  Y N 281 
PHE CE2  C  Y N 282 
PHE CZ   C  Y N 283 
PHE OXT  O  N N 284 
PHE H    H  N N 285 
PHE H2   H  N N 286 
PHE HA   H  N N 287 
PHE HB2  H  N N 288 
PHE HB3  H  N N 289 
PHE HD1  H  N N 290 
PHE HD2  H  N N 291 
PHE HE1  H  N N 292 
PHE HE2  H  N N 293 
PHE HZ   H  N N 294 
PHE HXT  H  N N 295 
PRO N    N  N N 296 
PRO CA   C  N S 297 
PRO C    C  N N 298 
PRO O    O  N N 299 
PRO CB   C  N N 300 
PRO CG   C  N N 301 
PRO CD   C  N N 302 
PRO OXT  O  N N 303 
PRO H    H  N N 304 
PRO HA   H  N N 305 
PRO HB2  H  N N 306 
PRO HB3  H  N N 307 
PRO HG2  H  N N 308 
PRO HG3  H  N N 309 
PRO HD2  H  N N 310 
PRO HD3  H  N N 311 
PRO HXT  H  N N 312 
SER N    N  N N 313 
SER CA   C  N S 314 
SER C    C  N N 315 
SER O    O  N N 316 
SER CB   C  N N 317 
SER OG   O  N N 318 
SER OXT  O  N N 319 
SER H    H  N N 320 
SER H2   H  N N 321 
SER HA   H  N N 322 
SER HB2  H  N N 323 
SER HB3  H  N N 324 
SER HG   H  N N 325 
SER HXT  H  N N 326 
THR N    N  N N 327 
THR CA   C  N S 328 
THR C    C  N N 329 
THR O    O  N N 330 
THR CB   C  N R 331 
THR OG1  O  N N 332 
THR CG2  C  N N 333 
THR OXT  O  N N 334 
THR H    H  N N 335 
THR H2   H  N N 336 
THR HA   H  N N 337 
THR HB   H  N N 338 
THR HG1  H  N N 339 
THR HG21 H  N N 340 
THR HG22 H  N N 341 
THR HG23 H  N N 342 
THR HXT  H  N N 343 
TRP N    N  N N 344 
TRP CA   C  N S 345 
TRP C    C  N N 346 
TRP O    O  N N 347 
TRP CB   C  N N 348 
TRP CG   C  Y N 349 
TRP CD1  C  Y N 350 
TRP CD2  C  Y N 351 
TRP NE1  N  Y N 352 
TRP CE2  C  Y N 353 
TRP CE3  C  Y N 354 
TRP CZ2  C  Y N 355 
TRP CZ3  C  Y N 356 
TRP CH2  C  Y N 357 
TRP OXT  O  N N 358 
TRP H    H  N N 359 
TRP H2   H  N N 360 
TRP HA   H  N N 361 
TRP HB2  H  N N 362 
TRP HB3  H  N N 363 
TRP HD1  H  N N 364 
TRP HE1  H  N N 365 
TRP HE3  H  N N 366 
TRP HZ2  H  N N 367 
TRP HZ3  H  N N 368 
TRP HH2  H  N N 369 
TRP HXT  H  N N 370 
TYR N    N  N N 371 
TYR CA   C  N S 372 
TYR C    C  N N 373 
TYR O    O  N N 374 
TYR CB   C  N N 375 
TYR CG   C  Y N 376 
TYR CD1  C  Y N 377 
TYR CD2  C  Y N 378 
TYR CE1  C  Y N 379 
TYR CE2  C  Y N 380 
TYR CZ   C  Y N 381 
TYR OH   O  N N 382 
TYR OXT  O  N N 383 
TYR H    H  N N 384 
TYR H2   H  N N 385 
TYR HA   H  N N 386 
TYR HB2  H  N N 387 
TYR HB3  H  N N 388 
TYR HD1  H  N N 389 
TYR HD2  H  N N 390 
TYR HE1  H  N N 391 
TYR HE2  H  N N 392 
TYR HH   H  N N 393 
TYR HXT  H  N N 394 
VAL N    N  N N 395 
VAL CA   C  N S 396 
VAL C    C  N N 397 
VAL O    O  N N 398 
VAL CB   C  N N 399 
VAL CG1  C  N N 400 
VAL CG2  C  N N 401 
VAL OXT  O  N N 402 
VAL H    H  N N 403 
VAL H2   H  N N 404 
VAL HA   H  N N 405 
VAL HB   H  N N 406 
VAL HG11 H  N N 407 
VAL HG12 H  N N 408 
VAL HG13 H  N N 409 
VAL HG21 H  N N 410 
VAL HG22 H  N N 411 
VAL HG23 H  N N 412 
VAL HXT  H  N N 413 
ZN  ZN   ZN N N 414 
# 
loop_
_chem_comp_bond.comp_id 
_chem_comp_bond.atom_id_1 
_chem_comp_bond.atom_id_2 
_chem_comp_bond.value_order 
_chem_comp_bond.pdbx_aromatic_flag 
_chem_comp_bond.pdbx_stereo_config 
_chem_comp_bond.pdbx_ordinal 
ALA N   CA   sing N N 1   
ALA N   H    sing N N 2   
ALA N   H2   sing N N 3   
ALA CA  C    sing N N 4   
ALA CA  CB   sing N N 5   
ALA CA  HA   sing N N 6   
ALA C   O    doub N N 7   
ALA C   OXT  sing N N 8   
ALA CB  HB1  sing N N 9   
ALA CB  HB2  sing N N 10  
ALA CB  HB3  sing N N 11  
ALA OXT HXT  sing N N 12  
ARG N   CA   sing N N 13  
ARG N   H    sing N N 14  
ARG N   H2   sing N N 15  
ARG CA  C    sing N N 16  
ARG CA  CB   sing N N 17  
ARG CA  HA   sing N N 18  
ARG C   O    doub N N 19  
ARG C   OXT  sing N N 20  
ARG CB  CG   sing N N 21  
ARG CB  HB2  sing N N 22  
ARG CB  HB3  sing N N 23  
ARG CG  CD   sing N N 24  
ARG CG  HG2  sing N N 25  
ARG CG  HG3  sing N N 26  
ARG CD  NE   sing N N 27  
ARG CD  HD2  sing N N 28  
ARG CD  HD3  sing N N 29  
ARG NE  CZ   sing N N 30  
ARG NE  HE   sing N N 31  
ARG CZ  NH1  sing N N 32  
ARG CZ  NH2  doub N N 33  
ARG NH1 HH11 sing N N 34  
ARG NH1 HH12 sing N N 35  
ARG NH2 HH21 sing N N 36  
ARG NH2 HH22 sing N N 37  
ARG OXT HXT  sing N N 38  
ASN N   CA   sing N N 39  
ASN N   H    sing N N 40  
ASN N   H2   sing N N 41  
ASN CA  C    sing N N 42  
ASN CA  CB   sing N N 43  
ASN CA  HA   sing N N 44  
ASN C   O    doub N N 45  
ASN C   OXT  sing N N 46  
ASN CB  CG   sing N N 47  
ASN CB  HB2  sing N N 48  
ASN CB  HB3  sing N N 49  
ASN CG  OD1  doub N N 50  
ASN CG  ND2  sing N N 51  
ASN ND2 HD21 sing N N 52  
ASN ND2 HD22 sing N N 53  
ASN OXT HXT  sing N N 54  
ASP N   CA   sing N N 55  
ASP N   H    sing N N 56  
ASP N   H2   sing N N 57  
ASP CA  C    sing N N 58  
ASP CA  CB   sing N N 59  
ASP CA  HA   sing N N 60  
ASP C   O    doub N N 61  
ASP C   OXT  sing N N 62  
ASP CB  CG   sing N N 63  
ASP CB  HB2  sing N N 64  
ASP CB  HB3  sing N N 65  
ASP CG  OD1  doub N N 66  
ASP CG  OD2  sing N N 67  
ASP OD2 HD2  sing N N 68  
ASP OXT HXT  sing N N 69  
CYS N   CA   sing N N 70  
CYS N   H    sing N N 71  
CYS N   H2   sing N N 72  
CYS CA  C    sing N N 73  
CYS CA  CB   sing N N 74  
CYS CA  HA   sing N N 75  
CYS C   O    doub N N 76  
CYS C   OXT  sing N N 77  
CYS CB  SG   sing N N 78  
CYS CB  HB2  sing N N 79  
CYS CB  HB3  sing N N 80  
CYS SG  HG   sing N N 81  
CYS OXT HXT  sing N N 82  
EOH C1  C2   sing N N 83  
EOH C1  O    sing N N 84  
EOH C1  H11  sing N N 85  
EOH C1  H12  sing N N 86  
EOH C2  H21  sing N N 87  
EOH C2  H22  sing N N 88  
EOH C2  H23  sing N N 89  
EOH O   HO   sing N N 90  
GLN N   CA   sing N N 91  
GLN N   H    sing N N 92  
GLN N   H2   sing N N 93  
GLN CA  C    sing N N 94  
GLN CA  CB   sing N N 95  
GLN CA  HA   sing N N 96  
GLN C   O    doub N N 97  
GLN C   OXT  sing N N 98  
GLN CB  CG   sing N N 99  
GLN CB  HB2  sing N N 100 
GLN CB  HB3  sing N N 101 
GLN CG  CD   sing N N 102 
GLN CG  HG2  sing N N 103 
GLN CG  HG3  sing N N 104 
GLN CD  OE1  doub N N 105 
GLN CD  NE2  sing N N 106 
GLN NE2 HE21 sing N N 107 
GLN NE2 HE22 sing N N 108 
GLN OXT HXT  sing N N 109 
GLU N   CA   sing N N 110 
GLU N   H    sing N N 111 
GLU N   H2   sing N N 112 
GLU CA  C    sing N N 113 
GLU CA  CB   sing N N 114 
GLU CA  HA   sing N N 115 
GLU C   O    doub N N 116 
GLU C   OXT  sing N N 117 
GLU CB  CG   sing N N 118 
GLU CB  HB2  sing N N 119 
GLU CB  HB3  sing N N 120 
GLU CG  CD   sing N N 121 
GLU CG  HG2  sing N N 122 
GLU CG  HG3  sing N N 123 
GLU CD  OE1  doub N N 124 
GLU CD  OE2  sing N N 125 
GLU OE2 HE2  sing N N 126 
GLU OXT HXT  sing N N 127 
GLY N   CA   sing N N 128 
GLY N   H    sing N N 129 
GLY N   H2   sing N N 130 
GLY CA  C    sing N N 131 
GLY CA  HA2  sing N N 132 
GLY CA  HA3  sing N N 133 
GLY C   O    doub N N 134 
GLY C   OXT  sing N N 135 
GLY OXT HXT  sing N N 136 
GOL C1  O1   sing N N 137 
GOL C1  C2   sing N N 138 
GOL C1  H11  sing N N 139 
GOL C1  H12  sing N N 140 
GOL O1  HO1  sing N N 141 
GOL C2  O2   sing N N 142 
GOL C2  C3   sing N N 143 
GOL C2  H2   sing N N 144 
GOL O2  HO2  sing N N 145 
GOL C3  O3   sing N N 146 
GOL C3  H31  sing N N 147 
GOL C3  H32  sing N N 148 
GOL O3  HO3  sing N N 149 
HIS N   CA   sing N N 150 
HIS N   H    sing N N 151 
HIS N   H2   sing N N 152 
HIS CA  C    sing N N 153 
HIS CA  CB   sing N N 154 
HIS CA  HA   sing N N 155 
HIS C   O    doub N N 156 
HIS C   OXT  sing N N 157 
HIS CB  CG   sing N N 158 
HIS CB  HB2  sing N N 159 
HIS CB  HB3  sing N N 160 
HIS CG  ND1  sing Y N 161 
HIS CG  CD2  doub Y N 162 
HIS ND1 CE1  doub Y N 163 
HIS ND1 HD1  sing N N 164 
HIS CD2 NE2  sing Y N 165 
HIS CD2 HD2  sing N N 166 
HIS CE1 NE2  sing Y N 167 
HIS CE1 HE1  sing N N 168 
HIS NE2 HE2  sing N N 169 
HIS OXT HXT  sing N N 170 
HOH O   H1   sing N N 171 
HOH O   H2   sing N N 172 
ILE N   CA   sing N N 173 
ILE N   H    sing N N 174 
ILE N   H2   sing N N 175 
ILE CA  C    sing N N 176 
ILE CA  CB   sing N N 177 
ILE CA  HA   sing N N 178 
ILE C   O    doub N N 179 
ILE C   OXT  sing N N 180 
ILE CB  CG1  sing N N 181 
ILE CB  CG2  sing N N 182 
ILE CB  HB   sing N N 183 
ILE CG1 CD1  sing N N 184 
ILE CG1 HG12 sing N N 185 
ILE CG1 HG13 sing N N 186 
ILE CG2 HG21 sing N N 187 
ILE CG2 HG22 sing N N 188 
ILE CG2 HG23 sing N N 189 
ILE CD1 HD11 sing N N 190 
ILE CD1 HD12 sing N N 191 
ILE CD1 HD13 sing N N 192 
ILE OXT HXT  sing N N 193 
LEU N   CA   sing N N 194 
LEU N   H    sing N N 195 
LEU N   H2   sing N N 196 
LEU CA  C    sing N N 197 
LEU CA  CB   sing N N 198 
LEU CA  HA   sing N N 199 
LEU C   O    doub N N 200 
LEU C   OXT  sing N N 201 
LEU CB  CG   sing N N 202 
LEU CB  HB2  sing N N 203 
LEU CB  HB3  sing N N 204 
LEU CG  CD1  sing N N 205 
LEU CG  CD2  sing N N 206 
LEU CG  HG   sing N N 207 
LEU CD1 HD11 sing N N 208 
LEU CD1 HD12 sing N N 209 
LEU CD1 HD13 sing N N 210 
LEU CD2 HD21 sing N N 211 
LEU CD2 HD22 sing N N 212 
LEU CD2 HD23 sing N N 213 
LEU OXT HXT  sing N N 214 
LYS N   CA   sing N N 215 
LYS N   H    sing N N 216 
LYS N   H2   sing N N 217 
LYS CA  C    sing N N 218 
LYS CA  CB   sing N N 219 
LYS CA  HA   sing N N 220 
LYS C   O    doub N N 221 
LYS C   OXT  sing N N 222 
LYS CB  CG   sing N N 223 
LYS CB  HB2  sing N N 224 
LYS CB  HB3  sing N N 225 
LYS CG  CD   sing N N 226 
LYS CG  HG2  sing N N 227 
LYS CG  HG3  sing N N 228 
LYS CD  CE   sing N N 229 
LYS CD  HD2  sing N N 230 
LYS CD  HD3  sing N N 231 
LYS CE  NZ   sing N N 232 
LYS CE  HE2  sing N N 233 
LYS CE  HE3  sing N N 234 
LYS NZ  HZ1  sing N N 235 
LYS NZ  HZ2  sing N N 236 
LYS NZ  HZ3  sing N N 237 
LYS OXT HXT  sing N N 238 
MET N   CA   sing N N 239 
MET N   H    sing N N 240 
MET N   H2   sing N N 241 
MET CA  C    sing N N 242 
MET CA  CB   sing N N 243 
MET CA  HA   sing N N 244 
MET C   O    doub N N 245 
MET C   OXT  sing N N 246 
MET CB  CG   sing N N 247 
MET CB  HB2  sing N N 248 
MET CB  HB3  sing N N 249 
MET CG  SD   sing N N 250 
MET CG  HG2  sing N N 251 
MET CG  HG3  sing N N 252 
MET SD  CE   sing N N 253 
MET CE  HE1  sing N N 254 
MET CE  HE2  sing N N 255 
MET CE  HE3  sing N N 256 
MET OXT HXT  sing N N 257 
PHE N   CA   sing N N 258 
PHE N   H    sing N N 259 
PHE N   H2   sing N N 260 
PHE CA  C    sing N N 261 
PHE CA  CB   sing N N 262 
PHE CA  HA   sing N N 263 
PHE C   O    doub N N 264 
PHE C   OXT  sing N N 265 
PHE CB  CG   sing N N 266 
PHE CB  HB2  sing N N 267 
PHE CB  HB3  sing N N 268 
PHE CG  CD1  doub Y N 269 
PHE CG  CD2  sing Y N 270 
PHE CD1 CE1  sing Y N 271 
PHE CD1 HD1  sing N N 272 
PHE CD2 CE2  doub Y N 273 
PHE CD2 HD2  sing N N 274 
PHE CE1 CZ   doub Y N 275 
PHE CE1 HE1  sing N N 276 
PHE CE2 CZ   sing Y N 277 
PHE CE2 HE2  sing N N 278 
PHE CZ  HZ   sing N N 279 
PHE OXT HXT  sing N N 280 
PRO N   CA   sing N N 281 
PRO N   CD   sing N N 282 
PRO N   H    sing N N 283 
PRO CA  C    sing N N 284 
PRO CA  CB   sing N N 285 
PRO CA  HA   sing N N 286 
PRO C   O    doub N N 287 
PRO C   OXT  sing N N 288 
PRO CB  CG   sing N N 289 
PRO CB  HB2  sing N N 290 
PRO CB  HB3  sing N N 291 
PRO CG  CD   sing N N 292 
PRO CG  HG2  sing N N 293 
PRO CG  HG3  sing N N 294 
PRO CD  HD2  sing N N 295 
PRO CD  HD3  sing N N 296 
PRO OXT HXT  sing N N 297 
SER N   CA   sing N N 298 
SER N   H    sing N N 299 
SER N   H2   sing N N 300 
SER CA  C    sing N N 301 
SER CA  CB   sing N N 302 
SER CA  HA   sing N N 303 
SER C   O    doub N N 304 
SER C   OXT  sing N N 305 
SER CB  OG   sing N N 306 
SER CB  HB2  sing N N 307 
SER CB  HB3  sing N N 308 
SER OG  HG   sing N N 309 
SER OXT HXT  sing N N 310 
THR N   CA   sing N N 311 
THR N   H    sing N N 312 
THR N   H2   sing N N 313 
THR CA  C    sing N N 314 
THR CA  CB   sing N N 315 
THR CA  HA   sing N N 316 
THR C   O    doub N N 317 
THR C   OXT  sing N N 318 
THR CB  OG1  sing N N 319 
THR CB  CG2  sing N N 320 
THR CB  HB   sing N N 321 
THR OG1 HG1  sing N N 322 
THR CG2 HG21 sing N N 323 
THR CG2 HG22 sing N N 324 
THR CG2 HG23 sing N N 325 
THR OXT HXT  sing N N 326 
TRP N   CA   sing N N 327 
TRP N   H    sing N N 328 
TRP N   H2   sing N N 329 
TRP CA  C    sing N N 330 
TRP CA  CB   sing N N 331 
TRP CA  HA   sing N N 332 
TRP C   O    doub N N 333 
TRP C   OXT  sing N N 334 
TRP CB  CG   sing N N 335 
TRP CB  HB2  sing N N 336 
TRP CB  HB3  sing N N 337 
TRP CG  CD1  doub Y N 338 
TRP CG  CD2  sing Y N 339 
TRP CD1 NE1  sing Y N 340 
TRP CD1 HD1  sing N N 341 
TRP CD2 CE2  doub Y N 342 
TRP CD2 CE3  sing Y N 343 
TRP NE1 CE2  sing Y N 344 
TRP NE1 HE1  sing N N 345 
TRP CE2 CZ2  sing Y N 346 
TRP CE3 CZ3  doub Y N 347 
TRP CE3 HE3  sing N N 348 
TRP CZ2 CH2  doub Y N 349 
TRP CZ2 HZ2  sing N N 350 
TRP CZ3 CH2  sing Y N 351 
TRP CZ3 HZ3  sing N N 352 
TRP CH2 HH2  sing N N 353 
TRP OXT HXT  sing N N 354 
TYR N   CA   sing N N 355 
TYR N   H    sing N N 356 
TYR N   H2   sing N N 357 
TYR CA  C    sing N N 358 
TYR CA  CB   sing N N 359 
TYR CA  HA   sing N N 360 
TYR C   O    doub N N 361 
TYR C   OXT  sing N N 362 
TYR CB  CG   sing N N 363 
TYR CB  HB2  sing N N 364 
TYR CB  HB3  sing N N 365 
TYR CG  CD1  doub Y N 366 
TYR CG  CD2  sing Y N 367 
TYR CD1 CE1  sing Y N 368 
TYR CD1 HD1  sing N N 369 
TYR CD2 CE2  doub Y N 370 
TYR CD2 HD2  sing N N 371 
TYR CE1 CZ   doub Y N 372 
TYR CE1 HE1  sing N N 373 
TYR CE2 CZ   sing Y N 374 
TYR CE2 HE2  sing N N 375 
TYR CZ  OH   sing N N 376 
TYR OH  HH   sing N N 377 
TYR OXT HXT  sing N N 378 
VAL N   CA   sing N N 379 
VAL N   H    sing N N 380 
VAL N   H2   sing N N 381 
VAL CA  C    sing N N 382 
VAL CA  CB   sing N N 383 
VAL CA  HA   sing N N 384 
VAL C   O    doub N N 385 
VAL C   OXT  sing N N 386 
VAL CB  CG1  sing N N 387 
VAL CB  CG2  sing N N 388 
VAL CB  HB   sing N N 389 
VAL CG1 HG11 sing N N 390 
VAL CG1 HG12 sing N N 391 
VAL CG1 HG13 sing N N 392 
VAL CG2 HG21 sing N N 393 
VAL CG2 HG22 sing N N 394 
VAL CG2 HG23 sing N N 395 
VAL OXT HXT  sing N N 396 
# 
_atom_sites.entry_id                    2RIQ 
_atom_sites.fract_transf_matrix[1][1]   -0.00587596 
_atom_sites.fract_transf_matrix[1][2]   -0.00420280 
_atom_sites.fract_transf_matrix[1][3]   -0.01189857 
_atom_sites.fract_transf_matrix[2][1]   -0.01046692 
_atom_sites.fract_transf_matrix[2][2]   0.00325500 
_atom_sites.fract_transf_matrix[2][3]   0.00401923 
_atom_sites.fract_transf_matrix[3][1]   0.00198308 
_atom_sites.fract_transf_matrix[3][2]   0.01345418 
_atom_sites.fract_transf_matrix[3][3]   -0.00573159 
_atom_sites.fract_transf_vector[1]      0.290905 
_atom_sites.fract_transf_vector[2]      0.333900 
_atom_sites.fract_transf_vector[3]      0.350312 
# 
loop_
_atom_type.symbol 
C  
N  
O  
S  
ZN 
# 
loop_
_atom_site.group_PDB 
_atom_site.id 
_atom_site.type_symbol 
_atom_site.label_atom_id 
_atom_site.label_alt_id 
_atom_site.label_comp_id 
_atom_site.label_asym_id 
_atom_site.label_entity_id 
_atom_site.label_seq_id 
_atom_site.pdbx_PDB_ins_code 
_atom_site.Cartn_x 
_atom_site.Cartn_y 
_atom_site.Cartn_z 
_atom_site.occupancy 
_atom_site.B_iso_or_equiv 
_atom_site.pdbx_formal_charge 
_atom_site.auth_seq_id 
_atom_site.auth_comp_id 
_atom_site.auth_asym_id 
_atom_site.auth_atom_id 
_atom_site.pdbx_PDB_model_num 
ATOM   1    N  N   . LYS A 1 11  ? -11.375 -34.139 1.221   1.00 64.14 ? 225 LYS A N   1 
ATOM   2    C  CA  . LYS A 1 11  ? -12.863 -34.084 1.356   1.00 64.11 ? 225 LYS A CA  1 
ATOM   3    C  C   . LYS A 1 11  ? -13.298 -32.699 1.818   1.00 64.10 ? 225 LYS A C   1 
ATOM   4    O  O   . LYS A 1 11  ? -13.778 -31.893 1.014   1.00 64.35 ? 225 LYS A O   1 
ATOM   5    C  CB  . LYS A 1 11  ? -13.362 -35.158 2.328   1.00 64.09 ? 225 LYS A CB  1 
ATOM   6    N  N   . LYS A 1 12  ? -13.118 -32.425 3.110   1.00 63.75 ? 226 LYS A N   1 
ATOM   7    C  CA  . LYS A 1 12  ? -13.409 -31.108 3.682   1.00 63.10 ? 226 LYS A CA  1 
ATOM   8    C  C   . LYS A 1 12  ? -12.282 -30.124 3.357   1.00 62.72 ? 226 LYS A C   1 
ATOM   9    O  O   . LYS A 1 12  ? -12.388 -28.926 3.647   1.00 62.68 ? 226 LYS A O   1 
ATOM   10   C  CB  . LYS A 1 12  ? -13.628 -31.208 5.194   1.00 63.01 ? 226 LYS A CB  1 
ATOM   11   N  N   . GLU A 1 13  ? -11.210 -30.649 2.758   1.00 62.22 ? 227 GLU A N   1 
ATOM   12   C  CA  . GLU A 1 13  ? -10.106 -29.851 2.229   1.00 61.66 ? 227 GLU A CA  1 
ATOM   13   C  C   . GLU A 1 13  ? -10.630 -28.918 1.146   1.00 61.38 ? 227 GLU A C   1 
ATOM   14   O  O   . GLU A 1 13  ? -10.271 -27.738 1.102   1.00 61.49 ? 227 GLU A O   1 
ATOM   15   C  CB  . GLU A 1 13  ? -9.013  -30.756 1.655   1.00 61.54 ? 227 GLU A CB  1 
ATOM   16   N  N   . LYS A 1 14  ? -11.491 -29.465 0.286   1.00 60.73 ? 228 LYS A N   1 
ATOM   17   C  CA  . LYS A 1 14  ? -12.146 -28.717 -0.783  1.00 60.06 ? 228 LYS A CA  1 
ATOM   18   C  C   . LYS A 1 14  ? -13.015 -27.602 -0.210  1.00 59.61 ? 228 LYS A C   1 
ATOM   19   O  O   . LYS A 1 14  ? -13.021 -26.486 -0.727  1.00 59.64 ? 228 LYS A O   1 
ATOM   20   C  CB  . LYS A 1 14  ? -12.995 -29.665 -1.643  1.00 60.41 ? 228 LYS A CB  1 
ATOM   21   N  N   . ASP A 1 15  ? -13.731 -27.918 0.866   1.00 58.94 ? 229 ASP A N   1 
ATOM   22   C  CA  . ASP A 1 15  ? -14.617 -26.971 1.532   1.00 58.33 ? 229 ASP A CA  1 
ATOM   23   C  C   . ASP A 1 15  ? -13.815 -25.820 2.122   1.00 57.73 ? 229 ASP A C   1 
ATOM   24   O  O   . ASP A 1 15  ? -14.179 -24.650 1.958   1.00 57.80 ? 229 ASP A O   1 
ATOM   25   C  CB  . ASP A 1 15  ? -15.392 -27.673 2.645   1.00 58.81 ? 229 ASP A CB  1 
ATOM   26   C  CG  . ASP A 1 15  ? -16.862 -27.297 2.667   1.00 59.57 ? 229 ASP A CG  1 
ATOM   27   O  OD1 . ASP A 1 15  ? -17.171 -26.089 2.638   1.00 61.23 ? 229 ASP A OD1 1 
ATOM   28   O  OD2 . ASP A 1 15  ? -17.709 -28.217 2.720   1.00 61.01 ? 229 ASP A OD2 1 
ATOM   29   N  N   . LYS A 1 16  ? -12.726 -26.164 2.809   1.00 56.45 ? 230 LYS A N   1 
ATOM   30   C  CA  . LYS A 1 16  ? -11.838 -25.183 3.420   1.00 55.59 ? 230 LYS A CA  1 
ATOM   31   C  C   . LYS A 1 16  ? -11.240 -24.258 2.353   1.00 54.28 ? 230 LYS A C   1 
ATOM   32   O  O   . LYS A 1 16  ? -11.206 -23.042 2.538   1.00 54.07 ? 230 LYS A O   1 
ATOM   33   C  CB  . LYS A 1 16  ? -10.741 -25.889 4.231   1.00 55.50 ? 230 LYS A CB  1 
ATOM   34   C  CG  . LYS A 1 16  ? -9.512  -25.035 4.541   1.00 56.20 ? 230 LYS A CG  1 
ATOM   35   C  CD  . LYS A 1 16  ? -8.521  -25.776 5.446   1.00 56.93 ? 230 LYS A CD  1 
ATOM   36   C  CE  . LYS A 1 16  ? -7.092  -25.270 5.245   1.00 58.79 ? 230 LYS A CE  1 
ATOM   37   N  NZ  . LYS A 1 16  ? -6.998  -23.778 5.064   1.00 60.68 ? 230 LYS A NZ  1 
ATOM   38   N  N   . ASP A 1 17  ? -10.784 -24.847 1.247   1.00 52.91 ? 231 ASP A N   1 
ATOM   39   C  CA  . ASP A 1 17  ? -10.258 -24.097 0.112   1.00 51.86 ? 231 ASP A CA  1 
ATOM   40   C  C   . ASP A 1 17  ? -11.259 -23.083 -0.431  1.00 50.57 ? 231 ASP A C   1 
ATOM   41   O  O   . ASP A 1 17  ? -10.890 -21.944 -0.729  1.00 49.44 ? 231 ASP A O   1 
ATOM   42   C  CB  . ASP A 1 17  ? -9.820  -25.053 -0.997  1.00 52.23 ? 231 ASP A CB  1 
ATOM   43   C  CG  . ASP A 1 17  ? -8.441  -25.639 -0.754  1.00 54.08 ? 231 ASP A CG  1 
ATOM   44   O  OD1 . ASP A 1 17  ? -7.846  -25.359 0.307   1.00 54.61 ? 231 ASP A OD1 1 
ATOM   45   O  OD2 . ASP A 1 17  ? -7.947  -26.388 -1.628  1.00 57.66 ? 231 ASP A OD2 1 
ATOM   46   N  N   . SER A 1 18  ? -12.520 -23.499 -0.540  1.00 48.91 ? 232 SER A N   1 
ATOM   47   C  CA  . SER A 1 18  ? -13.587 -22.633 -1.030  1.00 47.60 ? 232 SER A CA  1 
ATOM   48   C  C   . SER A 1 18  ? -13.895 -21.497 -0.088  1.00 46.09 ? 232 SER A C   1 
ATOM   49   O  O   . SER A 1 18  ? -14.121 -20.373 -0.534  1.00 45.28 ? 232 SER A O   1 
ATOM   50   C  CB  . SER A 1 18  ? -14.862 -23.434 -1.287  1.00 47.73 ? 232 SER A CB  1 
ATOM   51   O  OG  . SER A 1 18  ? -14.659 -24.347 -2.345  1.00 50.31 ? 232 SER A OG  1 
ATOM   52   N  N   . LYS A 1 19  ? -13.936 -21.787 1.208   1.00 44.66 ? 233 LYS A N   1 
ATOM   53   C  CA  . LYS A 1 19  ? -14.097 -20.733 2.211   1.00 43.62 ? 233 LYS A CA  1 
ATOM   54   C  C   . LYS A 1 19  ? -12.955 -19.716 2.081   1.00 42.07 ? 233 LYS A C   1 
ATOM   55   O  O   . LYS A 1 19  ? -13.195 -18.518 2.096   1.00 42.63 ? 233 LYS A O   1 
ATOM   56   C  CB  . LYS A 1 19  ? -14.132 -21.325 3.619   1.00 43.66 ? 233 LYS A CB  1 
ATOM   57   N  N   . LEU A 1 20  ? -11.731 -20.207 1.913   1.00 41.08 ? 234 LEU A N   1 
ATOM   58   C  CA  . LEU A 1 20  ? -10.555 -19.339 1.760   1.00 39.84 ? 234 LEU A CA  1 
ATOM   59   C  C   . LEU A 1 20  ? -10.616 -18.510 0.473   1.00 38.68 ? 234 LEU A C   1 
ATOM   60   O  O   . LEU A 1 20  ? -10.305 -17.329 0.485   1.00 36.69 ? 234 LEU A O   1 
ATOM   61   C  CB  . LEU A 1 20  ? -9.256  -20.150 1.812   1.00 39.85 ? 234 LEU A CB  1 
ATOM   62   C  CG  . LEU A 1 20  ? -7.901  -19.434 1.760   1.00 42.57 ? 234 LEU A CG  1 
ATOM   63   C  CD1 . LEU A 1 20  ? -6.835  -20.323 2.366   1.00 44.57 ? 234 LEU A CD1 1 
ATOM   64   C  CD2 . LEU A 1 20  ? -7.498  -19.072 0.340   1.00 46.53 ? 234 LEU A CD2 1 
ATOM   65   N  N   . GLU A 1 21  ? -10.994 -19.157 -0.623  1.00 37.57 ? 235 GLU A N   1 
ATOM   66   C  CA  . GLU A 1 21  ? -11.165 -18.488 -1.918  1.00 38.15 ? 235 GLU A CA  1 
ATOM   67   C  C   . GLU A 1 21  ? -12.156 -17.343 -1.832  1.00 36.36 ? 235 GLU A C   1 
ATOM   68   O  O   . GLU A 1 21  ? -11.920 -16.267 -2.367  1.00 34.80 ? 235 GLU A O   1 
ATOM   69   C  CB  . GLU A 1 21  ? -11.663 -19.496 -2.969  1.00 39.38 ? 235 GLU A CB  1 
ATOM   70   C  CG  . GLU A 1 21  ? -10.604 -20.457 -3.422  1.00 44.01 ? 235 GLU A CG  1 
ATOM   71   C  CD  . GLU A 1 21  ? -9.617  -19.867 -4.422  1.00 48.70 ? 235 GLU A CD  1 
ATOM   72   O  OE1 . GLU A 1 21  ? -9.566  -18.624 -4.630  1.00 51.08 ? 235 GLU A OE1 1 
ATOM   73   O  OE2 . GLU A 1 21  ? -8.897  -20.691 -5.030  1.00 53.76 ? 235 GLU A OE2 1 
ATOM   74   N  N   . LYS A 1 22  ? -13.262 -17.569 -1.135  1.00 35.03 ? 236 LYS A N   1 
ATOM   75   C  CA  . LYS A 1 22  ? -14.243 -16.513 -0.921  1.00 35.23 ? 236 LYS A CA  1 
ATOM   76   C  C   . LYS A 1 22  ? -13.715 -15.328 -0.105  1.00 33.60 ? 236 LYS A C   1 
ATOM   77   O  O   . LYS A 1 22  ? -13.925 -14.174 -0.461  1.00 32.72 ? 236 LYS A O   1 
ATOM   78   C  CB  . LYS A 1 22  ? -15.490 -17.121 -0.274  1.00 35.32 ? 236 LYS A CB  1 
ATOM   79   C  CG  . LYS A 1 22  ? -16.616 -16.142 -0.049  1.00 40.05 ? 236 LYS A CG  1 
ATOM   80   C  CD  . LYS A 1 22  ? -17.950 -16.861 -0.181  1.00 46.57 ? 236 LYS A CD  1 
ATOM   81   C  CE  . LYS A 1 22  ? -18.666 -16.464 -1.495  1.00 49.62 ? 236 LYS A CE  1 
ATOM   82   N  NZ  . LYS A 1 22  ? -19.597 -17.519 -1.978  1.00 50.13 ? 236 LYS A NZ  1 
ATOM   83   N  N   . ALA A 1 23  ? -12.999 -15.627 0.978   1.00 33.21 ? 237 ALA A N   1 
ATOM   84   C  CA  . ALA A 1 23  ? -12.327 -14.589 1.780   1.00 32.52 ? 237 ALA A CA  1 
ATOM   85   C  C   . ALA A 1 23  ? -11.255 -13.845 0.956   1.00 31.93 ? 237 ALA A C   1 
ATOM   86   O  O   . ALA A 1 23  ? -11.092 -12.652 1.084   1.00 33.27 ? 237 ALA A O   1 
ATOM   87   C  CB  . ALA A 1 23  ? -11.680 -15.229 3.021   1.00 33.41 ? 237 ALA A CB  1 
ATOM   88   N  N   . LEU A 1 24  ? -10.539 -14.572 0.110   1.00 31.11 ? 238 LEU A N   1 
ATOM   89   C  CA  . LEU A 1 24  ? -9.530  -13.944 -0.744  1.00 31.97 ? 238 LEU A CA  1 
ATOM   90   C  C   . LEU A 1 24  ? -10.172 -13.029 -1.764  1.00 31.24 ? 238 LEU A C   1 
ATOM   91   O  O   . LEU A 1 24  ? -9.660  -11.967 -2.024  1.00 30.16 ? 238 LEU A O   1 
ATOM   92   C  CB  . LEU A 1 24  ? -8.692  -15.027 -1.461  1.00 32.88 ? 238 LEU A CB  1 
ATOM   93   C  CG  . LEU A 1 24  ? -7.581  -14.528 -2.403  1.00 33.41 ? 238 LEU A CG  1 
ATOM   94   C  CD1 . LEU A 1 24  ? -6.594  -13.549 -1.781  1.00 33.89 ? 238 LEU A CD1 1 
ATOM   95   C  CD2 . LEU A 1 24  ? -6.862  -15.738 -3.012  1.00 34.67 ? 238 LEU A CD2 1 
ATOM   96   N  N   . LYS A 1 25  ? -11.289 -13.442 -2.354  1.00 31.09 ? 239 LYS A N   1 
ATOM   97   C  CA  . LYS A 1 25  ? -12.026 -12.564 -3.287  1.00 31.51 ? 239 LYS A CA  1 
ATOM   98   C  C   . LYS A 1 25  ? -12.469 -11.280 -2.592  1.00 31.82 ? 239 LYS A C   1 
ATOM   99   O  O   . LYS A 1 25  ? -12.282 -10.194 -3.105  1.00 32.12 ? 239 LYS A O   1 
ATOM   100  C  CB  . LYS A 1 25  ? -13.227 -13.287 -3.842  1.00 30.25 ? 239 LYS A CB  1 
ATOM   101  C  CG  . LYS A 1 25  ? -14.093 -12.434 -4.836  1.00 33.03 ? 239 LYS A CG  1 
ATOM   102  C  CD  . LYS A 1 25  ? -13.284 -11.975 -6.049  1.00 34.04 ? 239 LYS A CD  1 
ATOM   103  C  CE  . LYS A 1 25  ? -14.242 -11.695 -7.245  1.00 33.23 ? 239 LYS A CE  1 
ATOM   104  N  NZ  . LYS A 1 25  ? -15.042 -10.507 -6.882  1.00 32.10 ? 239 LYS A NZ  1 
ATOM   105  N  N   . ALA A 1 26  ? -13.007 -11.398 -1.378  1.00 31.66 ? 240 ALA A N   1 
ATOM   106  C  CA  . ALA A 1 26  ? -13.372 -10.196 -0.615  1.00 32.14 ? 240 ALA A CA  1 
ATOM   107  C  C   . ALA A 1 26  ? -12.181 -9.261  -0.380  1.00 31.73 ? 240 ALA A C   1 
ATOM   108  O  O   . ALA A 1 26  ? -12.287 -8.029  -0.511  1.00 32.34 ? 240 ALA A O   1 
ATOM   109  C  CB  . ALA A 1 26  ? -14.031 -10.608 0.730   1.00 32.13 ? 240 ALA A CB  1 
ATOM   110  N  N   . GLN A 1 27  ? -11.037 -9.872  -0.063  1.00 30.93 ? 241 GLN A N   1 
ATOM   111  C  CA  . GLN A 1 27  ? -9.814  -9.132  0.215   1.00 32.37 ? 241 GLN A CA  1 
ATOM   112  C  C   . GLN A 1 27  ? -9.332  -8.407  -1.034  1.00 32.09 ? 241 GLN A C   1 
ATOM   113  O  O   . GLN A 1 27  ? -8.972  -7.235  -0.986  1.00 33.37 ? 241 GLN A O   1 
ATOM   114  C  CB  . GLN A 1 27  ? -8.748  -10.097 0.706   1.00 32.75 ? 241 GLN A CB  1 
ATOM   115  C  CG  . GLN A 1 27  ? -7.408  -9.426  1.020   1.00 33.05 ? 241 GLN A CG  1 
ATOM   116  C  CD  . GLN A 1 27  ? -6.465  -10.387 1.654   1.00 35.25 ? 241 GLN A CD  1 
ATOM   117  O  OE1 . GLN A 1 27  ? -5.592  -10.972 0.994   1.00 36.62 ? 241 GLN A OE1 1 
ATOM   118  N  NE2 . GLN A 1 27  ? -6.686  -10.638 2.945   1.00 37.22 ? 241 GLN A NE2 1 
ATOM   119  N  N   . ASN A 1 28  ? -9.374  -9.110  -2.161  1.00 32.57 ? 242 ASN A N   1 
ATOM   120  C  CA  . ASN A 1 28  ? -8.922  -8.479  -3.401  1.00 32.71 ? 242 ASN A CA  1 
ATOM   121  C  C   . ASN A 1 28  ? -9.888  -7.390  -3.888  1.00 33.76 ? 242 ASN A C   1 
ATOM   122  O  O   . ASN A 1 28  ? -9.455  -6.419  -4.507  1.00 34.32 ? 242 ASN A O   1 
ATOM   123  C  CB  . ASN A 1 28  ? -8.671  -9.535  -4.462  1.00 33.26 ? 242 ASN A CB  1 
ATOM   124  C  CG  . ASN A 1 28  ? -7.398  -10.342 -4.205  1.00 31.84 ? 242 ASN A CG  1 
ATOM   125  O  OD1 . ASN A 1 28  ? -6.456  -9.839  -3.555  1.00 36.51 ? 242 ASN A OD1 1 
ATOM   126  N  ND2 . ASN A 1 28  ? -7.382  -11.596 -4.677  1.00 36.35 ? 242 ASN A ND2 1 
ATOM   127  N  N   . ASP A 1 29  ? -11.193 -7.568  -3.644  1.00 32.30 ? 243 ASP A N   1 
ATOM   128  C  CA  . ASP A 1 29  ? -12.191 -6.548  -3.909  1.00 31.89 ? 243 ASP A CA  1 
ATOM   129  C  C   . ASP A 1 29  ? -11.895 -5.300  -3.124  1.00 32.58 ? 243 ASP A C   1 
ATOM   130  O  O   . ASP A 1 29  ? -11.957 -4.200  -3.650  1.00 33.13 ? 243 ASP A O   1 
ATOM   131  C  CB  . ASP A 1 29  ? -13.608 -7.069  -3.563  1.00 31.08 ? 243 ASP A CB  1 
ATOM   132  C  CG  . ASP A 1 29  ? -14.166 -8.062  -4.602  1.00 35.39 ? 243 ASP A CG  1 
ATOM   133  O  OD1 . ASP A 1 29  ? -13.576 -8.224  -5.694  1.00 35.98 ? 243 ASP A OD1 1 
ATOM   134  O  OD2 . ASP A 1 29  ? -15.212 -8.685  -4.295  1.00 35.43 ? 243 ASP A OD2 1 
ATOM   135  N  N   . LEU A 1 30  ? -11.557 -5.491  -1.856  1.00 32.39 ? 244 LEU A N   1 
ATOM   136  C  CA  . LEU A 1 30  ? -11.211 -4.343  -1.007  1.00 32.86 ? 244 LEU A CA  1 
ATOM   137  C  C   . LEU A 1 30  ? -9.987  -3.623  -1.584  1.00 34.01 ? 244 LEU A C   1 
ATOM   138  O  O   . LEU A 1 30  ? -9.986  -2.405  -1.718  1.00 34.50 ? 244 LEU A O   1 
ATOM   139  C  CB  . LEU A 1 30  ? -10.960 -4.825  0.414   1.00 32.45 ? 244 LEU A CB  1 
ATOM   140  C  CG  . LEU A 1 30  ? -10.367 -3.700  1.277   1.00 33.66 ? 244 LEU A CG  1 
ATOM   141  C  CD1 . LEU A 1 30  ? -11.345 -2.551  1.413   1.00 38.41 ? 244 LEU A CD1 1 
ATOM   142  C  CD2 . LEU A 1 30  ? -9.996  -4.260  2.631   1.00 36.40 ? 244 LEU A CD2 1 
ATOM   143  N  N   . ILE A 1 31  ? -8.937  -4.369  -1.910  1.00 33.99 ? 245 ILE A N   1 
ATOM   144  C  CA  . ILE A 1 31  ? -7.738  -3.751  -2.469  1.00 34.67 ? 245 ILE A CA  1 
ATOM   145  C  C   . ILE A 1 31  ? -8.082  -2.966  -3.731  1.00 35.02 ? 245 ILE A C   1 
ATOM   146  O  O   . ILE A 1 31  ? -7.584  -1.875  -3.924  1.00 35.56 ? 245 ILE A O   1 
ATOM   147  C  CB  . ILE A 1 31  ? -6.684  -4.822  -2.784  1.00 34.72 ? 245 ILE A CB  1 
ATOM   148  C  CG1 . ILE A 1 31  ? -6.196  -5.386  -1.451  1.00 35.14 ? 245 ILE A CG1 1 
ATOM   149  C  CG2 . ILE A 1 31  ? -5.493  -4.180  -3.605  1.00 37.37 ? 245 ILE A CG2 1 
ATOM   150  C  CD1 . ILE A 1 31  ? -5.382  -6.637  -1.598  1.00 36.04 ? 245 ILE A CD1 1 
ATOM   151  N  N   . TRP A 1 32  ? -8.945  -3.513  -4.586  1.00 34.85 ? 246 TRP A N   1 
ATOM   152  C  CA  . TRP A 1 32  ? -9.323  -2.828  -5.823  1.00 33.96 ? 246 TRP A CA  1 
ATOM   153  C  C   . TRP A 1 32  ? -10.000 -1.504  -5.483  1.00 34.51 ? 246 TRP A C   1 
ATOM   154  O  O   . TRP A 1 32  ? -9.676  -0.461  -6.053  1.00 34.75 ? 246 TRP A O   1 
ATOM   155  C  CB  . TRP A 1 32  ? -10.240 -3.723  -6.716  1.00 33.88 ? 246 TRP A CB  1 
ATOM   156  C  CG  . TRP A 1 32  ? -10.477 -3.225  -8.136  1.00 34.95 ? 246 TRP A CG  1 
ATOM   157  C  CD1 . TRP A 1 32  ? -9.864  -3.653  -9.258  1.00 36.57 ? 246 TRP A CD1 1 
ATOM   158  C  CD2 . TRP A 1 32  ? -11.433 -2.233  -8.546  1.00 35.84 ? 246 TRP A CD2 1 
ATOM   159  N  NE1 . TRP A 1 32  ? -10.370 -2.997  -10.369 1.00 34.17 ? 246 TRP A NE1 1 
ATOM   160  C  CE2 . TRP A 1 32  ? -11.322 -2.103  -9.954  1.00 34.71 ? 246 TRP A CE2 1 
ATOM   161  C  CE3 . TRP A 1 32  ? -12.350 -1.434  -7.851  1.00 36.27 ? 246 TRP A CE3 1 
ATOM   162  C  CZ2 . TRP A 1 32  ? -12.104 -1.219  -10.682 1.00 35.14 ? 246 TRP A CZ2 1 
ATOM   163  C  CZ3 . TRP A 1 32  ? -13.138 -0.543  -8.586  1.00 37.79 ? 246 TRP A CZ3 1 
ATOM   164  C  CH2 . TRP A 1 32  ? -13.020 -0.467  -9.995  1.00 36.08 ? 246 TRP A CH2 1 
ATOM   165  N  N   . ASN A 1 33  ? -10.929 -1.542  -4.542  1.00 34.69 ? 247 ASN A N   1 
ATOM   166  C  CA  . ASN A 1 33  ? -11.602 -0.309  -4.111  1.00 35.61 ? 247 ASN A CA  1 
ATOM   167  C  C   . ASN A 1 33  ? -10.657 0.726   -3.517  1.00 36.38 ? 247 ASN A C   1 
ATOM   168  O  O   . ASN A 1 33  ? -10.788 1.924   -3.804  1.00 36.15 ? 247 ASN A O   1 
ATOM   169  C  CB  . ASN A 1 33  ? -12.710 -0.645  -3.127  1.00 36.06 ? 247 ASN A CB  1 
ATOM   170  C  CG  . ASN A 1 33  ? -13.908 -1.300  -3.806  1.00 40.45 ? 247 ASN A CG  1 
ATOM   171  O  OD1 . ASN A 1 33  ? -14.182 -1.089  -4.991  1.00 44.15 ? 247 ASN A OD1 1 
ATOM   172  N  ND2 . ASN A 1 33  ? -14.615 -2.095  -3.052  1.00 42.32 ? 247 ASN A ND2 1 
ATOM   173  N  N   . ILE A 1 34  ? -9.709  0.281   -2.682  1.00 35.87 ? 248 ILE A N   1 
ATOM   174  C  CA  . ILE A 1 34  ? -8.731  1.211   -2.120  1.00 36.47 ? 248 ILE A CA  1 
ATOM   175  C  C   . ILE A 1 34  ? -7.884  1.870   -3.220  1.00 36.55 ? 248 ILE A C   1 
ATOM   176  O  O   . ILE A 1 34  ? -7.669  3.101   -3.178  1.00 36.67 ? 248 ILE A O   1 
ATOM   177  C  CB  . ILE A 1 34  ? -7.815  0.495   -1.083  1.00 36.32 ? 248 ILE A CB  1 
ATOM   178  C  CG1 . ILE A 1 34  ? -8.631  0.028   0.152   1.00 38.71 ? 248 ILE A CG1 1 
ATOM   179  C  CG2 . ILE A 1 34  ? -6.587  1.375   -0.780  1.00 36.16 ? 248 ILE A CG2 1 
ATOM   180  C  CD1 . ILE A 1 34  ? -9.147  1.195   1.055   1.00 38.56 ? 248 ILE A CD1 1 
ATOM   181  N  N   . LYS A 1 35  ? -7.478  1.073   -4.221  1.00 35.39 ? 249 LYS A N   1 
ATOM   182  C  CA  . LYS A 1 35  ? -6.723  1.615   -5.366  1.00 35.84 ? 249 LYS A CA  1 
ATOM   183  C  C   . LYS A 1 35  ? -7.566  2.609   -6.140  1.00 35.68 ? 249 LYS A C   1 
ATOM   184  O  O   . LYS A 1 35  ? -7.074  3.677   -6.514  1.00 37.69 ? 249 LYS A O   1 
ATOM   185  C  CB  . LYS A 1 35  ? -6.229  0.517   -6.289  1.00 36.11 ? 249 LYS A CB  1 
ATOM   186  C  CG  . LYS A 1 35  ? -5.148  -0.266  -5.631  1.00 36.40 ? 249 LYS A CG  1 
ATOM   187  C  CD  . LYS A 1 35  ? -4.863  -1.598  -6.365  1.00 41.09 ? 249 LYS A CD  1 
ATOM   188  C  CE  . LYS A 1 35  ? -4.358  -1.406  -7.749  1.00 45.58 ? 249 LYS A CE  1 
ATOM   189  N  NZ  . LYS A 1 35  ? -4.060  -2.817  -8.271  1.00 44.80 ? 249 LYS A NZ  1 
ATOM   190  N  N   . ASP A 1 36  ? -8.830  2.286   -6.333  1.00 36.70 ? 250 ASP A N   1 
ATOM   191  C  CA  . ASP A 1 36  ? -9.737  3.132   -7.125  1.00 37.47 ? 250 ASP A CA  1 
ATOM   192  C  C   . ASP A 1 36  ? -9.918  4.467   -6.419  1.00 38.27 ? 250 ASP A C   1 
ATOM   193  O  O   . ASP A 1 36  ? -9.831  5.514   -7.064  1.00 39.47 ? 250 ASP A O   1 
ATOM   194  C  CB  . ASP A 1 36  ? -11.080 2.453   -7.291  1.00 38.02 ? 250 ASP A CB  1 
ATOM   195  C  CG  . ASP A 1 36  ? -11.991 3.212   -8.263  1.00 41.42 ? 250 ASP A CG  1 
ATOM   196  O  OD1 . ASP A 1 36  ? -11.551 3.481   -9.395  1.00 47.95 ? 250 ASP A OD1 1 
ATOM   197  O  OD2 . ASP A 1 36  ? -13.127 3.495   -7.886  1.00 48.65 ? 250 ASP A OD2 1 
ATOM   198  N  N   . GLU A 1 37  ? -10.047 4.441   -5.089  1.00 36.99 ? 251 GLU A N   1 
ATOM   199  C  CA  . GLU A 1 37  ? -10.199 5.677   -4.292  1.00 38.21 ? 251 GLU A CA  1 
ATOM   200  C  C   . GLU A 1 37  ? -8.921  6.472   -4.179  1.00 36.38 ? 251 GLU A C   1 
ATOM   201  O  O   . GLU A 1 37  ? -8.947  7.687   -4.224  1.00 38.57 ? 251 GLU A O   1 
ATOM   202  C  CB  . GLU A 1 37  ? -10.739 5.399   -2.897  1.00 39.03 ? 251 GLU A CB  1 
ATOM   203  C  CG  . GLU A 1 37  ? -12.140 4.789   -2.914  1.00 42.13 ? 251 GLU A CG  1 
ATOM   204  C  CD  . GLU A 1 37  ? -13.241 5.761   -3.331  1.00 46.95 ? 251 GLU A CD  1 
ATOM   205  O  OE1 . GLU A 1 37  ? -13.006 6.974   -3.528  1.00 44.28 ? 251 GLU A OE1 1 
ATOM   206  O  OE2 . GLU A 1 37  ? -14.382 5.271   -3.476  1.00 52.74 ? 251 GLU A OE2 1 
ATOM   207  N  N   . LEU A 1 38  ? -7.779  5.799   -4.059  1.00 35.88 ? 252 LEU A N   1 
ATOM   208  C  CA  . LEU A 1 38  ? -6.506  6.548   -3.972  1.00 36.03 ? 252 LEU A CA  1 
ATOM   209  C  C   . LEU A 1 38  ? -6.295  7.326   -5.271  1.00 36.65 ? 252 LEU A C   1 
ATOM   210  O  O   . LEU A 1 38  ? -5.776  8.416   -5.256  1.00 36.88 ? 252 LEU A O   1 
ATOM   211  C  CB  . LEU A 1 38  ? -5.345  5.586   -3.771  1.00 36.06 ? 252 LEU A CB  1 
ATOM   212  C  CG  . LEU A 1 38  ? -5.194  5.151   -2.309  1.00 33.75 ? 252 LEU A CG  1 
ATOM   213  C  CD1 . LEU A 1 38  ? -4.239  3.890   -2.357  1.00 37.46 ? 252 LEU A CD1 1 
ATOM   214  C  CD2 . LEU A 1 38  ? -4.643  6.284   -1.418  1.00 37.29 ? 252 LEU A CD2 1 
ATOM   215  N  N   . LYS A 1 39  ? -6.675  6.753   -6.402  1.00 36.70 ? 253 LYS A N   1 
ATOM   216  C  CA  . LYS A 1 39  ? -6.390  7.389   -7.712  1.00 37.89 ? 253 LYS A CA  1 
ATOM   217  C  C   . LYS A 1 39  ? -7.186  8.683   -7.840  1.00 39.00 ? 253 LYS A C   1 
ATOM   218  O  O   . LYS A 1 39  ? -6.805  9.568   -8.622  1.00 40.00 ? 253 LYS A O   1 
ATOM   219  C  CB  . LYS A 1 39  ? -6.729  6.435   -8.881  1.00 37.84 ? 253 LYS A CB  1 
ATOM   220  C  CG  . LYS A 1 39  ? -5.647  5.357   -9.034  1.00 39.91 ? 253 LYS A CG  1 
ATOM   221  C  CD  . LYS A 1 39  ? -5.661  4.641   -10.366 1.00 48.04 ? 253 LYS A CD  1 
ATOM   222  C  CE  . LYS A 1 39  ? -6.888  3.838   -10.552 1.00 48.29 ? 253 LYS A CE  1 
ATOM   223  N  NZ  . LYS A 1 39  ? -6.922  3.161   -11.947 1.00 46.04 ? 253 LYS A NZ  1 
ATOM   224  N  N   . LYS A 1 40  ? -8.274  8.787   -7.081  1.00 39.10 ? 254 LYS A N   1 
ATOM   225  C  CA  . LYS A 1 40  ? -9.122  9.990   -7.123  1.00 39.93 ? 254 LYS A CA  1 
ATOM   226  C  C   . LYS A 1 40  ? -8.512  11.167  -6.404  1.00 39.61 ? 254 LYS A C   1 
ATOM   227  O  O   . LYS A 1 40  ? -8.891  12.295  -6.724  1.00 40.97 ? 254 LYS A O   1 
ATOM   228  C  CB  . LYS A 1 40  ? -10.508 9.710   -6.555  1.00 39.70 ? 254 LYS A CB  1 
ATOM   229  C  CG  . LYS A 1 40  ? -11.259 8.653   -7.363  1.00 39.86 ? 254 LYS A CG  1 
ATOM   230  C  CD  . LYS A 1 40  ? -12.577 8.386   -6.637  1.00 43.18 ? 254 LYS A CD  1 
ATOM   231  C  CE  . LYS A 1 40  ? -13.380 7.310   -7.294  1.00 48.50 ? 254 LYS A CE  1 
ATOM   232  N  NZ  . LYS A 1 40  ? -14.492 7.151   -6.317  1.00 51.95 ? 254 LYS A NZ  1 
ATOM   233  N  N   . VAL A 1 41  ? -7.605  10.926  -5.444  1.00 40.03 ? 255 VAL A N   1 
ATOM   234  C  CA  . VAL A 1 41  ? -7.148  11.984  -4.517  1.00 40.99 ? 255 VAL A CA  1 
ATOM   235  C  C   . VAL A 1 41  ? -5.627  12.150  -4.394  1.00 41.23 ? 255 VAL A C   1 
ATOM   236  O  O   . VAL A 1 41  ? -5.152  13.160  -3.821  1.00 40.51 ? 255 VAL A O   1 
ATOM   237  C  CB  . VAL A 1 41  ? -7.724  11.757  -3.102  1.00 40.79 ? 255 VAL A CB  1 
ATOM   238  C  CG1 . VAL A 1 41  ? -9.306  11.712  -3.219  1.00 43.19 ? 255 VAL A CG1 1 
ATOM   239  C  CG2 . VAL A 1 41  ? -7.236  10.439  -2.519  1.00 42.70 ? 255 VAL A CG2 1 
ATOM   240  N  N   . CYS A 1 42  ? -4.871  11.139  -4.845  1.00 39.79 ? 256 CYS A N   1 
ATOM   241  C  CA  . CYS A 1 42  ? -3.428  11.118  -4.684  1.00 39.96 ? 256 CYS A CA  1 
ATOM   242  C  C   . CYS A 1 42  ? -2.726  11.045  -6.041  1.00 40.23 ? 256 CYS A C   1 
ATOM   243  O  O   . CYS A 1 42  ? -3.084  10.224  -6.928  1.00 40.46 ? 256 CYS A O   1 
ATOM   244  C  CB  . CYS A 1 42  ? -2.985  9.888   -3.856  1.00 39.02 ? 256 CYS A CB  1 
ATOM   245  S  SG  . CYS A 1 42  ? -3.376  9.932   -2.147  1.00 42.24 ? 256 CYS A SG  1 
ATOM   246  N  N   . SER A 1 43  ? -1.732  11.899  -6.223  1.00 37.56 ? 257 SER A N   1 
ATOM   247  C  CA  . SER A 1 43  ? -0.860  11.789  -7.387  1.00 37.93 ? 257 SER A CA  1 
ATOM   248  C  C   . SER A 1 43  ? 0.213   10.737  -7.080  1.00 37.11 ? 257 SER A C   1 
ATOM   249  O  O   . SER A 1 43  ? 0.356   10.298  -5.924  1.00 36.76 ? 257 SER A O   1 
ATOM   250  C  CB  . SER A 1 43  ? -0.186  13.120  -7.626  1.00 38.56 ? 257 SER A CB  1 
ATOM   251  O  OG  . SER A 1 43  ? 0.658   13.397  -6.512  1.00 37.53 ? 257 SER A OG  1 
ATOM   252  N  N   . THR A 1 44  ? 1.004   10.400  -8.087  1.00 38.13 ? 258 THR A N   1 
ATOM   253  C  CA  . THR A 1 44  ? 2.110   9.478   -7.877  1.00 37.31 ? 258 THR A CA  1 
ATOM   254  C  C   . THR A 1 44  ? 3.058   10.066  -6.842  1.00 36.82 ? 258 THR A C   1 
ATOM   255  O  O   . THR A 1 44  ? 3.543   9.327   -5.961  1.00 36.04 ? 258 THR A O   1 
ATOM   256  C  CB  . THR A 1 44  ? 2.793   9.095   -9.204  1.00 37.81 ? 258 THR A CB  1 
ATOM   257  O  OG1 . THR A 1 44  ? 1.813   8.468   -10.058 1.00 39.21 ? 258 THR A OG1 1 
ATOM   258  C  CG2 . THR A 1 44  ? 3.942   8.106   -8.969  1.00 38.07 ? 258 THR A CG2 1 
ATOM   259  N  N   . ASN A 1 45  ? 3.295   11.384  -6.909  1.00 36.90 ? 259 ASN A N   1 
ATOM   260  C  CA  . ASN A 1 45  ? 4.123   12.051  -5.893  1.00 37.50 ? 259 ASN A CA  1 
ATOM   261  C  C   . ASN A 1 45  ? 3.584   11.823  -4.483  1.00 36.71 ? 259 ASN A C   1 
ATOM   262  O  O   . ASN A 1 45  ? 4.330   11.477  -3.559  1.00 35.89 ? 259 ASN A O   1 
ATOM   263  C  CB  . ASN A 1 45  ? 4.245   13.581  -6.155  1.00 38.05 ? 259 ASN A CB  1 
ATOM   264  C  CG  . ASN A 1 45  ? 5.053   13.917  -7.417  1.00 40.62 ? 259 ASN A CG  1 
ATOM   265  O  OD1 . ASN A 1 45  ? 5.784   13.077  -7.948  1.00 41.65 ? 259 ASN A OD1 1 
ATOM   266  N  ND2 . ASN A 1 45  ? 4.931   15.164  -7.885  1.00 42.32 ? 259 ASN A ND2 1 
ATOM   267  N  N   . ASP A 1 46  ? 2.284   12.026  -4.304  1.00 36.81 ? 260 ASP A N   1 
ATOM   268  C  CA  . ASP A 1 46  ? 1.655   11.803  -2.990  1.00 36.70 ? 260 ASP A CA  1 
ATOM   269  C  C   . ASP A 1 46  ? 1.880   10.357  -2.520  1.00 36.87 ? 260 ASP A C   1 
ATOM   270  O  O   . ASP A 1 46  ? 2.207   10.113  -1.367  1.00 36.64 ? 260 ASP A O   1 
ATOM   271  C  CB  . ASP A 1 46  ? 0.135   12.024  -3.098  1.00 36.36 ? 260 ASP A CB  1 
ATOM   272  C  CG  . ASP A 1 46  ? -0.240  13.468  -3.321  1.00 38.79 ? 260 ASP A CG  1 
ATOM   273  O  OD1 . ASP A 1 46  ? 0.469   14.386  -2.827  1.00 38.90 ? 260 ASP A OD1 1 
ATOM   274  O  OD2 . ASP A 1 46  ? -1.253  13.660  -4.023  1.00 38.13 ? 260 ASP A OD2 1 
ATOM   275  N  N   . LEU A 1 47  ? 1.663   9.410   -3.422  1.00 36.73 ? 261 LEU A N   1 
ATOM   276  C  CA  . LEU A 1 47  ? 1.883   7.983   -3.080  1.00 35.82 ? 261 LEU A CA  1 
ATOM   277  C  C   . LEU A 1 47  ? 3.340   7.686   -2.711  1.00 35.79 ? 261 LEU A C   1 
ATOM   278  O  O   . LEU A 1 47  ? 3.591   6.951   -1.748  1.00 35.86 ? 261 LEU A O   1 
ATOM   279  C  CB  . LEU A 1 47  ? 1.396   7.116   -4.248  1.00 35.97 ? 261 LEU A CB  1 
ATOM   280  C  CG  . LEU A 1 47  ? -0.104  7.250   -4.588  1.00 35.61 ? 261 LEU A CG  1 
ATOM   281  C  CD1 . LEU A 1 47  ? -0.382  6.520   -5.899  1.00 38.97 ? 261 LEU A CD1 1 
ATOM   282  C  CD2 . LEU A 1 47  ? -0.958  6.698   -3.400  1.00 36.43 ? 261 LEU A CD2 1 
ATOM   283  N  N   . LYS A 1 48  ? 4.319   8.267   -3.410  1.00 35.27 ? 262 LYS A N   1 
ATOM   284  C  CA  . LYS A 1 48  ? 5.732   8.074   -3.030  1.00 35.45 ? 262 LYS A CA  1 
ATOM   285  C  C   . LYS A 1 48  ? 5.975   8.599   -1.607  1.00 34.98 ? 262 LYS A C   1 
ATOM   286  O  O   . LYS A 1 48  ? 6.651   7.950   -0.810  1.00 35.55 ? 262 LYS A O   1 
ATOM   287  C  CB  . LYS A 1 48  ? 6.714   8.755   -4.015  1.00 36.82 ? 262 LYS A CB  1 
ATOM   288  C  CG  . LYS A 1 48  ? 6.606   8.260   -5.489  1.00 36.46 ? 262 LYS A CG  1 
ATOM   289  C  CD  . LYS A 1 48  ? 7.686   8.924   -6.347  1.00 38.52 ? 262 LYS A CD  1 
ATOM   290  C  CE  . LYS A 1 48  ? 7.725   8.378   -7.763  1.00 42.17 ? 262 LYS A CE  1 
ATOM   291  N  NZ  . LYS A 1 48  ? 8.638   9.198   -8.665  1.00 45.67 ? 262 LYS A NZ  1 
ATOM   292  N  N   . GLU A 1 49  ? 5.383   9.753   -1.280  1.00 35.03 ? 263 GLU A N   1 
ATOM   293  C  CA  . GLU A 1 49  ? 5.563   10.351  0.046   1.00 36.79 ? 263 GLU A CA  1 
ATOM   294  C  C   . GLU A 1 49  ? 5.013   9.416   1.121   1.00 36.38 ? 263 GLU A C   1 
ATOM   295  O  O   . GLU A 1 49  ? 5.616   9.320   2.211   1.00 35.36 ? 263 GLU A O   1 
ATOM   296  C  CB  . GLU A 1 49  ? 4.818   11.696  0.124   1.00 38.24 ? 263 GLU A CB  1 
ATOM   297  C  CG  . GLU A 1 49  ? 5.599   12.816  -0.519  1.00 41.41 ? 263 GLU A CG  1 
ATOM   298  C  CD  . GLU A 1 49  ? 4.976   14.170  -0.243  1.00 51.52 ? 263 GLU A CD  1 
ATOM   299  O  OE1 . GLU A 1 49  ? 4.920   14.579  0.948   1.00 53.02 ? 263 GLU A OE1 1 
ATOM   300  O  OE2 . GLU A 1 49  ? 4.566   14.823  -1.235  1.00 54.05 ? 263 GLU A OE2 1 
ATOM   301  N  N   . LEU A 1 50  ? 3.863   8.797   0.824   1.00 35.48 ? 264 LEU A N   1 
ATOM   302  C  CA  . LEU A 1 50  ? 3.228   7.837   1.737   1.00 35.44 ? 264 LEU A CA  1 
ATOM   303  C  C   . LEU A 1 50  ? 4.109   6.612   1.972   1.00 35.89 ? 264 LEU A C   1 
ATOM   304  O  O   . LEU A 1 50  ? 4.297   6.198   3.145   1.00 36.72 ? 264 LEU A O   1 
ATOM   305  C  CB  . LEU A 1 50  ? 1.831   7.441   1.260   1.00 35.49 ? 264 LEU A CB  1 
ATOM   306  C  CG  . LEU A 1 50  ? 0.792   8.553   1.442   1.00 37.57 ? 264 LEU A CG  1 
ATOM   307  C  CD1 . LEU A 1 50  ? -0.540  8.181   0.759   1.00 40.57 ? 264 LEU A CD1 1 
ATOM   308  C  CD2 . LEU A 1 50  ? 0.640   8.843   2.980   1.00 36.59 ? 264 LEU A CD2 1 
ATOM   309  N  N   . LEU A 1 51  ? 4.695   6.082   0.897   1.00 35.95 ? 265 LEU A N   1 
ATOM   310  C  CA  . LEU A 1 51  ? 5.660   4.965   1.071   1.00 35.31 ? 265 LEU A CA  1 
ATOM   311  C  C   . LEU A 1 51  ? 6.825   5.399   1.945   1.00 35.68 ? 265 LEU A C   1 
ATOM   312  O  O   . LEU A 1 51  ? 7.221   4.693   2.891   1.00 36.42 ? 265 LEU A O   1 
ATOM   313  C  CB  . LEU A 1 51  ? 6.222   4.504   -0.277  1.00 34.65 ? 265 LEU A CB  1 
ATOM   314  C  CG  . LEU A 1 51  ? 5.161   3.844   -1.179  1.00 34.28 ? 265 LEU A CG  1 
ATOM   315  C  CD1 . LEU A 1 51  ? 5.743   3.614   -2.549  1.00 36.74 ? 265 LEU A CD1 1 
ATOM   316  C  CD2 . LEU A 1 51  ? 4.669   2.519   -0.553  1.00 36.42 ? 265 LEU A CD2 1 
ATOM   317  N  N   . ILE A 1 52  ? 7.407   6.542   1.591   1.00 36.05 ? 266 ILE A N   1 
ATOM   318  C  CA  . ILE A 1 52  ? 8.590   7.032   2.285   1.00 37.03 ? 266 ILE A CA  1 
ATOM   319  C  C   . ILE A 1 52  ? 8.290   7.224   3.766   1.00 37.03 ? 266 ILE A C   1 
ATOM   320  O  O   . ILE A 1 52  ? 9.075   6.812   4.635   1.00 37.37 ? 266 ILE A O   1 
ATOM   321  C  CB  . ILE A 1 52  ? 9.100   8.318   1.644   1.00 37.66 ? 266 ILE A CB  1 
ATOM   322  C  CG1 . ILE A 1 52  ? 9.688   8.000   0.261   1.00 37.79 ? 266 ILE A CG1 1 
ATOM   323  C  CG2 . ILE A 1 52  ? 10.156  8.990   2.545   1.00 36.44 ? 266 ILE A CG2 1 
ATOM   324  C  CD1 . ILE A 1 52  ? 9.978   9.255   -0.619  1.00 39.21 ? 266 ILE A CD1 1 
ATOM   325  N  N   . PHE A 1 53  ? 7.135   7.818   4.054   1.00 37.45 ? 267 PHE A N   1 
ATOM   326  C  CA  . PHE A 1 53  ? 6.743   8.082   5.433   1.00 37.37 ? 267 PHE A CA  1 
ATOM   327  C  C   . PHE A 1 53  ? 6.645   6.799   6.245   1.00 36.93 ? 267 PHE A C   1 
ATOM   328  O  O   . PHE A 1 53  ? 7.020   6.776   7.433   1.00 37.56 ? 267 PHE A O   1 
ATOM   329  C  CB  . PHE A 1 53  ? 5.387   8.830   5.485   1.00 38.25 ? 267 PHE A CB  1 
ATOM   330  C  CG  . PHE A 1 53  ? 5.042   9.310   6.872   1.00 39.57 ? 267 PHE A CG  1 
ATOM   331  C  CD1 . PHE A 1 53  ? 5.548   10.518  7.351   1.00 43.55 ? 267 PHE A CD1 1 
ATOM   332  C  CD2 . PHE A 1 53  ? 4.234   8.545   7.710   1.00 42.50 ? 267 PHE A CD2 1 
ATOM   333  C  CE1 . PHE A 1 53  ? 5.252   10.957  8.653   1.00 44.22 ? 267 PHE A CE1 1 
ATOM   334  C  CE2 . PHE A 1 53  ? 3.923   8.973   8.995   1.00 43.30 ? 267 PHE A CE2 1 
ATOM   335  C  CZ  . PHE A 1 53  ? 4.442   10.183  9.475   1.00 42.36 ? 267 PHE A CZ  1 
ATOM   336  N  N   . ASN A 1 54  ? 6.162   5.737   5.596   1.00 37.33 ? 268 ASN A N   1 
ATOM   337  C  CA  . ASN A 1 54  ? 6.017   4.445   6.252   1.00 37.06 ? 268 ASN A CA  1 
ATOM   338  C  C   . ASN A 1 54  ? 7.234   3.529   6.092   1.00 36.01 ? 268 ASN A C   1 
ATOM   339  O  O   . ASN A 1 54  ? 7.151   2.315   6.312   1.00 36.10 ? 268 ASN A O   1 
ATOM   340  C  CB  . ASN A 1 54  ? 4.763   3.777   5.740   1.00 37.55 ? 268 ASN A CB  1 
ATOM   341  C  CG  . ASN A 1 54  ? 3.534   4.411   6.323   1.00 38.59 ? 268 ASN A CG  1 
ATOM   342  O  OD1 . ASN A 1 54  ? 3.123   4.064   7.435   1.00 36.93 ? 268 ASN A OD1 1 
ATOM   343  N  ND2 . ASN A 1 54  ? 2.944   5.355   5.595   1.00 35.84 ? 268 ASN A ND2 1 
ATOM   344  N  N   . LYS A 1 55  ? 8.350   4.137   5.723   1.00 35.90 ? 269 LYS A N   1 
ATOM   345  C  CA  . LYS A 1 55  ? 9.630   3.457   5.570   1.00 36.90 ? 269 LYS A CA  1 
ATOM   346  C  C   . LYS A 1 55  ? 9.624   2.287   4.581   1.00 36.66 ? 269 LYS A C   1 
ATOM   347  O  O   . LYS A 1 55  ? 10.304  1.255   4.826   1.00 38.01 ? 269 LYS A O   1 
ATOM   348  C  CB  . LYS A 1 55  ? 10.106  2.946   6.916   1.00 37.02 ? 269 LYS A CB  1 
ATOM   349  C  CG  . LYS A 1 55  ? 10.144  3.983   8.027   1.00 39.84 ? 269 LYS A CG  1 
ATOM   350  C  CD  . LYS A 1 55  ? 10.944  5.200   7.659   1.00 44.99 ? 269 LYS A CD  1 
ATOM   351  C  CE  . LYS A 1 55  ? 11.524  5.825   8.929   1.00 49.02 ? 269 LYS A CE  1 
ATOM   352  N  NZ  . LYS A 1 55  ? 11.184  7.268   9.004   1.00 51.15 ? 269 LYS A NZ  1 
ATOM   353  N  N   . GLN A 1 56  ? 8.907   2.456   3.468   1.00 36.11 ? 270 GLN A N   1 
ATOM   354  C  CA  . GLN A 1 56  ? 8.882   1.457   2.394   1.00 35.60 ? 270 GLN A CA  1 
ATOM   355  C  C   . GLN A 1 56  ? 9.728   1.959   1.239   1.00 36.88 ? 270 GLN A C   1 
ATOM   356  O  O   . GLN A 1 56  ? 9.743   3.161   0.957   1.00 37.46 ? 270 GLN A O   1 
ATOM   357  C  CB  . GLN A 1 56  ? 7.439   1.267   1.878   1.00 35.11 ? 270 GLN A CB  1 
ATOM   358  C  CG  . GLN A 1 56  ? 6.425   0.778   2.917   1.00 35.86 ? 270 GLN A CG  1 
ATOM   359  C  CD  . GLN A 1 56  ? 6.905   -0.478  3.623   1.00 37.85 ? 270 GLN A CD  1 
ATOM   360  O  OE1 . GLN A 1 56  ? 7.050   -1.527  3.003   1.00 37.40 ? 270 GLN A OE1 1 
ATOM   361  N  NE2 . GLN A 1 56  ? 7.135   -0.375  4.914   1.00 35.67 ? 270 GLN A NE2 1 
ATOM   362  N  N   . GLN A 1 57  ? 10.455  1.063   0.577   1.00 36.56 ? 271 GLN A N   1 
ATOM   363  C  CA  . GLN A 1 57  ? 11.152  1.444   -0.652  1.00 38.10 ? 271 GLN A CA  1 
ATOM   364  C  C   . GLN A 1 57  ? 10.176  1.906   -1.712  1.00 38.36 ? 271 GLN A C   1 
ATOM   365  O  O   . GLN A 1 57  ? 9.062   1.431   -1.765  1.00 38.45 ? 271 GLN A O   1 
ATOM   366  C  CB  . GLN A 1 57  ? 11.927  0.272   -1.224  1.00 38.92 ? 271 GLN A CB  1 
ATOM   367  C  CG  . GLN A 1 57  ? 13.163  -0.008  -0.489  1.00 42.28 ? 271 GLN A CG  1 
ATOM   368  C  CD  . GLN A 1 57  ? 14.035  -0.998  -1.224  1.00 47.06 ? 271 GLN A CD  1 
ATOM   369  O  OE1 . GLN A 1 57  ? 13.582  -1.691  -2.143  1.00 47.84 ? 271 GLN A OE1 1 
ATOM   370  N  NE2 . GLN A 1 57  ? 15.286  -1.085  -0.814  1.00 47.46 ? 271 GLN A NE2 1 
ATOM   371  N  N   . VAL A 1 58  ? 10.612  2.823   -2.573  1.00 38.45 ? 272 VAL A N   1 
ATOM   372  C  CA  . VAL A 1 58  ? 9.755   3.300   -3.660  1.00 38.84 ? 272 VAL A CA  1 
ATOM   373  C  C   . VAL A 1 58  ? 10.173  2.545   -4.917  1.00 38.83 ? 272 VAL A C   1 
ATOM   374  O  O   . VAL A 1 58  ? 11.323  2.658   -5.359  1.00 39.43 ? 272 VAL A O   1 
ATOM   375  C  CB  . VAL A 1 58  ? 9.925   4.821   -3.889  1.00 38.46 ? 272 VAL A CB  1 
ATOM   376  C  CG1 . VAL A 1 58  ? 9.015   5.313   -5.024  1.00 38.39 ? 272 VAL A CG1 1 
ATOM   377  C  CG2 . VAL A 1 58  ? 9.645   5.584   -2.619  1.00 40.09 ? 272 VAL A CG2 1 
ATOM   378  N  N   . PRO A 1 59  ? 9.269   1.717   -5.465  1.00 39.24 ? 273 PRO A N   1 
ATOM   379  C  CA  . PRO A 1 59  ? 9.581   0.957   -6.660  1.00 39.89 ? 273 PRO A CA  1 
ATOM   380  C  C   . PRO A 1 59  ? 9.516   1.883   -7.859  1.00 40.76 ? 273 PRO A C   1 
ATOM   381  O  O   . PRO A 1 59  ? 9.025   3.005   -7.749  1.00 40.83 ? 273 PRO A O   1 
ATOM   382  C  CB  . PRO A 1 59  ? 8.465   -0.086  -6.709  1.00 39.91 ? 273 PRO A CB  1 
ATOM   383  C  CG  . PRO A 1 59  ? 7.310   0.546   -6.016  1.00 38.60 ? 273 PRO A CG  1 
ATOM   384  C  CD  . PRO A 1 59  ? 7.912   1.442   -4.960  1.00 38.68 ? 273 PRO A CD  1 
ATOM   385  N  N   . SER A 1 60  ? 10.063  1.446   -8.985  1.00 42.19 ? 274 SER A N   1 
ATOM   386  C  CA  . SER A 1 60  ? 9.840   2.188   -10.210 1.00 43.61 ? 274 SER A CA  1 
ATOM   387  C  C   . SER A 1 60  ? 8.518   1.711   -10.820 1.00 43.91 ? 274 SER A C   1 
ATOM   388  O  O   . SER A 1 60  ? 8.126   0.540   -10.704 1.00 46.48 ? 274 SER A O   1 
ATOM   389  C  CB  . SER A 1 60  ? 11.015  2.019   -11.190 1.00 44.04 ? 274 SER A CB  1 
ATOM   390  O  OG  . SER A 1 60  ? 11.294  0.654   -11.338 1.00 46.80 ? 274 SER A OG  1 
ATOM   391  N  N   . GLY A 1 61  ? 7.828   2.621   -11.460 1.00 43.35 ? 275 GLY A N   1 
ATOM   392  C  CA  . GLY A 1 61  ? 6.594   2.298   -12.122 1.00 42.73 ? 275 GLY A CA  1 
ATOM   393  C  C   . GLY A 1 61  ? 5.474   2.833   -11.262 1.00 42.38 ? 275 GLY A C   1 
ATOM   394  O  O   . GLY A 1 61  ? 5.390   2.524   -10.065 1.00 41.76 ? 275 GLY A O   1 
ATOM   395  N  N   . GLU A 1 62  ? 4.628   3.640   -11.883 1.00 42.10 ? 276 GLU A N   1 
ATOM   396  C  CA  . GLU A 1 62  ? 3.509   4.245   -11.201 1.00 43.06 ? 276 GLU A CA  1 
ATOM   397  C  C   . GLU A 1 62  ? 2.565   3.178   -10.649 1.00 42.49 ? 276 GLU A C   1 
ATOM   398  O  O   . GLU A 1 62  ? 2.074   3.335   -9.539  1.00 41.00 ? 276 GLU A O   1 
ATOM   399  C  CB  . GLU A 1 62  ? 2.756   5.163   -12.125 1.00 43.50 ? 276 GLU A CB  1 
ATOM   400  C  CG  . GLU A 1 62  ? 3.478   6.457   -12.372 1.00 47.82 ? 276 GLU A CG  1 
ATOM   401  C  CD  . GLU A 1 62  ? 2.617   7.417   -13.122 1.00 52.81 ? 276 GLU A CD  1 
ATOM   402  O  OE1 . GLU A 1 62  ? 2.374   7.157   -14.316 1.00 57.62 ? 276 GLU A OE1 1 
ATOM   403  O  OE2 . GLU A 1 62  ? 2.179   8.424   -12.527 1.00 56.53 ? 276 GLU A OE2 1 
ATOM   404  N  N   . SER A 1 63  ? 2.320   2.108   -11.415 1.00 41.64 ? 277 SER A N   1 
ATOM   405  C  CA  . SER A 1 63  ? 1.436   1.023   -10.919 1.00 41.70 ? 277 SER A CA  1 
ATOM   406  C  C   . SER A 1 63  ? 1.940   0.334   -9.667  1.00 40.42 ? 277 SER A C   1 
ATOM   407  O  O   . SER A 1 63  ? 1.154   0.061   -8.747  1.00 40.21 ? 277 SER A O   1 
ATOM   408  C  CB  . SER A 1 63  ? 1.168   -0.025  -12.009 1.00 42.63 ? 277 SER A CB  1 
ATOM   409  O  OG  . SER A 1 63  ? 0.295   0.560   -12.953 1.00 49.76 ? 277 SER A OG  1 
ATOM   410  N  N   . ALA A 1 64  ? 3.236   0.048   -9.628  1.00 39.05 ? 278 ALA A N   1 
ATOM   411  C  CA  . ALA A 1 64  ? 3.848   -0.579  -8.445  1.00 38.38 ? 278 ALA A CA  1 
ATOM   412  C  C   . ALA A 1 64  ? 3.759   0.328   -7.220  1.00 37.36 ? 278 ALA A C   1 
ATOM   413  O  O   . ALA A 1 64  ? 3.488   -0.142  -6.130  1.00 37.42 ? 278 ALA A O   1 
ATOM   414  C  CB  . ALA A 1 64  ? 5.314   -0.989  -8.716  1.00 39.08 ? 278 ALA A CB  1 
ATOM   415  N  N   . ILE A 1 65  ? 4.005   1.624   -7.395  1.00 36.57 ? 279 ILE A N   1 
ATOM   416  C  CA  . ILE A 1 65  ? 3.845   2.558   -6.279  1.00 36.04 ? 279 ILE A CA  1 
ATOM   417  C  C   . ILE A 1 65  ? 2.406   2.504   -5.715  1.00 35.31 ? 279 ILE A C   1 
ATOM   418  O  O   . ILE A 1 65  ? 2.215   2.343   -4.517  1.00 36.92 ? 279 ILE A O   1 
ATOM   419  C  CB  . ILE A 1 65  ? 4.252   4.020   -6.713  1.00 36.25 ? 279 ILE A CB  1 
ATOM   420  C  CG1 . ILE A 1 65  ? 5.744   4.055   -7.026  1.00 34.07 ? 279 ILE A CG1 1 
ATOM   421  C  CG2 . ILE A 1 65  ? 3.878   5.023   -5.630  1.00 36.84 ? 279 ILE A CG2 1 
ATOM   422  C  CD1 . ILE A 1 65  ? 6.134   5.200   -7.956  1.00 36.16 ? 279 ILE A CD1 1 
ATOM   423  N  N   . LEU A 1 66  ? 1.413   2.592   -6.586  1.00 35.02 ? 280 LEU A N   1 
ATOM   424  C  CA  . LEU A 1 66  ? -0.004  2.537   -6.157  1.00 34.95 ? 280 LEU A CA  1 
ATOM   425  C  C   . LEU A 1 66  ? -0.267  1.194   -5.436  1.00 35.30 ? 280 LEU A C   1 
ATOM   426  O  O   . LEU A 1 66  ? -0.909  1.126   -4.353  1.00 35.68 ? 280 LEU A O   1 
ATOM   427  C  CB  . LEU A 1 66  ? -0.906  2.697   -7.386  1.00 35.27 ? 280 LEU A CB  1 
ATOM   428  C  CG  . LEU A 1 66  ? -2.402  2.542   -7.025  1.00 35.13 ? 280 LEU A CG  1 
ATOM   429  C  CD1 . LEU A 1 66  ? -2.924  3.607   -6.059  1.00 38.36 ? 280 LEU A CD1 1 
ATOM   430  C  CD2 . LEU A 1 66  ? -3.194  2.552   -8.370  1.00 36.29 ? 280 LEU A CD2 1 
ATOM   431  N  N   . ASP A 1 67  ? 0.209   0.107   -6.033  1.00 35.96 ? 281 ASP A N   1 
ATOM   432  C  CA  . ASP A 1 67  ? -0.045  -1.228  -5.457  1.00 36.13 ? 281 ASP A CA  1 
ATOM   433  C  C   . ASP A 1 67  ? 0.502   -1.323  -4.040  1.00 36.45 ? 281 ASP A C   1 
ATOM   434  O  O   . ASP A 1 67  ? -0.169  -1.853  -3.162  1.00 35.90 ? 281 ASP A O   1 
ATOM   435  C  CB  . ASP A 1 67  ? 0.595   -2.334  -6.301  1.00 35.61 ? 281 ASP A CB  1 
ATOM   436  C  CG  . ASP A 1 67  ? -0.145  -2.612  -7.613  1.00 38.82 ? 281 ASP A CG  1 
ATOM   437  O  OD1 . ASP A 1 67  ? -1.213  -2.032  -7.893  1.00 42.78 ? 281 ASP A OD1 1 
ATOM   438  O  OD2 . ASP A 1 67  ? 0.408   -3.422  -8.396  1.00 39.09 ? 281 ASP A OD2 1 
ATOM   439  N  N   . ARG A 1 68  ? 1.723   -0.835  -3.815  1.00 35.69 ? 282 ARG A N   1 
ATOM   440  C  CA  . ARG A 1 68  ? 2.325   -0.986  -2.484  1.00 34.79 ? 282 ARG A CA  1 
ATOM   441  C  C   . ARG A 1 68  ? 1.678   -0.087  -1.427  1.00 35.04 ? 282 ARG A C   1 
ATOM   442  O  O   . ARG A 1 68  ? 1.589   -0.482  -0.252  1.00 34.51 ? 282 ARG A O   1 
ATOM   443  C  CB  . ARG A 1 68  ? 3.838   -0.775  -2.559  1.00 34.69 ? 282 ARG A CB  1 
ATOM   444  C  CG  . ARG A 1 68  ? 4.495   -1.839  -3.374  1.00 36.15 ? 282 ARG A CG  1 
ATOM   445  C  CD  . ARG A 1 68  ? 5.973   -1.847  -3.168  1.00 37.73 ? 282 ARG A CD  1 
ATOM   446  N  NE  . ARG A 1 68  ? 6.573   -2.719  -4.186  1.00 36.57 ? 282 ARG A NE  1 
ATOM   447  C  CZ  . ARG A 1 68  ? 7.890   -2.907  -4.320  1.00 35.40 ? 282 ARG A CZ  1 
ATOM   448  N  NH1 . ARG A 1 68  ? 8.750   -2.346  -3.464  1.00 36.56 ? 282 ARG A NH1 1 
ATOM   449  N  NH2 . ARG A 1 68  ? 8.356   -3.693  -5.302  1.00 35.79 ? 282 ARG A NH2 1 
ATOM   450  N  N   . VAL A 1 69  ? 1.195   1.095   -1.832  1.00 34.03 ? 283 VAL A N   1 
ATOM   451  C  CA  . VAL A 1 69  ? 0.453   1.943   -0.885  1.00 35.12 ? 283 VAL A CA  1 
ATOM   452  C  C   . VAL A 1 69  ? -0.867  1.289   -0.515  1.00 33.92 ? 283 VAL A C   1 
ATOM   453  O  O   . VAL A 1 69  ? -1.211  1.215   0.659   1.00 36.07 ? 283 VAL A O   1 
ATOM   454  C  CB  . VAL A 1 69  ? 0.192   3.345   -1.424  1.00 35.09 ? 283 VAL A CB  1 
ATOM   455  C  CG1 . VAL A 1 69  ? -0.689  4.145   -0.456  1.00 36.13 ? 283 VAL A CG1 1 
ATOM   456  C  CG2 . VAL A 1 69  ? 1.583   4.072   -1.570  1.00 34.88 ? 283 VAL A CG2 1 
ATOM   457  N  N   . ALA A 1 70  ? -1.611  0.811   -1.513  1.00 35.97 ? 284 ALA A N   1 
ATOM   458  C  CA  . ALA A 1 70  ? -2.893  0.196   -1.154  1.00 36.64 ? 284 ALA A CA  1 
ATOM   459  C  C   . ALA A 1 70  ? -2.686  -1.035  -0.276  1.00 37.33 ? 284 ALA A C   1 
ATOM   460  O  O   . ALA A 1 70  ? -3.404  -1.236  0.715   1.00 36.88 ? 284 ALA A O   1 
ATOM   461  C  CB  . ALA A 1 70  ? -3.649  -0.165  -2.430  1.00 36.16 ? 284 ALA A CB  1 
ATOM   462  N  N   . ASP A 1 71  ? -1.681  -1.847  -0.590  1.00 37.25 ? 285 ASP A N   1 
ATOM   463  C  CA  . ASP A 1 71  ? -1.371  -3.003  0.257   1.00 37.28 ? 285 ASP A CA  1 
ATOM   464  C  C   . ASP A 1 71  ? -1.057  -2.572  1.659   1.00 37.06 ? 285 ASP A C   1 
ATOM   465  O  O   . ASP A 1 71  ? -1.529  -3.169  2.634   1.00 37.86 ? 285 ASP A O   1 
ATOM   466  C  CB  . ASP A 1 71  ? -0.156  -3.739  -0.269  1.00 37.35 ? 285 ASP A CB  1 
ATOM   467  C  CG  . ASP A 1 71  ? -0.464  -4.659  -1.419  1.00 39.99 ? 285 ASP A CG  1 
ATOM   468  O  OD1 . ASP A 1 71  ? -1.665  -4.834  -1.848  1.00 40.10 ? 285 ASP A OD1 1 
ATOM   469  O  OD2 . ASP A 1 71  ? 0.547   -5.225  -1.923  1.00 40.16 ? 285 ASP A OD2 1 
ATOM   470  N  N   . GLY A 1 72  ? -0.244  -1.519  1.790   1.00 36.11 ? 286 GLY A N   1 
ATOM   471  C  CA  . GLY A 1 72  ? 0.108   -1.023  3.116   1.00 36.50 ? 286 GLY A CA  1 
ATOM   472  C  C   . GLY A 1 72  ? -1.099  -0.566  3.892   1.00 36.66 ? 286 GLY A C   1 
ATOM   473  O  O   . GLY A 1 72  ? -1.183  -0.773  5.088   1.00 36.91 ? 286 GLY A O   1 
ATOM   474  N  N   . MET A 1 73  ? -2.037  0.087   3.212   1.00 36.66 ? 287 MET A N   1 
ATOM   475  C  CA  . MET A 1 73  ? -3.242  0.567   3.891   1.00 37.47 ? 287 MET A CA  1 
ATOM   476  C  C   . MET A 1 73  ? -4.225  -0.522  4.300   1.00 37.77 ? 287 MET A C   1 
ATOM   477  O  O   . MET A 1 73  ? -5.038  -0.313  5.215   1.00 38.20 ? 287 MET A O   1 
ATOM   478  C  CB  . MET A 1 73  ? -3.955  1.604   3.006   1.00 37.29 ? 287 MET A CB  1 
ATOM   479  C  CG  . MET A 1 73  ? -3.093  2.847   2.843   1.00 37.56 ? 287 MET A CG  1 
ATOM   480  S  SD  . MET A 1 73  ? -3.920  4.072   1.802   1.00 40.09 ? 287 MET A SD  1 
ATOM   481  C  CE  . MET A 1 73  ? -5.109  4.671   2.957   1.00 43.10 ? 287 MET A CE  1 
ATOM   482  N  N   . VAL A 1 74  ? -4.106  -1.684  3.662   1.00 35.60 ? 288 VAL A N   1 
ATOM   483  C  CA  . VAL A 1 74  ? -4.982  -2.829  3.959   1.00 35.69 ? 288 VAL A CA  1 
ATOM   484  C  C   . VAL A 1 74  ? -4.317  -3.803  4.978   1.00 36.43 ? 288 VAL A C   1 
ATOM   485  O  O   . VAL A 1 74  ? -4.984  -4.355  5.860   1.00 36.78 ? 288 VAL A O   1 
ATOM   486  C  CB  . VAL A 1 74  ? -5.341  -3.540  2.666   1.00 35.23 ? 288 VAL A CB  1 
ATOM   487  C  CG1 . VAL A 1 74  ? -6.073  -4.905  2.957   1.00 36.14 ? 288 VAL A CG1 1 
ATOM   488  C  CG2 . VAL A 1 74  ? -6.233  -2.615  1.761   1.00 36.68 ? 288 VAL A CG2 1 
ATOM   489  N  N   . PHE A 1 75  ? -3.012  -3.997  4.826   1.00 35.65 ? 289 PHE A N   1 
ATOM   490  C  CA  . PHE A 1 75  ? -2.292  -5.045  5.556   1.00 36.15 ? 289 PHE A CA  1 
ATOM   491  C  C   . PHE A 1 75  ? -1.293  -4.505  6.575   1.00 37.05 ? 289 PHE A C   1 
ATOM   492  O  O   . PHE A 1 75  ? -0.735  -5.271  7.391   1.00 37.74 ? 289 PHE A O   1 
ATOM   493  C  CB  . PHE A 1 75  ? -1.546  -5.959  4.557   1.00 35.64 ? 289 PHE A CB  1 
ATOM   494  C  CG  . PHE A 1 75  ? -2.421  -6.645  3.530   1.00 35.99 ? 289 PHE A CG  1 
ATOM   495  C  CD1 . PHE A 1 75  ? -2.224  -6.362  2.194   1.00 34.69 ? 289 PHE A CD1 1 
ATOM   496  C  CD2 . PHE A 1 75  ? -3.432  -7.549  3.893   1.00 33.91 ? 289 PHE A CD2 1 
ATOM   497  C  CE1 . PHE A 1 75  ? -3.019  -6.958  1.181   1.00 36.56 ? 289 PHE A CE1 1 
ATOM   498  C  CE2 . PHE A 1 75  ? -4.226  -8.143  2.916   1.00 35.64 ? 289 PHE A CE2 1 
ATOM   499  C  CZ  . PHE A 1 75  ? -4.020  -7.848  1.563   1.00 34.87 ? 289 PHE A CZ  1 
ATOM   500  N  N   . GLY A 1 76  ? -1.026  -3.203  6.552   1.00 36.31 ? 290 GLY A N   1 
ATOM   501  C  CA  . GLY A 1 76  ? -0.017  -2.678  7.468   1.00 36.13 ? 290 GLY A CA  1 
ATOM   502  C  C   . GLY A 1 76  ? 1.331   -2.491  6.795   1.00 35.90 ? 290 GLY A C   1 
ATOM   503  O  O   . GLY A 1 76  ? 1.589   -3.005  5.703   1.00 35.74 ? 290 GLY A O   1 
ATOM   504  N  N   . ALA A 1 77  ? 2.207   -1.716  7.446   1.00 35.34 ? 291 ALA A N   1 
ATOM   505  C  CA  . ALA A 1 77  ? 3.489   -1.396  6.850   1.00 35.53 ? 291 ALA A CA  1 
ATOM   506  C  C   . ALA A 1 77  ? 4.407   -2.587  7.100   1.00 36.56 ? 291 ALA A C   1 
ATOM   507  O  O   . ALA A 1 77  ? 4.511   -3.064  8.240   1.00 37.15 ? 291 ALA A O   1 
ATOM   508  C  CB  . ALA A 1 77  ? 4.113   -0.149  7.562   1.00 34.98 ? 291 ALA A CB  1 
ATOM   509  N  N   . LEU A 1 78  ? 5.097   -3.038  6.079   1.00 36.85 ? 292 LEU A N   1 
ATOM   510  C  CA  . LEU A 1 78  ? 6.068   -4.125  6.270   1.00 36.56 ? 292 LEU A CA  1 
ATOM   511  C  C   . LEU A 1 78  ? 7.273   -3.605  7.027   1.00 37.17 ? 292 LEU A C   1 
ATOM   512  O  O   . LEU A 1 78  ? 7.814   -2.539  6.697   1.00 37.29 ? 292 LEU A O   1 
ATOM   513  C  CB  . LEU A 1 78  ? 6.536   -4.664  4.913   1.00 35.90 ? 292 LEU A CB  1 
ATOM   514  C  CG  . LEU A 1 78  ? 5.515   -5.399  4.040   1.00 36.86 ? 292 LEU A CG  1 
ATOM   515  C  CD1 . LEU A 1 78  ? 5.904   -5.328  2.562   1.00 35.05 ? 292 LEU A CD1 1 
ATOM   516  C  CD2 . LEU A 1 78  ? 5.378   -6.844  4.520   1.00 36.87 ? 292 LEU A CD2 1 
ATOM   517  N  N   . LEU A 1 79  ? 7.734   -4.385  8.016   1.00 37.94 ? 293 LEU A N   1 
ATOM   518  C  CA  . LEU A 1 79  ? 8.972   -4.079  8.699   1.00 38.67 ? 293 LEU A CA  1 
ATOM   519  C  C   . LEU A 1 79  ? 10.150  -4.595  7.871   1.00 38.70 ? 293 LEU A C   1 
ATOM   520  O  O   . LEU A 1 79  ? 9.996   -5.537  7.066   1.00 38.25 ? 293 LEU A O   1 
ATOM   521  C  CB  . LEU A 1 79  ? 9.004   -4.693  10.112  1.00 39.61 ? 293 LEU A CB  1 
ATOM   522  C  CG  . LEU A 1 79  ? 7.984   -4.109  11.093  1.00 41.21 ? 293 LEU A CG  1 
ATOM   523  C  CD1 . LEU A 1 79  ? 8.049   -4.837  12.430  1.00 43.68 ? 293 LEU A CD1 1 
ATOM   524  C  CD2 . LEU A 1 79  ? 8.259   -2.633  11.273  1.00 44.90 ? 293 LEU A CD2 1 
ATOM   525  N  N   . PRO A 1 80  ? 11.327  -3.973  8.045   1.00 39.31 ? 294 PRO A N   1 
ATOM   526  C  CA  . PRO A 1 80  ? 12.484  -4.453  7.306   1.00 38.81 ? 294 PRO A CA  1 
ATOM   527  C  C   . PRO A 1 80  ? 12.796  -5.888  7.669   1.00 39.08 ? 294 PRO A C   1 
ATOM   528  O  O   . PRO A 1 80  ? 12.471  -6.336  8.776   1.00 39.23 ? 294 PRO A O   1 
ATOM   529  C  CB  . PRO A 1 80  ? 13.624  -3.549  7.795   1.00 38.31 ? 294 PRO A CB  1 
ATOM   530  C  CG  . PRO A 1 80  ? 12.950  -2.331  8.338   1.00 39.84 ? 294 PRO A CG  1 
ATOM   531  C  CD  . PRO A 1 80  ? 11.650  -2.805  8.887   1.00 39.24 ? 294 PRO A CD  1 
ATOM   532  N  N   . CYS A 1 81  ? 13.402  -6.613  6.736   1.00 37.98 ? 295 CYS A N   1 
ATOM   533  C  CA  . CYS A 1 81  ? 13.804  -7.982  7.002   1.00 37.84 ? 295 CYS A CA  1 
ATOM   534  C  C   . CYS A 1 81  ? 14.592  -8.074  8.301   1.00 38.60 ? 295 CYS A C   1 
ATOM   535  O  O   . CYS A 1 81  ? 15.541  -7.328  8.519   1.00 38.17 ? 295 CYS A O   1 
ATOM   536  C  CB  . CYS A 1 81  ? 14.625  -8.500  5.837   1.00 37.72 ? 295 CYS A CB  1 
ATOM   537  S  SG  . CYS A 1 81  ? 15.233  -10.193 6.012   1.00 37.13 ? 295 CYS A SG  1 
ATOM   538  N  N   . GLU A 1 82  ? 14.220  -9.022  9.153   1.00 39.83 ? 296 GLU A N   1 
ATOM   539  C  CA  . GLU A 1 82  ? 14.939  -9.216  10.413  1.00 40.85 ? 296 GLU A CA  1 
ATOM   540  C  C   . GLU A 1 82  ? 16.312  -9.853  10.238  1.00 40.30 ? 296 GLU A C   1 
ATOM   541  O  O   . GLU A 1 82  ? 17.105  -9.899  11.206  1.00 40.39 ? 296 GLU A O   1 
ATOM   542  C  CB  . GLU A 1 82  ? 14.098  -10.064 11.369  1.00 41.86 ? 296 GLU A CB  1 
ATOM   543  C  CG  . GLU A 1 82  ? 13.926  -11.489 10.895  1.00 45.53 ? 296 GLU A CG  1 
ATOM   544  C  CD  . GLU A 1 82  ? 12.865  -12.235 11.669  1.00 50.09 ? 296 GLU A CD  1 
ATOM   545  O  OE1 . GLU A 1 82  ? 12.176  -11.623 12.522  1.00 52.52 ? 296 GLU A OE1 1 
ATOM   546  O  OE2 . GLU A 1 82  ? 12.738  -13.446 11.434  1.00 50.00 ? 296 GLU A OE2 1 
ATOM   547  N  N   . GLU A 1 83  ? 16.607  -10.364 9.044   1.00 39.17 ? 297 GLU A N   1 
ATOM   548  C  CA  . GLU A 1 83  ? 17.912  -10.971 8.802   1.00 40.16 ? 297 GLU A CA  1 
ATOM   549  C  C   . GLU A 1 83  ? 18.885  -10.012 8.122   1.00 39.32 ? 297 GLU A C   1 
ATOM   550  O  O   . GLU A 1 83  ? 20.051  -10.035 8.437   1.00 39.72 ? 297 GLU A O   1 
ATOM   551  C  CB  . GLU A 1 83  ? 17.811  -12.299 8.044   1.00 39.62 ? 297 GLU A CB  1 
ATOM   552  C  CG  . GLU A 1 83  ? 16.910  -13.316 8.754   1.00 41.21 ? 297 GLU A CG  1 
ATOM   553  C  CD  . GLU A 1 83  ? 16.977  -14.721 8.190   1.00 42.45 ? 297 GLU A CD  1 
ATOM   554  O  OE1 . GLU A 1 83  ? 17.867  -15.011 7.363   1.00 44.07 ? 297 GLU A OE1 1 
ATOM   555  O  OE2 . GLU A 1 83  ? 16.104  -15.549 8.555   1.00 44.41 ? 297 GLU A OE2 1 
ATOM   556  N  N   . CYS A 1 84  ? 18.411  -9.174  7.200   1.00 38.52 ? 298 CYS A N   1 
ATOM   557  C  CA  . CYS A 1 84  ? 19.326  -8.341  6.385   1.00 37.64 ? 298 CYS A CA  1 
ATOM   558  C  C   . CYS A 1 84  ? 18.886  -6.896  6.260   1.00 37.88 ? 298 CYS A C   1 
ATOM   559  O  O   . CYS A 1 84  ? 19.592  -6.088  5.657   1.00 38.51 ? 298 CYS A O   1 
ATOM   560  C  CB  . CYS A 1 84  ? 19.475  -8.926  4.980   1.00 37.41 ? 298 CYS A CB  1 
ATOM   561  S  SG  . CYS A 1 84  ? 18.125  -8.467  3.865   1.00 35.65 ? 298 CYS A SG  1 
ATOM   562  N  N   . SER A 1 85  ? 17.711  -6.594  6.806   1.00 37.49 ? 299 SER A N   1 
ATOM   563  C  CA  . SER A 1 85  ? 17.080  -5.254  6.799   1.00 38.05 ? 299 SER A CA  1 
ATOM   564  C  C   . SER A 1 85  ? 16.597  -4.769  5.425   1.00 37.57 ? 299 SER A C   1 
ATOM   565  O  O   . SER A 1 85  ? 16.172  -3.615  5.264   1.00 37.43 ? 299 SER A O   1 
ATOM   566  C  CB  . SER A 1 85  ? 17.955  -4.200  7.481   1.00 39.11 ? 299 SER A CB  1 
ATOM   567  O  OG  . SER A 1 85  ? 18.909  -3.715  6.562   1.00 44.12 ? 299 SER A OG  1 
ATOM   568  N  N   . GLY A 1 86  ? 16.589  -5.677  4.455   1.00 37.18 ? 300 GLY A N   1 
ATOM   569  C  CA  . GLY A 1 86  ? 16.051  -5.387  3.121   1.00 35.80 ? 300 GLY A CA  1 
ATOM   570  C  C   . GLY A 1 86  ? 14.538  -5.247  3.072   1.00 36.14 ? 300 GLY A C   1 
ATOM   571  O  O   . GLY A 1 86  ? 13.829  -5.479  4.061   1.00 35.93 ? 300 GLY A O   1 
ATOM   572  N  N   . GLN A 1 87  ? 14.050  -4.860  1.902   1.00 35.34 ? 301 GLN A N   1 
ATOM   573  C  CA  . GLN A 1 87  ? 12.631  -4.656  1.707   1.00 34.64 ? 301 GLN A CA  1 
ATOM   574  C  C   . GLN A 1 87  ? 11.958  -5.951  1.256   1.00 33.87 ? 301 GLN A C   1 
ATOM   575  O  O   . GLN A 1 87  ? 12.345  -6.532  0.247   1.00 34.58 ? 301 GLN A O   1 
ATOM   576  C  CB  . GLN A 1 87  ? 12.430  -3.554  0.657   1.00 34.65 ? 301 GLN A CB  1 
ATOM   577  C  CG  . GLN A 1 87  ? 10.974  -3.280  0.254   1.00 35.70 ? 301 GLN A CG  1 
ATOM   578  C  CD  . GLN A 1 87  ? 10.161  -2.640  1.381   1.00 35.97 ? 301 GLN A CD  1 
ATOM   579  O  OE1 . GLN A 1 87  ? 10.512  -1.567  1.867   1.00 36.77 ? 301 GLN A OE1 1 
ATOM   580  N  NE2 . GLN A 1 87  ? 9.075   -3.297  1.791   1.00 34.84 ? 301 GLN A NE2 1 
ATOM   581  N  N   . LEU A 1 88  ? 10.957  -6.399  2.002   1.00 33.77 ? 302 LEU A N   1 
ATOM   582  C  CA  . LEU A 1 88  ? 10.091  -7.493  1.558   1.00 33.67 ? 302 LEU A CA  1 
ATOM   583  C  C   . LEU A 1 88  ? 9.106   -7.026  0.486   1.00 33.94 ? 302 LEU A C   1 
ATOM   584  O  O   . LEU A 1 88  ? 8.527   -5.912  0.566   1.00 34.20 ? 302 LEU A O   1 
ATOM   585  C  CB  . LEU A 1 88  ? 9.305   -8.097  2.732   1.00 33.61 ? 302 LEU A CB  1 
ATOM   586  C  CG  . LEU A 1 88  ? 10.158  -9.162  3.462   1.00 35.37 ? 302 LEU A CG  1 
ATOM   587  C  CD1 . LEU A 1 88  ? 11.375  -8.543  4.206   1.00 35.07 ? 302 LEU A CD1 1 
ATOM   588  C  CD2 . LEU A 1 88  ? 9.321   -9.986  4.413   1.00 39.25 ? 302 LEU A CD2 1 
ATOM   589  N  N   . VAL A 1 89  ? 8.903   -7.891  -0.495  1.00 35.35 ? 303 VAL A N   1 
ATOM   590  C  CA  . VAL A 1 89  ? 8.002   -7.602  -1.594  1.00 35.77 ? 303 VAL A CA  1 
ATOM   591  C  C   . VAL A 1 89  ? 7.007   -8.758  -1.818  1.00 36.30 ? 303 VAL A C   1 
ATOM   592  O  O   . VAL A 1 89  ? 7.389   -9.958  -1.849  1.00 34.93 ? 303 VAL A O   1 
ATOM   593  C  CB  . VAL A 1 89  ? 8.806   -7.336  -2.886  1.00 37.11 ? 303 VAL A CB  1 
ATOM   594  C  CG1 . VAL A 1 89  ? 7.885   -7.242  -4.087  1.00 38.47 ? 303 VAL A CG1 1 
ATOM   595  C  CG2 . VAL A 1 89  ? 9.664   -6.051  -2.731  1.00 36.20 ? 303 VAL A CG2 1 
ATOM   596  N  N   . PHE A 1 90  ? 5.738   -8.392  -2.005  1.00 36.91 ? 304 PHE A N   1 
ATOM   597  C  CA  . PHE A 1 90  ? 4.693   -9.391  -2.329  1.00 38.58 ? 304 PHE A CA  1 
ATOM   598  C  C   . PHE A 1 90  ? 4.932   -10.050 -3.684  1.00 39.73 ? 304 PHE A C   1 
ATOM   599  O  O   . PHE A 1 90  ? 5.069   -9.358  -4.704  1.00 40.15 ? 304 PHE A O   1 
ATOM   600  C  CB  . PHE A 1 90  ? 3.304   -8.711  -2.331  1.00 39.04 ? 304 PHE A CB  1 
ATOM   601  C  CG  . PHE A 1 90  ? 2.179   -9.625  -2.760  1.00 39.51 ? 304 PHE A CG  1 
ATOM   602  C  CD1 . PHE A 1 90  ? 1.670   -10.552 -1.882  1.00 39.76 ? 304 PHE A CD1 1 
ATOM   603  C  CD2 . PHE A 1 90  ? 1.642   -9.543  -4.046  1.00 43.62 ? 304 PHE A CD2 1 
ATOM   604  C  CE1 . PHE A 1 90  ? 0.629   -11.435 -2.252  1.00 40.79 ? 304 PHE A CE1 1 
ATOM   605  C  CE2 . PHE A 1 90  ? 0.606   -10.406 -4.437  1.00 45.60 ? 304 PHE A CE2 1 
ATOM   606  C  CZ  . PHE A 1 90  ? 0.109   -11.358 -3.517  1.00 43.06 ? 304 PHE A CZ  1 
ATOM   607  N  N   . LYS A 1 91  ? 4.959   -11.385 -3.716  1.00 40.57 ? 305 LYS A N   1 
ATOM   608  C  CA  . LYS A 1 91  ? 4.807   -12.127 -4.975  1.00 43.36 ? 305 LYS A CA  1 
ATOM   609  C  C   . LYS A 1 91  ? 3.568   -13.009 -4.836  1.00 44.61 ? 305 LYS A C   1 
ATOM   610  O  O   . LYS A 1 91  ? 2.990   -13.103 -3.758  1.00 45.46 ? 305 LYS A O   1 
ATOM   611  C  CB  . LYS A 1 91  ? 6.026   -13.002 -5.247  1.00 44.41 ? 305 LYS A CB  1 
ATOM   612  C  CG  . LYS A 1 91  ? 7.338   -12.279 -5.166  1.00 45.41 ? 305 LYS A CG  1 
ATOM   613  C  CD  . LYS A 1 91  ? 7.424   -11.149 -6.147  1.00 51.01 ? 305 LYS A CD  1 
ATOM   614  C  CE  . LYS A 1 91  ? 8.811   -10.521 -6.063  1.00 54.74 ? 305 LYS A CE  1 
ATOM   615  N  NZ  . LYS A 1 91  ? 9.815   -11.585 -6.238  1.00 56.85 ? 305 LYS A NZ  1 
ATOM   616  N  N   . SER A 1 92  ? 3.156   -13.697 -5.887  1.00 46.05 ? 306 SER A N   1 
ATOM   617  C  CA  . SER A 1 92  ? 1.890   -14.414 -5.789  1.00 46.74 ? 306 SER A CA  1 
ATOM   618  C  C   . SER A 1 92  ? 1.820   -15.440 -4.643  1.00 46.24 ? 306 SER A C   1 
ATOM   619  O  O   . SER A 1 92  ? 0.745   -15.656 -4.074  1.00 47.17 ? 306 SER A O   1 
ATOM   620  C  CB  . SER A 1 92  ? 1.518   -15.057 -7.128  1.00 47.04 ? 306 SER A CB  1 
ATOM   621  O  OG  . SER A 1 92  ? 2.395   -16.120 -7.447  1.00 51.08 ? 306 SER A OG  1 
ATOM   622  N  N   . ASP A 1 93  ? 2.949   -16.051 -4.289  1.00 44.68 ? 307 ASP A N   1 
ATOM   623  C  CA  . ASP A 1 93  ? 2.934   -17.153 -3.333  1.00 43.26 ? 307 ASP A CA  1 
ATOM   624  C  C   . ASP A 1 93  ? 3.469   -16.851 -1.942  1.00 41.69 ? 307 ASP A C   1 
ATOM   625  O  O   . ASP A 1 93  ? 3.341   -17.699 -1.069  1.00 41.64 ? 307 ASP A O   1 
ATOM   626  C  CB  . ASP A 1 93  ? 3.718   -18.344 -3.890  1.00 44.29 ? 307 ASP A CB  1 
ATOM   627  C  CG  . ASP A 1 93  ? 5.205   -18.048 -4.023  1.00 46.46 ? 307 ASP A CG  1 
ATOM   628  O  OD1 . ASP A 1 93  ? 5.559   -17.016 -4.644  1.00 47.88 ? 307 ASP A OD1 1 
ATOM   629  O  OD2 . ASP A 1 93  ? 6.012   -18.860 -3.520  1.00 50.47 ? 307 ASP A OD2 1 
ATOM   630  N  N   . ALA A 1 94  ? 4.106   -15.688 -1.751  1.00 39.36 ? 308 ALA A N   1 
ATOM   631  C  CA  . ALA A 1 94  ? 4.668   -15.293 -0.464  1.00 37.19 ? 308 ALA A CA  1 
ATOM   632  C  C   . ALA A 1 94  ? 5.262   -13.892 -0.610  1.00 37.13 ? 308 ALA A C   1 
ATOM   633  O  O   . ALA A 1 94  ? 5.398   -13.423 -1.743  1.00 36.86 ? 308 ALA A O   1 
ATOM   634  C  CB  . ALA A 1 94  ? 5.751   -16.262 -0.036  1.00 37.63 ? 308 ALA A CB  1 
ATOM   635  N  N   . TYR A 1 95  ? 5.575   -13.232 0.514   1.00 35.50 ? 309 TYR A N   1 
ATOM   636  C  CA  . TYR A 1 95  ? 6.478   -12.069 0.483   1.00 35.73 ? 309 TYR A CA  1 
ATOM   637  C  C   . TYR A 1 95  ? 7.903   -12.580 0.444   1.00 35.56 ? 309 TYR A C   1 
ATOM   638  O  O   . TYR A 1 95  ? 8.229   -13.555 1.143   1.00 36.12 ? 309 TYR A O   1 
ATOM   639  C  CB  . TYR A 1 95  ? 6.288   -11.196 1.707   1.00 35.42 ? 309 TYR A CB  1 
ATOM   640  C  CG  . TYR A 1 95  ? 4.956   -10.473 1.706   1.00 35.92 ? 309 TYR A CG  1 
ATOM   641  C  CD1 . TYR A 1 95  ? 3.790   -11.102 2.153   1.00 37.65 ? 309 TYR A CD1 1 
ATOM   642  C  CD2 . TYR A 1 95  ? 4.863   -9.166  1.246   1.00 38.12 ? 309 TYR A CD2 1 
ATOM   643  C  CE1 . TYR A 1 95  ? 2.565   -10.432 2.173   1.00 37.36 ? 309 TYR A CE1 1 
ATOM   644  C  CE2 . TYR A 1 95  ? 3.640   -8.493  1.239   1.00 37.86 ? 309 TYR A CE2 1 
ATOM   645  C  CZ  . TYR A 1 95  ? 2.490   -9.140  1.708   1.00 37.69 ? 309 TYR A CZ  1 
ATOM   646  O  OH  . TYR A 1 95  ? 1.251   -8.483  1.746   1.00 37.41 ? 309 TYR A OH  1 
ATOM   647  N  N   . TYR A 1 96  ? 8.743   -11.936 -0.364  1.00 34.85 ? 310 TYR A N   1 
ATOM   648  C  CA  . TYR A 1 96  ? 10.162  -12.306 -0.483  1.00 33.71 ? 310 TYR A CA  1 
ATOM   649  C  C   . TYR A 1 96  ? 11.059  -11.117 -0.170  1.00 33.98 ? 310 TYR A C   1 
ATOM   650  O  O   . TYR A 1 96  ? 10.819  -10.013 -0.667  1.00 33.14 ? 310 TYR A O   1 
ATOM   651  C  CB  . TYR A 1 96  ? 10.478  -12.719 -1.920  1.00 35.10 ? 310 TYR A CB  1 
ATOM   652  C  CG  . TYR A 1 96  ? 9.928   -14.053 -2.344  1.00 35.91 ? 310 TYR A CG  1 
ATOM   653  C  CD1 . TYR A 1 96  ? 8.583   -14.191 -2.696  1.00 36.73 ? 310 TYR A CD1 1 
ATOM   654  C  CD2 . TYR A 1 96  ? 10.754  -15.169 -2.421  1.00 37.78 ? 310 TYR A CD2 1 
ATOM   655  C  CE1 . TYR A 1 96  ? 8.072   -15.402 -3.075  1.00 35.82 ? 310 TYR A CE1 1 
ATOM   656  C  CE2 . TYR A 1 96  ? 10.236  -16.401 -2.829  1.00 38.83 ? 310 TYR A CE2 1 
ATOM   657  C  CZ  . TYR A 1 96  ? 8.887   -16.486 -3.151  1.00 36.96 ? 310 TYR A CZ  1 
ATOM   658  O  OH  . TYR A 1 96  ? 8.377   -17.699 -3.568  1.00 41.11 ? 310 TYR A OH  1 
ATOM   659  N  N   . CYS A 1 97  ? 12.070  -11.301 0.667   1.00 34.14 ? 311 CYS A N   1 
ATOM   660  C  CA  . CYS A 1 97  ? 13.042  -10.219 0.872   1.00 33.91 ? 311 CYS A CA  1 
ATOM   661  C  C   . CYS A 1 97  ? 13.826  -9.959  -0.407  1.00 34.52 ? 311 CYS A C   1 
ATOM   662  O  O   . CYS A 1 97  ? 14.163  -10.906 -1.134  1.00 35.50 ? 311 CYS A O   1 
ATOM   663  C  CB  . CYS A 1 97  ? 13.993  -10.505 2.043   1.00 34.74 ? 311 CYS A CB  1 
ATOM   664  S  SG  . CYS A 1 97  ? 15.101  -9.135  2.377   1.00 35.04 ? 311 CYS A SG  1 
ATOM   665  N  N   . THR A 1 98  ? 14.162  -8.691  -0.664  1.00 34.24 ? 312 THR A N   1 
ATOM   666  C  CA  . THR A 1 98  ? 14.948  -8.345  -1.860  1.00 35.20 ? 312 THR A CA  1 
ATOM   667  C  C   . THR A 1 98  ? 16.343  -7.838  -1.473  1.00 34.99 ? 312 THR A C   1 
ATOM   668  O  O   . THR A 1 98  ? 17.085  -7.282  -2.309  1.00 35.36 ? 312 THR A O   1 
ATOM   669  C  CB  . THR A 1 98  ? 14.268  -7.278  -2.720  1.00 35.06 ? 312 THR A CB  1 
ATOM   670  O  OG1 . THR A 1 98  ? 14.021  -6.109  -1.921  1.00 34.53 ? 312 THR A OG1 1 
ATOM   671  C  CG2 . THR A 1 98  ? 12.920  -7.783  -3.262  1.00 37.21 ? 312 THR A CG2 1 
ATOM   672  N  N   . GLY A 1 99  ? 16.704  -8.018  -0.208  1.00 35.43 ? 313 GLY A N   1 
ATOM   673  C  CA  . GLY A 1 99  ? 17.951  -7.439  0.305   1.00 35.63 ? 313 GLY A CA  1 
ATOM   674  C  C   . GLY A 1 99  ? 19.213  -8.222  0.014   1.00 36.49 ? 313 GLY A C   1 
ATOM   675  O  O   . GLY A 1 99  ? 19.181  -9.332  -0.505  1.00 36.87 ? 313 GLY A O   1 
ATOM   676  N  N   . ASP A 1 100 ? 20.341  -7.621  0.366   1.00 36.80 ? 314 ASP A N   1 
ATOM   677  C  CA  . ASP A 1 100 ? 21.653  -8.227  0.186   1.00 37.94 ? 314 ASP A CA  1 
ATOM   678  C  C   . ASP A 1 100 ? 22.232  -8.571  1.546   1.00 38.71 ? 314 ASP A C   1 
ATOM   679  O  O   . ASP A 1 100 ? 22.363  -7.676  2.388   1.00 39.54 ? 314 ASP A O   1 
ATOM   680  C  CB  . ASP A 1 100 ? 22.598  -7.225  -0.482  1.00 37.78 ? 314 ASP A CB  1 
ATOM   681  C  CG  . ASP A 1 100 ? 22.136  -6.819  -1.860  1.00 39.05 ? 314 ASP A CG  1 
ATOM   682  O  OD1 . ASP A 1 100 ? 22.164  -7.658  -2.777  1.00 42.66 ? 314 ASP A OD1 1 
ATOM   683  O  OD2 . ASP A 1 100 ? 21.735  -5.660  -2.038  1.00 42.61 ? 314 ASP A OD2 1 
ATOM   684  N  N   . VAL A 1 101 ? 22.593  -9.841  1.757   1.00 38.74 ? 315 VAL A N   1 
ATOM   685  C  CA  . VAL A 1 101 ? 23.318  -10.239 2.967   1.00 39.20 ? 315 VAL A CA  1 
ATOM   686  C  C   . VAL A 1 101 ? 24.763  -9.721  2.936   1.00 39.82 ? 315 VAL A C   1 
ATOM   687  O  O   . VAL A 1 101 ? 25.274  -9.214  3.938   1.00 41.27 ? 315 VAL A O   1 
ATOM   688  C  CB  . VAL A 1 101 ? 23.277  -11.775 3.196   1.00 39.07 ? 315 VAL A CB  1 
ATOM   689  C  CG1 . VAL A 1 101 ? 24.115  -12.175 4.407   1.00 39.43 ? 315 VAL A CG1 1 
ATOM   690  C  CG2 . VAL A 1 101 ? 21.826  -12.233 3.384   1.00 39.52 ? 315 VAL A CG2 1 
ATOM   691  N  N   . THR A 1 102 ? 25.429  -9.882  1.790   1.00 39.10 ? 316 THR A N   1 
ATOM   692  C  CA  . THR A 1 102 ? 26.748  -9.319  1.551   1.00 37.91 ? 316 THR A CA  1 
ATOM   693  C  C   . THR A 1 102 ? 26.702  -8.767  0.142   1.00 37.64 ? 316 THR A C   1 
ATOM   694  O  O   . THR A 1 102 ? 25.682  -8.878  -0.526  1.00 37.38 ? 316 THR A O   1 
ATOM   695  C  CB  . THR A 1 102 ? 27.846  -10.389 1.575   1.00 38.25 ? 316 THR A CB  1 
ATOM   696  O  OG1 . THR A 1 102 ? 27.797  -11.136 0.352   1.00 37.03 ? 316 THR A OG1 1 
ATOM   697  C  CG2 . THR A 1 102 ? 27.704  -11.328 2.792   1.00 37.48 ? 316 THR A CG2 1 
ATOM   698  N  N   . ALA A 1 103 ? 27.811  -8.206  -0.321  1.00 37.25 ? 317 ALA A N   1 
ATOM   699  C  CA  . ALA A 1 103 ? 27.896  -7.704  -1.695  1.00 37.47 ? 317 ALA A CA  1 
ATOM   700  C  C   . ALA A 1 103 ? 27.780  -8.839  -2.722  1.00 37.18 ? 317 ALA A C   1 
ATOM   701  O  O   . ALA A 1 103 ? 27.516  -8.585  -3.907  1.00 37.36 ? 317 ALA A O   1 
ATOM   702  C  CB  . ALA A 1 103 ? 29.196  -6.930  -1.909  1.00 36.92 ? 317 ALA A CB  1 
ATOM   703  N  N   . TRP A 1 104 ? 27.963  -10.081 -2.256  1.00 35.75 ? 318 TRP A N   1 
ATOM   704  C  CA  . TRP A 1 104 ? 27.964  -11.251 -3.129  1.00 34.33 ? 318 TRP A CA  1 
ATOM   705  C  C   . TRP A 1 104 ? 26.920  -12.328 -2.781  1.00 33.81 ? 318 TRP A C   1 
ATOM   706  O  O   . TRP A 1 104 ? 26.891  -13.360 -3.428  1.00 32.45 ? 318 TRP A O   1 
ATOM   707  C  CB  . TRP A 1 104 ? 29.368  -11.850 -3.168  1.00 34.48 ? 318 TRP A CB  1 
ATOM   708  C  CG  . TRP A 1 104 ? 30.421  -10.782 -3.101  1.00 34.02 ? 318 TRP A CG  1 
ATOM   709  C  CD1 . TRP A 1 104 ? 30.931  -10.060 -4.155  1.00 34.81 ? 318 TRP A CD1 1 
ATOM   710  C  CD2 . TRP A 1 104 ? 31.068  -10.288 -1.905  1.00 33.25 ? 318 TRP A CD2 1 
ATOM   711  N  NE1 . TRP A 1 104 ? 31.868  -9.156  -3.687  1.00 33.60 ? 318 TRP A NE1 1 
ATOM   712  C  CE2 . TRP A 1 104 ? 31.977  -9.279  -2.311  1.00 34.16 ? 318 TRP A CE2 1 
ATOM   713  C  CE3 . TRP A 1 104 ? 30.980  -10.613 -0.531  1.00 33.17 ? 318 TRP A CE3 1 
ATOM   714  C  CZ2 . TRP A 1 104 ? 32.791  -8.589  -1.389  1.00 35.35 ? 318 TRP A CZ2 1 
ATOM   715  C  CZ3 . TRP A 1 104 ? 31.822  -9.949  0.371   1.00 34.59 ? 318 TRP A CZ3 1 
ATOM   716  C  CH2 . TRP A 1 104 ? 32.716  -8.947  -0.062  1.00 35.94 ? 318 TRP A CH2 1 
ATOM   717  N  N   . THR A 1 105 ? 26.069  -12.080 -1.784  1.00 34.06 ? 319 THR A N   1 
ATOM   718  C  CA  . THR A 1 105 ? 25.012  -13.043 -1.395  1.00 34.70 ? 319 THR A CA  1 
ATOM   719  C  C   . THR A 1 105 ? 23.655  -12.367 -1.135  1.00 35.02 ? 319 THR A C   1 
ATOM   720  O  O   . THR A 1 105 ? 23.560  -11.432 -0.350  1.00 35.01 ? 319 THR A O   1 
ATOM   721  C  CB  . THR A 1 105 ? 25.487  -13.865 -0.183  1.00 34.73 ? 319 THR A CB  1 
ATOM   722  O  OG1 . THR A 1 105 ? 26.605  -14.667 -0.579  1.00 35.09 ? 319 THR A OG1 1 
ATOM   723  C  CG2 . THR A 1 105 ? 24.395  -14.801 0.342   1.00 36.46 ? 319 THR A CG2 1 
ATOM   724  N  N   . LYS A 1 106 ? 22.608  -12.835 -1.817  1.00 34.76 ? 320 LYS A N   1 
ATOM   725  C  CA  . LYS A 1 106 ? 21.258  -12.300 -1.659  1.00 35.77 ? 320 LYS A CA  1 
ATOM   726  C  C   . LYS A 1 106 ? 20.530  -12.932 -0.468  1.00 35.28 ? 320 LYS A C   1 
ATOM   727  O  O   . LYS A 1 106 ? 20.728  -14.115 -0.163  1.00 35.41 ? 320 LYS A O   1 
ATOM   728  C  CB  . LYS A 1 106 ? 20.456  -12.553 -2.941  1.00 36.42 ? 320 LYS A CB  1 
ATOM   729  C  CG  . LYS A 1 106 ? 20.870  -11.693 -4.139  1.00 37.18 ? 320 LYS A CG  1 
ATOM   730  C  CD  . LYS A 1 106 ? 20.482  -10.251 -3.934  1.00 40.38 ? 320 LYS A CD  1 
ATOM   731  C  CE  . LYS A 1 106 ? 20.832  -9.386  -5.134  1.00 42.00 ? 320 LYS A CE  1 
ATOM   732  N  NZ  . LYS A 1 106 ? 20.346  -8.003  -4.938  1.00 43.17 ? 320 LYS A NZ  1 
ATOM   733  N  N   . CYS A 1 107 ? 19.713  -12.138 0.212   1.00 35.34 ? 321 CYS A N   1 
ATOM   734  C  CA  . CYS A 1 107 ? 18.837  -12.696 1.230   1.00 35.33 ? 321 CYS A CA  1 
ATOM   735  C  C   . CYS A 1 107 ? 17.812  -13.630 0.599   1.00 35.86 ? 321 CYS A C   1 
ATOM   736  O  O   . CYS A 1 107 ? 17.265  -13.305 -0.469  1.00 35.27 ? 321 CYS A O   1 
ATOM   737  C  CB  . CYS A 1 107 ? 18.120  -11.590 1.951   1.00 36.01 ? 321 CYS A CB  1 
ATOM   738  S  SG  . CYS A 1 107 ? 17.208  -12.181 3.385   1.00 35.51 ? 321 CYS A SG  1 
ATOM   739  N  N   . MET A 1 108 ? 17.518  -14.753 1.276   1.00 34.85 ? 322 MET A N   1 
ATOM   740  C  CA  . MET A 1 108 ? 16.532  -15.728 0.787   1.00 35.74 ? 322 MET A CA  1 
ATOM   741  C  C   . MET A 1 108 ? 15.244  -15.754 1.604   1.00 35.59 ? 322 MET A C   1 
ATOM   742  O  O   . MET A 1 108 ? 14.405  -16.635 1.415   1.00 35.18 ? 322 MET A O   1 
ATOM   743  C  CB  . MET A 1 108 ? 17.133  -17.141 0.742   1.00 35.59 ? 322 MET A CB  1 
ATOM   744  C  CG  . MET A 1 108 ? 18.026  -17.403 -0.477  1.00 36.28 ? 322 MET A CG  1 
ATOM   745  S  SD  . MET A 1 108 ? 18.706  -19.063 -0.464  1.00 40.29 ? 322 MET A SD  1 
ATOM   746  C  CE  . MET A 1 108 ? 19.646  -18.852 1.011   1.00 30.47 ? 322 MET A CE  1 
ATOM   747  N  N   . VAL A 1 109 ? 15.090  -14.784 2.504   1.00 35.41 ? 323 VAL A N   1 
ATOM   748  C  CA  . VAL A 1 109 ? 13.915  -14.732 3.375   1.00 35.93 ? 323 VAL A CA  1 
ATOM   749  C  C   . VAL A 1 109 ? 12.617  -14.761 2.565   1.00 36.07 ? 323 VAL A C   1 
ATOM   750  O  O   . VAL A 1 109 ? 12.457  -14.049 1.543   1.00 35.94 ? 323 VAL A O   1 
ATOM   751  C  CB  . VAL A 1 109 ? 13.994  -13.526 4.325   1.00 34.98 ? 323 VAL A CB  1 
ATOM   752  C  CG1 . VAL A 1 109 ? 12.624  -13.175 4.959   1.00 37.28 ? 323 VAL A CG1 1 
ATOM   753  C  CG2 . VAL A 1 109 ? 15.009  -13.820 5.398   1.00 36.33 ? 323 VAL A CG2 1 
ATOM   754  N  N   . LYS A 1 110 ? 11.672  -15.572 3.024   1.00 35.63 ? 324 LYS A N   1 
ATOM   755  C  CA  . LYS A 1 110 ? 10.396  -15.675 2.322   1.00 37.72 ? 324 LYS A CA  1 
ATOM   756  C  C   . LYS A 1 110 ? 9.373   -16.051 3.366   1.00 37.06 ? 324 LYS A C   1 
ATOM   757  O  O   . LYS A 1 110 ? 9.655   -16.900 4.211   1.00 36.38 ? 324 LYS A O   1 
ATOM   758  C  CB  . LYS A 1 110 ? 10.544  -16.776 1.270   1.00 39.72 ? 324 LYS A CB  1 
ATOM   759  C  CG  . LYS A 1 110 ? 9.319   -17.214 0.632   1.00 43.37 ? 324 LYS A CG  1 
ATOM   760  C  CD  . LYS A 1 110 ? 9.541   -18.594 0.094   1.00 47.63 ? 324 LYS A CD  1 
ATOM   761  C  CE  . LYS A 1 110 ? 8.214   -19.172 -0.343  1.00 49.91 ? 324 LYS A CE  1 
ATOM   762  N  NZ  . LYS A 1 110 ? 8.219   -20.648 -0.225  1.00 53.56 ? 324 LYS A NZ  1 
ATOM   763  N  N   . THR A 1 111 ? 8.215   -15.395 3.365   1.00 35.50 ? 325 THR A N   1 
ATOM   764  C  CA  . THR A 1 111 ? 7.173   -15.729 4.328   1.00 37.12 ? 325 THR A CA  1 
ATOM   765  C  C   . THR A 1 111 ? 5.798   -15.298 3.856   1.00 37.95 ? 325 THR A C   1 
ATOM   766  O  O   . THR A 1 111 ? 5.680   -14.299 3.160   1.00 36.88 ? 325 THR A O   1 
ATOM   767  C  CB  . THR A 1 111 ? 7.424   -15.127 5.711   1.00 37.39 ? 325 THR A CB  1 
ATOM   768  O  OG1 . THR A 1 111 ? 6.309   -15.467 6.559   1.00 38.84 ? 325 THR A OG1 1 
ATOM   769  C  CG2 . THR A 1 111 ? 7.624   -13.594 5.619   1.00 38.32 ? 325 THR A CG2 1 
ATOM   770  N  N   . GLN A 1 112 ? 4.769   -16.064 4.236   1.00 38.30 ? 326 GLN A N   1 
ATOM   771  C  CA  . GLN A 1 112 ? 3.395   -15.599 3.989   1.00 39.28 ? 326 GLN A CA  1 
ATOM   772  C  C   . GLN A 1 112 ? 2.882   -14.735 5.134   1.00 40.21 ? 326 GLN A C   1 
ATOM   773  O  O   . GLN A 1 112 ? 1.795   -14.132 5.021   1.00 40.53 ? 326 GLN A O   1 
ATOM   774  C  CB  . GLN A 1 112 ? 2.486   -16.805 3.771   1.00 40.03 ? 326 GLN A CB  1 
ATOM   775  C  CG  . GLN A 1 112 ? 2.755   -17.537 2.465   1.00 40.59 ? 326 GLN A CG  1 
ATOM   776  C  CD  . GLN A 1 112 ? 1.726   -18.599 2.196   1.00 40.65 ? 326 GLN A CD  1 
ATOM   777  O  OE1 . GLN A 1 112 ? 1.056   -19.048 3.109   1.00 44.96 ? 326 GLN A OE1 1 
ATOM   778  N  NE2 . GLN A 1 112 ? 1.594   -19.003 0.948   1.00 42.32 ? 326 GLN A NE2 1 
ATOM   779  N  N   . THR A 1 113 ? 3.662   -14.646 6.219   1.00 39.24 ? 327 THR A N   1 
ATOM   780  C  CA  . THR A 1 113 ? 3.269   -13.882 7.411   1.00 39.82 ? 327 THR A CA  1 
ATOM   781  C  C   . THR A 1 113 ? 4.330   -12.870 7.868   1.00 39.37 ? 327 THR A C   1 
ATOM   782  O  O   . THR A 1 113 ? 4.855   -12.970 8.973   1.00 40.48 ? 327 THR A O   1 
ATOM   783  C  CB  . THR A 1 113 ? 2.892   -14.811 8.598   1.00 40.58 ? 327 THR A CB  1 
ATOM   784  O  OG1 . THR A 1 113 ? 3.993   -15.675 8.907   1.00 40.10 ? 327 THR A OG1 1 
ATOM   785  C  CG2 . THR A 1 113 ? 1.692   -15.700 8.249   1.00 40.42 ? 327 THR A CG2 1 
ATOM   786  N  N   . PRO A 1 114 ? 4.652   -11.878 7.015   1.00 39.09 ? 328 PRO A N   1 
ATOM   787  C  CA  . PRO A 1 114 ? 5.746   -10.991 7.372   1.00 39.20 ? 328 PRO A CA  1 
ATOM   788  C  C   . PRO A 1 114 ? 5.400   -10.097 8.553   1.00 39.94 ? 328 PRO A C   1 
ATOM   789  O  O   . PRO A 1 114 ? 4.215   -9.792  8.768   1.00 39.70 ? 328 PRO A O   1 
ATOM   790  C  CB  . PRO A 1 114 ? 5.937   -10.147 6.101   1.00 38.73 ? 328 PRO A CB  1 
ATOM   791  C  CG  . PRO A 1 114 ? 4.606   -10.145 5.440   1.00 38.34 ? 328 PRO A CG  1 
ATOM   792  C  CD  . PRO A 1 114 ? 4.080   -11.541 5.701   1.00 39.65 ? 328 PRO A CD  1 
ATOM   793  N  N   . ASN A 1 115 ? 6.417   -9.664  9.295   1.00 40.03 ? 329 ASN A N   1 
ATOM   794  C  CA  . ASN A 1 115 ? 6.192   -8.744  10.393  1.00 40.54 ? 329 ASN A CA  1 
ATOM   795  C  C   . ASN A 1 115 ? 5.693   -7.397  9.891   1.00 39.80 ? 329 ASN A C   1 
ATOM   796  O  O   . ASN A 1 115 ? 6.214   -6.895  8.899   1.00 38.92 ? 329 ASN A O   1 
ATOM   797  C  CB  . ASN A 1 115 ? 7.468   -8.545  11.177  1.00 40.78 ? 329 ASN A CB  1 
ATOM   798  C  CG  . ASN A 1 115 ? 7.936   -9.839  11.852  1.00 42.53 ? 329 ASN A CG  1 
ATOM   799  O  OD1 . ASN A 1 115 ? 7.111   -10.650 12.297  1.00 42.83 ? 329 ASN A OD1 1 
ATOM   800  N  ND2 . ASN A 1 115 ? 9.244   -10.042 11.906  1.00 45.80 ? 329 ASN A ND2 1 
ATOM   801  N  N   . ARG A 1 116 ? 4.731   -6.826  10.618  1.00 40.27 ? 330 ARG A N   1 
ATOM   802  C  CA  . ARG A 1 116 ? 4.092   -5.545  10.260  1.00 41.02 ? 330 ARG A CA  1 
ATOM   803  C  C   . ARG A 1 116 ? 4.102   -4.554  11.420  1.00 41.15 ? 330 ARG A C   1 
ATOM   804  O  O   . ARG A 1 116 ? 4.288   -4.928  12.589  1.00 40.63 ? 330 ARG A O   1 
ATOM   805  C  CB  . ARG A 1 116 ? 2.611   -5.757  9.926   1.00 40.28 ? 330 ARG A CB  1 
ATOM   806  C  CG  . ARG A 1 116 ? 2.269   -6.854  8.892   1.00 43.56 ? 330 ARG A CG  1 
ATOM   807  C  CD  . ARG A 1 116 ? 2.303   -6.336  7.499   1.00 43.28 ? 330 ARG A CD  1 
ATOM   808  N  NE  . ARG A 1 116 ? 1.834   -7.349  6.538   1.00 40.63 ? 330 ARG A NE  1 
ATOM   809  C  CZ  . ARG A 1 116 ? 1.717   -7.151  5.231   1.00 42.59 ? 330 ARG A CZ  1 
ATOM   810  N  NH1 . ARG A 1 116 ? 1.993   -5.950  4.690   1.00 38.71 ? 330 ARG A NH1 1 
ATOM   811  N  NH2 . ARG A 1 116 ? 1.284   -8.163  4.470   1.00 37.29 ? 330 ARG A NH2 1 
ATOM   812  N  N   . LYS A 1 117 ? 3.875   -3.286  11.077  1.00 40.33 ? 331 LYS A N   1 
ATOM   813  C  CA  . LYS A 1 117 ? 3.400   -2.313  12.042  1.00 41.10 ? 331 LYS A CA  1 
ATOM   814  C  C   . LYS A 1 117 ? 2.241   -1.580  11.392  1.00 40.59 ? 331 LYS A C   1 
ATOM   815  O  O   . LYS A 1 117 ? 1.962   -1.815  10.206  1.00 40.28 ? 331 LYS A O   1 
ATOM   816  C  CB  . LYS A 1 117 ? 4.523   -1.408  12.526  1.00 41.09 ? 331 LYS A CB  1 
ATOM   817  C  CG  . LYS A 1 117 ? 5.091   -0.442  11.517  1.00 42.96 ? 331 LYS A CG  1 
ATOM   818  C  CD  . LYS A 1 117 ? 6.163   0.424   12.168  1.00 47.42 ? 331 LYS A CD  1 
ATOM   819  C  CE  . LYS A 1 117 ? 5.550   1.470   13.100  1.00 51.05 ? 331 LYS A CE  1 
ATOM   820  N  NZ  . LYS A 1 117 ? 6.576   2.181   13.932  1.00 55.18 ? 331 LYS A NZ  1 
ATOM   821  N  N   . GLU A 1 118 ? 1.497   -0.782  12.149  1.00 40.62 ? 332 GLU A N   1 
ATOM   822  C  CA  . GLU A 1 118 ? 0.296   -0.163  11.562  1.00 40.13 ? 332 GLU A CA  1 
ATOM   823  C  C   . GLU A 1 118 ? 0.755   0.849   10.549  1.00 39.55 ? 332 GLU A C   1 
ATOM   824  O  O   . GLU A 1 118 ? 1.799   1.491   10.727  1.00 39.96 ? 332 GLU A O   1 
ATOM   825  C  CB  . GLU A 1 118 ? -0.582  0.508   12.620  1.00 42.18 ? 332 GLU A CB  1 
ATOM   826  C  CG  . GLU A 1 118 ? -1.233  -0.472  13.611  1.00 43.40 ? 332 GLU A CG  1 
ATOM   827  C  CD  . GLU A 1 118 ? -2.475  -1.193  13.064  1.00 46.91 ? 332 GLU A CD  1 
ATOM   828  O  OE1 . GLU A 1 118 ? -3.076  -0.749  12.060  1.00 47.63 ? 332 GLU A OE1 1 
ATOM   829  O  OE2 . GLU A 1 118 ? -2.868  -2.212  13.677  1.00 49.45 ? 332 GLU A OE2 1 
ATOM   830  N  N   . TRP A 1 119 ? 0.011   0.930   9.447   1.00 39.11 ? 333 TRP A N   1 
ATOM   831  C  CA  . TRP A 1 119 ? 0.284   1.941   8.421   1.00 38.21 ? 333 TRP A CA  1 
ATOM   832  C  C   . TRP A 1 119 ? -0.158  3.276   8.998   1.00 38.83 ? 333 TRP A C   1 
ATOM   833  O  O   . TRP A 1 119 ? -1.177  3.335   9.650   1.00 39.56 ? 333 TRP A O   1 
ATOM   834  C  CB  . TRP A 1 119 ? -0.533  1.605   7.185   1.00 38.54 ? 333 TRP A CB  1 
ATOM   835  C  CG  . TRP A 1 119 ? -0.238  2.444   5.992   1.00 37.42 ? 333 TRP A CG  1 
ATOM   836  C  CD1 . TRP A 1 119 ? -0.906  3.582   5.592   1.00 38.99 ? 333 TRP A CD1 1 
ATOM   837  C  CD2 . TRP A 1 119 ? 0.845   2.263   5.069   1.00 36.84 ? 333 TRP A CD2 1 
ATOM   838  N  NE1 . TRP A 1 119 ? -0.313  4.087   4.443   1.00 38.85 ? 333 TRP A NE1 1 
ATOM   839  C  CE2 . TRP A 1 119 ? 0.749   3.286   4.098   1.00 40.05 ? 333 TRP A CE2 1 
ATOM   840  C  CE3 . TRP A 1 119 ? 1.860   1.296   4.937   1.00 38.64 ? 333 TRP A CE3 1 
ATOM   841  C  CZ2 . TRP A 1 119 ? 1.659   3.387   3.010   1.00 39.65 ? 333 TRP A CZ2 1 
ATOM   842  C  CZ3 . TRP A 1 119 ? 2.746   1.378   3.852   1.00 40.13 ? 333 TRP A CZ3 1 
ATOM   843  C  CH2 . TRP A 1 119 ? 2.646   2.436   2.920   1.00 40.16 ? 333 TRP A CH2 1 
ATOM   844  N  N   . VAL A 1 120 ? 0.614   4.338   8.778   1.00 38.61 ? 334 VAL A N   1 
ATOM   845  C  CA  . VAL A 1 120 ? 0.201   5.636   9.272   1.00 39.19 ? 334 VAL A CA  1 
ATOM   846  C  C   . VAL A 1 120 ? -0.052  6.543   8.070   1.00 38.58 ? 334 VAL A C   1 
ATOM   847  O  O   . VAL A 1 120 ? 0.787   6.661   7.190   1.00 37.79 ? 334 VAL A O   1 
ATOM   848  C  CB  . VAL A 1 120 ? 1.269   6.273   10.159  1.00 39.32 ? 334 VAL A CB  1 
ATOM   849  C  CG1 . VAL A 1 120 ? 0.830   7.681   10.598  1.00 41.98 ? 334 VAL A CG1 1 
ATOM   850  C  CG2 . VAL A 1 120 ? 1.561   5.420   11.407  1.00 40.45 ? 334 VAL A CG2 1 
ATOM   851  N  N   . THR A 1 121 ? -1.218  7.190   8.055   1.00 39.95 ? 335 THR A N   1 
ATOM   852  C  CA  . THR A 1 121 ? -1.498  8.229   7.070   1.00 39.04 ? 335 THR A CA  1 
ATOM   853  C  C   . THR A 1 121 ? -1.452  9.576   7.827   1.00 39.79 ? 335 THR A C   1 
ATOM   854  O  O   . THR A 1 121 ? -2.324  9.811   8.660   1.00 39.91 ? 335 THR A O   1 
ATOM   855  C  CB  . THR A 1 121 ? -2.903  8.023   6.428   1.00 39.48 ? 335 THR A CB  1 
ATOM   856  O  OG1 . THR A 1 121 ? -2.985  6.719   5.816   1.00 39.67 ? 335 THR A OG1 1 
ATOM   857  C  CG2 . THR A 1 121 ? -3.176  9.113   5.367   1.00 37.64 ? 335 THR A CG2 1 
ATOM   858  N  N   . PRO A 1 122 ? -0.450  10.450  7.540   1.00 39.08 ? 336 PRO A N   1 
ATOM   859  C  CA  . PRO A 1 122 ? -0.352  11.747  8.188   1.00 38.70 ? 336 PRO A CA  1 
ATOM   860  C  C   . PRO A 1 122 ? -1.569  12.610  7.951   1.00 37.68 ? 336 PRO A C   1 
ATOM   861  O  O   . PRO A 1 122 ? -2.221  12.493  6.946   1.00 35.98 ? 336 PRO A O   1 
ATOM   862  C  CB  . PRO A 1 122 ? 0.879   12.405  7.519   1.00 39.60 ? 336 PRO A CB  1 
ATOM   863  C  CG  . PRO A 1 122 ? 1.699   11.218  7.039   1.00 39.90 ? 336 PRO A CG  1 
ATOM   864  C  CD  . PRO A 1 122 ? 0.648   10.242  6.578   1.00 40.04 ? 336 PRO A CD  1 
ATOM   865  N  N   . LYS A 1 123 ? -1.797  13.541  8.861   1.00 37.22 ? 337 LYS A N   1 
ATOM   866  C  CA  . LYS A 1 123 ? -2.984  14.397  8.817   1.00 36.80 ? 337 LYS A CA  1 
ATOM   867  C  C   . LYS A 1 123 ? -3.144  15.089  7.489   1.00 37.22 ? 337 LYS A C   1 
ATOM   868  O  O   . LYS A 1 123 ? -4.242  15.187  6.979   1.00 38.19 ? 337 LYS A O   1 
ATOM   869  C  CB  . LYS A 1 123 ? -2.926  15.462  9.941   1.00 37.87 ? 337 LYS A CB  1 
ATOM   870  N  N   . GLU A 1 124 ? -2.061  15.582  6.906   1.00 37.91 ? 338 GLU A N   1 
ATOM   871  C  CA  . GLU A 1 124 ? -2.148  16.278  5.624   1.00 38.07 ? 338 GLU A CA  1 
ATOM   872  C  C   . GLU A 1 124 ? -2.651  15.391  4.509   1.00 38.04 ? 338 GLU A C   1 
ATOM   873  O  O   . GLU A 1 124 ? -3.311  15.868  3.590   1.00 39.61 ? 338 GLU A O   1 
ATOM   874  C  CB  . GLU A 1 124 ? -0.777  16.823  5.232   1.00 40.45 ? 338 GLU A CB  1 
ATOM   875  C  CG  . GLU A 1 124 ? -0.197  17.858  6.214   1.00 44.69 ? 338 GLU A CG  1 
ATOM   876  C  CD  . GLU A 1 124 ? 0.321   17.268  7.524   1.00 48.83 ? 338 GLU A CD  1 
ATOM   877  O  OE1 . GLU A 1 124 ? 0.609   16.046  7.610   1.00 45.30 ? 338 GLU A OE1 1 
ATOM   878  O  OE2 . GLU A 1 124 ? 0.454   18.064  8.482   1.00 51.98 ? 338 GLU A OE2 1 
ATOM   879  N  N   . PHE A 1 125 ? -2.367  14.092  4.589   1.00 36.40 ? 339 PHE A N   1 
ATOM   880  C  CA  . PHE A 1 125 ? -2.927  13.197  3.579   1.00 36.32 ? 339 PHE A CA  1 
ATOM   881  C  C   . PHE A 1 125 ? -4.333  12.740  3.924   1.00 35.12 ? 339 PHE A C   1 
ATOM   882  O  O   . PHE A 1 125 ? -5.118  12.498  3.011   1.00 36.43 ? 339 PHE A O   1 
ATOM   883  C  CB  . PHE A 1 125 ? -1.998  11.993  3.368   1.00 36.36 ? 339 PHE A CB  1 
ATOM   884  C  CG  . PHE A 1 125 ? -0.718  12.362  2.676   1.00 38.29 ? 339 PHE A CG  1 
ATOM   885  C  CD1 . PHE A 1 125 ? 0.405   12.697  3.414   1.00 41.49 ? 339 PHE A CD1 1 
ATOM   886  C  CD2 . PHE A 1 125 ? -0.653  12.435  1.282   1.00 40.08 ? 339 PHE A CD2 1 
ATOM   887  C  CE1 . PHE A 1 125 ? 1.603   13.070  2.784   1.00 42.36 ? 339 PHE A CE1 1 
ATOM   888  C  CE2 . PHE A 1 125 ? 0.562   12.810  0.649   1.00 42.79 ? 339 PHE A CE2 1 
ATOM   889  C  CZ  . PHE A 1 125 ? 1.679   13.131  1.420   1.00 42.28 ? 339 PHE A CZ  1 
ATOM   890  N  N   . ARG A 1 126 ? -4.649  12.648  5.217   1.00 35.98 ? 340 ARG A N   1 
ATOM   891  C  CA  . ARG A 1 126 ? -6.020  12.313  5.611   1.00 35.78 ? 340 ARG A CA  1 
ATOM   892  C  C   . ARG A 1 126 ? -7.004  13.379  5.077   1.00 35.57 ? 340 ARG A C   1 
ATOM   893  O  O   . ARG A 1 126 ? -8.139  13.056  4.785   1.00 36.31 ? 340 ARG A O   1 
ATOM   894  C  CB  . ARG A 1 126 ? -6.173  12.175  7.118   1.00 35.64 ? 340 ARG A CB  1 
ATOM   895  C  CG  . ARG A 1 126 ? -5.345  11.010  7.708   1.00 33.79 ? 340 ARG A CG  1 
ATOM   896  C  CD  . ARG A 1 126 ? -5.780  10.746  9.182   1.00 36.91 ? 340 ARG A CD  1 
ATOM   897  N  NE  . ARG A 1 126 ? -5.562  11.816  10.145  1.00 43.71 ? 340 ARG A NE  1 
ATOM   898  C  CZ  . ARG A 1 126 ? -4.509  11.955  10.945  1.00 45.21 ? 340 ARG A CZ  1 
ATOM   899  N  NH1 . ARG A 1 126 ? -3.443  11.175  10.845  1.00 44.31 ? 340 ARG A NH1 1 
ATOM   900  N  NH2 . ARG A 1 126 ? -4.500  12.956  11.803  1.00 46.41 ? 340 ARG A NH2 1 
ATOM   901  N  N   . GLU A 1 127 ? -6.541  14.610  4.936   1.00 34.03 ? 341 GLU A N   1 
ATOM   902  C  CA  . GLU A 1 127 ? -7.398  15.729  4.490   1.00 34.98 ? 341 GLU A CA  1 
ATOM   903  C  C   . GLU A 1 127 ? -7.221  16.034  3.041   1.00 36.31 ? 341 GLU A C   1 
ATOM   904  O  O   . GLU A 1 127 ? -7.795  17.035  2.540   1.00 35.74 ? 341 GLU A O   1 
ATOM   905  C  CB  . GLU A 1 127 ? -7.117  17.035  5.255   1.00 35.98 ? 341 GLU A CB  1 
ATOM   906  C  CG  . GLU A 1 127 ? -7.100  16.911  6.711   1.00 40.89 ? 341 GLU A CG  1 
ATOM   907  C  CD  . GLU A 1 127 ? -6.903  18.255  7.393   1.00 44.94 ? 341 GLU A CD  1 
ATOM   908  O  OE1 . GLU A 1 127 ? -6.609  19.262  6.679   1.00 45.68 ? 341 GLU A OE1 1 
ATOM   909  O  OE2 . GLU A 1 127 ? -7.003  18.271  8.646   1.00 47.33 ? 341 GLU A OE2 1 
ATOM   910  N  N   . ILE A 1 128 ? -6.517  15.178  2.298   1.00 35.95 ? 342 ILE A N   1 
ATOM   911  C  CA  . ILE A 1 128 ? -6.081  15.588  0.966   1.00 36.55 ? 342 ILE A CA  1 
ATOM   912  C  C   . ILE A 1 128 ? -7.234  15.793  -0.040  1.00 35.53 ? 342 ILE A C   1 
ATOM   913  O  O   . ILE A 1 128 ? -7.178  16.698  -0.866  1.00 36.57 ? 342 ILE A O   1 
ATOM   914  C  CB  . ILE A 1 128 ? -4.994  14.642  0.411   1.00 36.14 ? 342 ILE A CB  1 
ATOM   915  C  CG1 . ILE A 1 128 ? -4.136  15.360  -0.638  1.00 39.30 ? 342 ILE A CG1 1 
ATOM   916  C  CG2 . ILE A 1 128 ? -5.642  13.307  -0.056  1.00 37.48 ? 342 ILE A CG2 1 
ATOM   917  C  CD1 . ILE A 1 128 ? -2.928  14.455  -1.143  1.00 38.72 ? 342 ILE A CD1 1 
ATOM   918  N  N   . SER A 1 129 ? -8.327  15.057  0.105   1.00 36.01 ? 343 SER A N   1 
ATOM   919  C  CA  . SER A 1 129 ? -9.460  15.267  -0.796  1.00 36.89 ? 343 SER A CA  1 
ATOM   920  C  C   . SER A 1 129 ? -10.120 16.623  -0.557  1.00 36.60 ? 343 SER A C   1 
ATOM   921  O  O   . SER A 1 129 ? -10.425 17.358  -1.491  1.00 36.32 ? 343 SER A O   1 
ATOM   922  C  CB  . SER A 1 129 ? -10.505 14.181  -0.609  1.00 38.23 ? 343 SER A CB  1 
ATOM   923  O  OG  . SER A 1 129 ? -11.366 14.239  -1.746  1.00 39.88 ? 343 SER A OG  1 
ATOM   924  N  N   . TYR A 1 130 ? -10.299 16.970  0.711   1.00 34.97 ? 344 TYR A N   1 
ATOM   925  C  CA  . TYR A 1 130 ? -10.850 18.282  1.066   1.00 34.53 ? 344 TYR A CA  1 
ATOM   926  C  C   . TYR A 1 130 ? -9.932  19.388  0.496   1.00 35.03 ? 344 TYR A C   1 
ATOM   927  O  O   . TYR A 1 130 ? -10.405 20.332  -0.138  1.00 35.57 ? 344 TYR A O   1 
ATOM   928  C  CB  . TYR A 1 130 ? -10.927 18.370  2.607   1.00 34.38 ? 344 TYR A CB  1 
ATOM   929  C  CG  . TYR A 1 130 ? -11.142 19.785  3.086   1.00 35.18 ? 344 TYR A CG  1 
ATOM   930  C  CD1 . TYR A 1 130 ? -12.404 20.365  3.034   1.00 35.31 ? 344 TYR A CD1 1 
ATOM   931  C  CD2 . TYR A 1 130 ? -10.072 20.521  3.578   1.00 36.08 ? 344 TYR A CD2 1 
ATOM   932  C  CE1 . TYR A 1 130 ? -12.593 21.660  3.464   1.00 36.42 ? 344 TYR A CE1 1 
ATOM   933  C  CE2 . TYR A 1 130 ? -10.233 21.822  3.989   1.00 36.74 ? 344 TYR A CE2 1 
ATOM   934  C  CZ  . TYR A 1 130 ? -11.493 22.369  3.938   1.00 34.18 ? 344 TYR A CZ  1 
ATOM   935  O  OH  . TYR A 1 130 ? -11.611 23.670  4.317   1.00 41.07 ? 344 TYR A OH  1 
ATOM   936  N  N   . LEU A 1 131 ? -8.634  19.291  0.738   1.00 33.94 ? 345 LEU A N   1 
ATOM   937  C  CA  . LEU A 1 131 ? -7.682  20.293  0.241   1.00 34.92 ? 345 LEU A CA  1 
ATOM   938  C  C   . LEU A 1 131 ? -7.758  20.489  -1.255  1.00 34.92 ? 345 LEU A C   1 
ATOM   939  O  O   . LEU A 1 131 ? -7.691  21.622  -1.749  1.00 35.82 ? 345 LEU A O   1 
ATOM   940  C  CB  . LEU A 1 131 ? -6.254  19.925  0.646   1.00 35.41 ? 345 LEU A CB  1 
ATOM   941  C  CG  . LEU A 1 131 ? -5.960  19.921  2.167   1.00 35.39 ? 345 LEU A CG  1 
ATOM   942  C  CD1 . LEU A 1 131 ? -4.501  19.442  2.414   1.00 37.96 ? 345 LEU A CD1 1 
ATOM   943  C  CD2 . LEU A 1 131 ? -6.234  21.227  2.848   1.00 37.79 ? 345 LEU A CD2 1 
ATOM   944  N  N   . LYS A 1 132 ? -7.893  19.396  -1.980  1.00 36.43 ? 346 LYS A N   1 
ATOM   945  C  CA  . LYS A 1 132 ? -7.828  19.475  -3.460  1.00 36.78 ? 346 LYS A CA  1 
ATOM   946  C  C   . LYS A 1 132 ? -9.161  19.800  -4.081  1.00 37.44 ? 346 LYS A C   1 
ATOM   947  O  O   . LYS A 1 132 ? -9.219  20.316  -5.210  1.00 37.98 ? 346 LYS A O   1 
ATOM   948  C  CB  . LYS A 1 132 ? -7.326  18.144  -4.019  1.00 37.21 ? 346 LYS A CB  1 
ATOM   949  C  CG  . LYS A 1 132 ? -5.858  17.917  -3.777  1.00 39.07 ? 346 LYS A CG  1 
ATOM   950  C  CD  . LYS A 1 132 ? -5.384  16.668  -4.506  1.00 39.82 ? 346 LYS A CD  1 
ATOM   951  C  CE  . LYS A 1 132 ? -3.883  16.462  -4.254  1.00 39.38 ? 346 LYS A CE  1 
ATOM   952  N  NZ  . LYS A 1 132 ? -3.421  15.154  -4.843  1.00 39.27 ? 346 LYS A NZ  1 
ATOM   953  N  N   . LYS A 1 133 ? -10.247 19.459  -3.393  1.00 37.48 ? 347 LYS A N   1 
ATOM   954  C  CA  . LYS A 1 133 ? -11.554 19.514  -4.047  1.00 38.49 ? 347 LYS A CA  1 
ATOM   955  C  C   . LYS A 1 133 ? -12.585 20.443  -3.397  1.00 38.03 ? 347 LYS A C   1 
ATOM   956  O  O   . LYS A 1 133 ? -13.577 20.784  -4.062  1.00 39.07 ? 347 LYS A O   1 
ATOM   957  C  CB  . LYS A 1 133 ? -12.179 18.118  -4.165  1.00 37.45 ? 347 LYS A CB  1 
ATOM   958  C  CG  . LYS A 1 133 ? -11.308 17.100  -4.932  1.00 40.84 ? 347 LYS A CG  1 
ATOM   959  C  CD  . LYS A 1 133 ? -11.866 15.703  -4.744  1.00 46.04 ? 347 LYS A CD  1 
ATOM   960  C  CE  . LYS A 1 133 ? -10.930 14.655  -5.360  1.00 51.10 ? 347 LYS A CE  1 
ATOM   961  N  NZ  . LYS A 1 133 ? -10.718 14.931  -6.781  1.00 54.24 ? 347 LYS A NZ  1 
ATOM   962  N  N   . LEU A 1 134 ? -12.371 20.830  -2.138  1.00 36.75 ? 348 LEU A N   1 
ATOM   963  C  CA  . LEU A 1 134 ? -13.397 21.584  -1.397  1.00 36.22 ? 348 LEU A CA  1 
ATOM   964  C  C   . LEU A 1 134 ? -12.910 22.878  -0.805  1.00 36.30 ? 348 LEU A C   1 
ATOM   965  O  O   . LEU A 1 134 ? -13.705 23.746  -0.497  1.00 36.57 ? 348 LEU A O   1 
ATOM   966  C  CB  . LEU A 1 134 ? -14.016 20.721  -0.293  1.00 34.95 ? 348 LEU A CB  1 
ATOM   967  C  CG  . LEU A 1 134 ? -14.880 19.603  -0.838  1.00 35.57 ? 348 LEU A CG  1 
ATOM   968  C  CD1 . LEU A 1 134 ? -15.294 18.686  0.321   1.00 38.38 ? 348 LEU A CD1 1 
ATOM   969  C  CD2 . LEU A 1 134 ? -16.096 20.200  -1.605  1.00 36.32 ? 348 LEU A CD2 1 
ATOM   970  N  N   . LYS A 1 135 ? -11.605 23.032  -0.680  1.00 35.59 ? 349 LYS A N   1 
ATOM   971  C  CA  . LYS A 1 135 ? -11.079 24.209  0.036   1.00 35.89 ? 349 LYS A CA  1 
ATOM   972  C  C   . LYS A 1 135 ? -10.778 25.311  -0.980  1.00 35.30 ? 349 LYS A C   1 
ATOM   973  O  O   . LYS A 1 135 ? -9.921  25.133  -1.865  1.00 36.98 ? 349 LYS A O   1 
ATOM   974  C  CB  . LYS A 1 135 ? -9.794  23.822  0.753   1.00 35.57 ? 349 LYS A CB  1 
ATOM   975  C  CG  . LYS A 1 135 ? -9.178  25.001  1.514   1.00 38.13 ? 349 LYS A CG  1 
ATOM   976  C  CD  . LYS A 1 135 ? -7.912  24.575  2.320   1.00 39.48 ? 349 LYS A CD  1 
ATOM   977  C  CE  . LYS A 1 135 ? -7.422  25.725  3.192   1.00 43.94 ? 349 LYS A CE  1 
ATOM   978  N  NZ  . LYS A 1 135 ? -6.125  25.374  3.856   1.00 46.80 ? 349 LYS A NZ  1 
ATOM   979  N  N   . VAL A 1 136 ? -11.492 26.428  -0.873  1.00 34.64 ? 350 VAL A N   1 
ATOM   980  C  CA  . VAL A 1 136 ? -11.275 27.533  -1.797  1.00 35.52 ? 350 VAL A CA  1 
ATOM   981  C  C   . VAL A 1 136 ? -11.113 28.832  -1.038  1.00 34.93 ? 350 VAL A C   1 
ATOM   982  O  O   . VAL A 1 136 ? -11.668 29.008  0.063   1.00 35.90 ? 350 VAL A O   1 
ATOM   983  C  CB  . VAL A 1 136 ? -12.431 27.682  -2.815  1.00 36.02 ? 350 VAL A CB  1 
ATOM   984  C  CG1 . VAL A 1 136 ? -12.463 26.468  -3.768  1.00 38.41 ? 350 VAL A CG1 1 
ATOM   985  C  CG2 . VAL A 1 136 ? -13.788 27.898  -2.111  1.00 35.82 ? 350 VAL A CG2 1 
ATOM   986  N  N   . LYS A 1 137 ? -10.383 29.777  -1.623  1.00 35.75 ? 351 LYS A N   1 
ATOM   987  C  CA  . LYS A 1 137 ? -10.332 31.098  -1.039  1.00 35.76 ? 351 LYS A CA  1 
ATOM   988  C  C   . LYS A 1 137 ? -11.685 31.803  -1.166  1.00 36.08 ? 351 LYS A C   1 
ATOM   989  O  O   . LYS A 1 137 ? -12.301 31.778  -2.226  1.00 35.96 ? 351 LYS A O   1 
ATOM   990  C  CB  . LYS A 1 137 ? -9.217  31.944  -1.670  1.00 36.47 ? 351 LYS A CB  1 
ATOM   991  C  CG  . LYS A 1 137 ? -9.044  33.323  -1.037  1.00 40.88 ? 351 LYS A CG  1 
ATOM   992  C  CD  . LYS A 1 137 ? -7.692  33.895  -1.429  1.00 46.04 ? 351 LYS A CD  1 
ATOM   993  C  CE  . LYS A 1 137 ? -7.488  35.269  -0.839  1.00 49.34 ? 351 LYS A CE  1 
ATOM   994  N  NZ  . LYS A 1 137 ? -6.287  35.926  -1.430  1.00 53.04 ? 351 LYS A NZ  1 
ATOM   995  N  N   . LYS A 1 138 ? -12.144 32.374  -0.057  1.00 35.85 ? 352 LYS A N   1 
ATOM   996  C  CA  . LYS A 1 138 ? -13.416 33.121  -0.003  1.00 36.44 ? 352 LYS A CA  1 
ATOM   997  C  C   . LYS A 1 138 ? -13.544 34.125  -1.160  1.00 36.78 ? 352 LYS A C   1 
ATOM   998  O  O   . LYS A 1 138 ? -12.581 34.844  -1.512  1.00 35.51 ? 352 LYS A O   1 
ATOM   999  C  CB  . LYS A 1 138 ? -13.495 33.836  1.352   1.00 37.09 ? 352 LYS A CB  1 
ATOM   1000 C  CG  . LYS A 1 138 ? -14.754 34.562  1.687   1.00 36.84 ? 352 LYS A CG  1 
ATOM   1001 C  CD  . LYS A 1 138 ? -14.659 35.110  3.120   1.00 38.70 ? 352 LYS A CD  1 
ATOM   1002 C  CE  . LYS A 1 138 ? -15.669 36.159  3.371   1.00 42.00 ? 352 LYS A CE  1 
ATOM   1003 N  NZ  . LYS A 1 138 ? -15.276 37.499  2.777   1.00 43.22 ? 352 LYS A NZ  1 
ATOM   1004 N  N   . GLN A 1 139 ? -14.711 34.163  -1.787  1.00 34.97 ? 353 GLN A N   1 
ATOM   1005 C  CA  . GLN A 1 139 ? -14.946 35.210  -2.786  1.00 35.15 ? 353 GLN A CA  1 
ATOM   1006 C  C   . GLN A 1 139 ? -16.245 35.946  -2.489  1.00 34.63 ? 353 GLN A C   1 
ATOM   1007 O  O   . GLN A 1 139 ? -17.014 35.504  -1.640  1.00 34.75 ? 353 GLN A O   1 
ATOM   1008 C  CB  . GLN A 1 139 ? -14.963 34.639  -4.186  1.00 35.89 ? 353 GLN A CB  1 
ATOM   1009 C  CG  . GLN A 1 139 ? -16.120 33.686  -4.470  1.00 36.33 ? 353 GLN A CG  1 
ATOM   1010 C  CD  . GLN A 1 139 ? -16.011 33.106  -5.869  1.00 37.02 ? 353 GLN A CD  1 
ATOM   1011 O  OE1 . GLN A 1 139 ? -16.428 33.718  -6.864  1.00 38.14 ? 353 GLN A OE1 1 
ATOM   1012 N  NE2 . GLN A 1 139 ? -15.422 31.920  -5.947  1.00 38.50 ? 353 GLN A NE2 1 
ATOM   1013 N  N   . ASP A 1 140 ? -16.492 37.050  -3.186  1.00 33.77 ? 354 ASP A N   1 
ATOM   1014 C  CA  . ASP A 1 140 ? -17.717 37.822  -2.998  1.00 34.19 ? 354 ASP A CA  1 
ATOM   1015 C  C   . ASP A 1 140 ? -18.795 37.322  -3.959  1.00 33.80 ? 354 ASP A C   1 
ATOM   1016 O  O   . ASP A 1 140 ? -18.526 37.143  -5.129  1.00 33.99 ? 354 ASP A O   1 
ATOM   1017 C  CB  . ASP A 1 140 ? -17.487 39.304  -3.305  1.00 34.99 ? 354 ASP A CB  1 
ATOM   1018 C  CG  . ASP A 1 140 ? -16.697 40.030  -2.220  1.00 36.24 ? 354 ASP A CG  1 
ATOM   1019 O  OD1 . ASP A 1 140 ? -16.368 39.436  -1.179  1.00 38.42 ? 354 ASP A OD1 1 
ATOM   1020 O  OD2 . ASP A 1 140 ? -16.388 41.204  -2.436  1.00 42.02 ? 354 ASP A OD2 1 
ATOM   1021 N  N   . ARG A 1 141 ? -20.027 37.180  -3.469  1.00 33.67 ? 355 ARG A N   1 
ATOM   1022 C  CA  . ARG A 1 141 ? -21.155 36.827  -4.323  1.00 33.53 ? 355 ARG A CA  1 
ATOM   1023 C  C   . ARG A 1 141 ? -21.348 37.881  -5.399  1.00 32.78 ? 355 ARG A C   1 
ATOM   1024 O  O   . ARG A 1 141 ? -21.340 39.080  -5.127  1.00 32.22 ? 355 ARG A O   1 
ATOM   1025 C  CB  . ARG A 1 141 ? -22.435 36.725  -3.487  1.00 33.69 ? 355 ARG A CB  1 
ATOM   1026 C  CG  . ARG A 1 141 ? -23.703 36.497  -4.260  1.00 34.90 ? 355 ARG A CG  1 
ATOM   1027 C  CD  . ARG A 1 141 ? -23.846 35.058  -4.637  1.00 38.10 ? 355 ARG A CD  1 
ATOM   1028 N  NE  . ARG A 1 141 ? -24.309 34.260  -3.506  1.00 38.22 ? 355 ARG A NE  1 
ATOM   1029 C  CZ  . ARG A 1 141 ? -24.813 33.026  -3.612  1.00 39.81 ? 355 ARG A CZ  1 
ATOM   1030 N  NH1 . ARG A 1 141 ? -24.937 32.443  -4.802  1.00 38.92 ? 355 ARG A NH1 1 
ATOM   1031 N  NH2 . ARG A 1 141 ? -25.212 32.382  -2.521  1.00 35.16 ? 355 ARG A NH2 1 
ATOM   1032 N  N   . ILE A 1 142 ? -21.572 37.407  -6.614  1.00 32.24 ? 356 ILE A N   1 
ATOM   1033 C  CA  . ILE A 1 142 ? -21.881 38.282  -7.754  1.00 32.61 ? 356 ILE A CA  1 
ATOM   1034 C  C   . ILE A 1 142 ? -23.357 38.123  -8.043  1.00 34.06 ? 356 ILE A C   1 
ATOM   1035 O  O   . ILE A 1 142 ? -23.860 37.006  -8.012  1.00 35.03 ? 356 ILE A O   1 
ATOM   1036 C  CB  . ILE A 1 142 ? -21.063 37.884  -8.999  1.00 32.23 ? 356 ILE A CB  1 
ATOM   1037 C  CG1 . ILE A 1 142 ? -19.567 38.157  -8.769  1.00 31.66 ? 356 ILE A CG1 1 
ATOM   1038 C  CG2 . ILE A 1 142 ? -21.574 38.612  -10.223 1.00 30.79 ? 356 ILE A CG2 1 
ATOM   1039 C  CD1 . ILE A 1 142 ? -18.662 37.434  -9.729  1.00 32.54 ? 356 ILE A CD1 1 
ATOM   1040 N  N   . PHE A 1 143 ? -24.046 39.230  -8.283  1.00 35.10 ? 357 PHE A N   1 
ATOM   1041 C  CA  . PHE A 1 143 ? -25.467 39.192  -8.618  1.00 37.19 ? 357 PHE A CA  1 
ATOM   1042 C  C   . PHE A 1 143 ? -25.665 39.528  -10.090 1.00 39.42 ? 357 PHE A C   1 
ATOM   1043 O  O   . PHE A 1 143 ? -24.937 40.352  -10.626 1.00 39.40 ? 357 PHE A O   1 
ATOM   1044 C  CB  . PHE A 1 143 ? -26.252 40.152  -7.723  1.00 36.43 ? 357 PHE A CB  1 
ATOM   1045 C  CG  . PHE A 1 143 ? -26.417 39.639  -6.340  1.00 36.73 ? 357 PHE A CG  1 
ATOM   1046 C  CD1 . PHE A 1 143 ? -25.454 39.882  -5.370  1.00 35.42 ? 357 PHE A CD1 1 
ATOM   1047 C  CD2 . PHE A 1 143 ? -27.497 38.851  -6.018  1.00 37.00 ? 357 PHE A CD2 1 
ATOM   1048 C  CE1 . PHE A 1 143 ? -25.589 39.368  -4.090  1.00 37.40 ? 357 PHE A CE1 1 
ATOM   1049 C  CE2 . PHE A 1 143 ? -27.614 38.326  -4.730  1.00 36.47 ? 357 PHE A CE2 1 
ATOM   1050 C  CZ  . PHE A 1 143 ? -26.649 38.589  -3.770  1.00 36.27 ? 357 PHE A CZ  1 
ATOM   1051 N  N   . PRO A 1 144 ? -26.657 38.901  -10.740 1.00 41.83 ? 358 PRO A N   1 
ATOM   1052 C  CA  . PRO A 1 144 ? -26.915 39.190  -12.144 1.00 44.03 ? 358 PRO A CA  1 
ATOM   1053 C  C   . PRO A 1 144 ? -27.333 40.654  -12.320 1.00 45.32 ? 358 PRO A C   1 
ATOM   1054 O  O   . PRO A 1 144 ? -28.022 41.204  -11.451 1.00 44.81 ? 358 PRO A O   1 
ATOM   1055 C  CB  . PRO A 1 144 ? -28.103 38.275  -12.480 1.00 44.42 ? 358 PRO A CB  1 
ATOM   1056 C  CG  . PRO A 1 144 ? -28.136 37.266  -11.456 1.00 43.90 ? 358 PRO A CG  1 
ATOM   1057 C  CD  . PRO A 1 144 ? -27.588 37.892  -10.213 1.00 42.62 ? 358 PRO A CD  1 
ATOM   1058 N  N   . PRO A 1 145 ? -26.884 41.299  -13.412 1.00 47.27 ? 359 PRO A N   1 
ATOM   1059 C  CA  . PRO A 1 145 ? -27.271 42.681  -13.721 1.00 48.42 ? 359 PRO A CA  1 
ATOM   1060 C  C   . PRO A 1 145 ? -28.783 42.855  -13.889 1.00 49.57 ? 359 PRO A C   1 
ATOM   1061 O  O   . PRO A 1 145 ? -29.479 41.875  -14.179 1.00 50.88 ? 359 PRO A O   1 
ATOM   1062 C  CB  . PRO A 1 145 ? -26.578 42.947  -15.064 1.00 48.56 ? 359 PRO A CB  1 
ATOM   1063 C  CG  . PRO A 1 145 ? -25.458 41.997  -15.112 1.00 48.29 ? 359 PRO A CG  1 
ATOM   1064 C  CD  . PRO A 1 145 ? -25.943 40.759  -14.413 1.00 47.84 ? 359 PRO A CD  1 
HETATM 1065 ZN ZN  . ZN  B 2 .   ? 16.446  -10.112 4.009   1.00 35.61 ? 1   ZN  A ZN  1 
HETATM 1066 C  C1  . EOH C 3 .   ? -5.299  9.834   1.029   1.00 27.29 ? 2   EOH A C1  1 
HETATM 1067 C  C2  . EOH C 3 .   ? -4.329  8.774   1.589   1.00 25.60 ? 2   EOH A C2  1 
HETATM 1068 O  O   . EOH C 3 .   ? -6.344  10.183  1.943   1.00 25.63 ? 2   EOH A O   1 
HETATM 1069 C  C1  . GOL D 4 .   ? -14.254 22.559  -6.726  1.00 43.19 ? 3   GOL A C1  1 
HETATM 1070 O  O1  . GOL D 4 .   ? -13.937 21.187  -6.645  1.00 39.80 ? 3   GOL A O1  1 
HETATM 1071 C  C2  . GOL D 4 .   ? -13.062 23.507  -6.742  1.00 44.50 ? 3   GOL A C2  1 
HETATM 1072 O  O2  . GOL D 4 .   ? -12.322 23.462  -7.938  1.00 46.82 ? 3   GOL A O2  1 
HETATM 1073 C  C3  . GOL D 4 .   ? -12.172 23.294  -5.552  1.00 43.16 ? 3   GOL A C3  1 
HETATM 1074 O  O3  . GOL D 4 .   ? -11.005 22.636  -5.986  1.00 44.62 ? 3   GOL A O3  1 
HETATM 1075 C  C1  . GOL E 4 .   ? 9.167   -11.427 8.806   1.00 56.16 ? 4   GOL A C1  1 
HETATM 1076 O  O1  . GOL E 4 .   ? 8.952   -10.126 8.312   1.00 55.81 ? 4   GOL A O1  1 
HETATM 1077 C  C2  . GOL E 4 .   ? 10.155  -12.145 7.898   1.00 55.77 ? 4   GOL A C2  1 
HETATM 1078 O  O2  . GOL E 4 .   ? 10.320  -13.475 8.367   1.00 54.59 ? 4   GOL A O2  1 
HETATM 1079 C  C3  . GOL E 4 .   ? 11.487  -11.395 7.792   1.00 55.69 ? 4   GOL A C3  1 
HETATM 1080 O  O3  . GOL E 4 .   ? 11.582  -10.387 8.776   1.00 56.18 ? 4   GOL A O3  1 
HETATM 1081 C  C1  . GOL F 4 .   ? -8.610  0.665   -11.256 1.00 49.81 ? 5   GOL A C1  1 
HETATM 1082 O  O1  . GOL F 4 .   ? -9.251  1.718   -10.555 1.00 49.22 ? 5   GOL A O1  1 
HETATM 1083 C  C2  . GOL F 4 .   ? -7.762  -0.146  -10.283 1.00 50.51 ? 5   GOL A C2  1 
HETATM 1084 O  O2  . GOL F 4 .   ? -8.395  -0.088  -9.025  1.00 47.20 ? 5   GOL A O2  1 
HETATM 1085 C  C3  . GOL F 4 .   ? -6.388  0.487   -10.118 1.00 50.87 ? 5   GOL A C3  1 
HETATM 1086 O  O3  . GOL F 4 .   ? -5.447  0.027   -11.064 1.00 55.82 ? 5   GOL A O3  1 
HETATM 1087 O  O   . HOH G 5 .   ? 6.950   -4.197  -0.855  1.00 24.69 ? 377 HOH A O   1 
HETATM 1088 O  O   . HOH G 5 .   ? 4.965   -5.651  -1.958  1.00 24.60 ? 378 HOH A O   1 
HETATM 1089 O  O   . HOH G 5 .   ? -8.803  10.996  0.821   1.00 24.74 ? 379 HOH A O   1 
HETATM 1090 O  O   . HOH G 5 .   ? 8.373   -1.069  -1.015  1.00 24.26 ? 380 HOH A O   1 
HETATM 1091 O  O   . HOH G 5 .   ? -9.344  13.312  2.234   1.00 21.50 ? 381 HOH A O   1 
HETATM 1092 O  O   . HOH G 5 .   ? -1.831  6.180   3.360   1.00 32.08 ? 382 HOH A O   1 
HETATM 1093 O  O   . HOH G 5 .   ? -13.440 15.957  -1.069  1.00 23.94 ? 383 HOH A O   1 
HETATM 1094 O  O   . HOH G 5 .   ? 13.873  -13.864 -0.861  1.00 30.32 ? 384 HOH A O   1 
HETATM 1095 O  O   . HOH G 5 .   ? -4.675  -10.507 -1.599  1.00 27.32 ? 385 HOH A O   1 
HETATM 1096 O  O   . HOH G 5 .   ? -11.565 -11.600 3.478   1.00 29.46 ? 386 HOH A O   1 
HETATM 1097 O  O   . HOH G 5 .   ? -11.216 8.847   -2.866  1.00 26.94 ? 387 HOH A O   1 
HETATM 1098 O  O   . HOH G 5 .   ? 1.500   -5.837  1.921   1.00 27.61 ? 388 HOH A O   1 
HETATM 1099 O  O   . HOH G 5 .   ? -13.902 26.062  0.950   1.00 25.54 ? 389 HOH A O   1 
HETATM 1100 O  O   . HOH G 5 .   ? 6.044   -1.903  0.615   1.00 23.97 ? 390 HOH A O   1 
HETATM 1101 O  O   . HOH G 5 .   ? 2.745   -4.889  -0.449  1.00 24.89 ? 391 HOH A O   1 
HETATM 1102 O  O   . HOH G 5 .   ? 10.150  -4.948  4.265   1.00 30.02 ? 392 HOH A O   1 
HETATM 1103 O  O   . HOH G 5 .   ? 8.381   -7.664  7.269   1.00 35.17 ? 393 HOH A O   1 
HETATM 1104 O  O   . HOH G 5 .   ? 2.989   15.554  -3.166  1.00 29.59 ? 394 HOH A O   1 
HETATM 1105 O  O   . HOH G 5 .   ? 3.519   -2.370  3.521   1.00 26.59 ? 395 HOH A O   1 
HETATM 1106 O  O   . HOH G 5 .   ? -14.630 30.994  -3.254  1.00 28.91 ? 396 HOH A O   1 
HETATM 1107 O  O   . HOH G 5 .   ? -1.935  -6.899  -3.598  1.00 30.86 ? 397 HOH A O   1 
HETATM 1108 O  O   . HOH G 5 .   ? -25.729 34.990  -8.024  1.00 31.80 ? 398 HOH A O   1 
HETATM 1109 O  O   . HOH G 5 .   ? 1.568   -5.075  -4.367  1.00 32.31 ? 399 HOH A O   1 
HETATM 1110 O  O   . HOH G 5 .   ? 2.889   12.908  -9.343  1.00 31.48 ? 400 HOH A O   1 
HETATM 1111 O  O   . HOH G 5 .   ? 3.321   -2.395  0.816   1.00 23.79 ? 401 HOH A O   1 
HETATM 1112 O  O   . HOH G 5 .   ? -14.634 -6.647  -0.032  1.00 32.10 ? 402 HOH A O   1 
HETATM 1113 O  O   . HOH G 5 .   ? -2.334  -3.353  -4.032  1.00 26.23 ? 403 HOH A O   1 
HETATM 1114 O  O   . HOH G 5 .   ? 4.192   -5.267  -4.819  1.00 37.95 ? 404 HOH A O   1 
HETATM 1115 O  O   . HOH G 5 .   ? -10.658 -16.014 -4.777  1.00 32.08 ? 405 HOH A O   1 
HETATM 1116 O  O   . HOH G 5 .   ? 6.771   1.757   9.003   1.00 38.62 ? 406 HOH A O   1 
HETATM 1117 O  O   . HOH G 5 .   ? -14.361 38.035  -4.935  1.00 40.58 ? 407 HOH A O   1 
HETATM 1118 O  O   . HOH G 5 .   ? -2.473  -0.649  9.387   1.00 32.65 ? 408 HOH A O   1 
HETATM 1119 O  O   . HOH G 5 .   ? 12.558  -17.256 5.157   1.00 33.36 ? 409 HOH A O   1 
HETATM 1120 O  O   . HOH G 5 .   ? -20.420 37.707  -0.628  1.00 29.20 ? 410 HOH A O   1 
HETATM 1121 O  O   . HOH G 5 .   ? -17.419 -11.736 -8.200  1.00 28.70 ? 411 HOH A O   1 
HETATM 1122 O  O   . HOH G 5 .   ? -11.227 -9.086  -6.988  1.00 31.15 ? 412 HOH A O   1 
HETATM 1123 O  O   . HOH G 5 .   ? -2.950  6.872   10.430  1.00 38.77 ? 413 HOH A O   1 
HETATM 1124 O  O   . HOH G 5 .   ? -7.390  -6.236  -6.340  1.00 36.61 ? 414 HOH A O   1 
HETATM 1125 O  O   . HOH G 5 .   ? 11.251  -2.298  4.457   1.00 32.74 ? 415 HOH A O   1 
HETATM 1126 O  O   . HOH G 5 .   ? -16.437 37.934  -6.817  1.00 34.13 ? 416 HOH A O   1 
HETATM 1127 O  O   . HOH G 5 .   ? 8.696   -19.248 4.584   1.00 40.53 ? 417 HOH A O   1 
HETATM 1128 O  O   . HOH G 5 .   ? -5.905  -1.402  12.074  1.00 33.11 ? 418 HOH A O   1 
HETATM 1129 O  O   . HOH G 5 .   ? 9.995   -12.918 12.848  1.00 51.86 ? 419 HOH A O   1 
HETATM 1130 O  O   . HOH G 5 .   ? -4.719  -13.058 -4.907  1.00 37.95 ? 420 HOH A O   1 
HETATM 1131 O  O   . HOH G 5 .   ? -1.319  -7.840  8.059   1.00 32.16 ? 421 HOH A O   1 
HETATM 1132 O  O   . HOH G 5 .   ? 13.430  3.781   -2.265  1.00 38.45 ? 422 HOH A O   1 
HETATM 1133 O  O   . HOH G 5 .   ? 5.409   13.880  3.328   1.00 52.01 ? 423 HOH A O   1 
HETATM 1134 O  O   . HOH G 5 .   ? 15.917  -4.564  -0.108  1.00 37.19 ? 424 HOH A O   1 
HETATM 1135 O  O   . HOH G 5 .   ? 19.109  -13.960 5.050   1.00 46.19 ? 425 HOH A O   1 
HETATM 1136 O  O   . HOH G 5 .   ? 3.687   1.404   -13.860 1.00 52.19 ? 426 HOH A O   1 
HETATM 1137 O  O   . HOH G 5 .   ? 18.805  -15.988 3.418   1.00 39.17 ? 427 HOH A O   1 
HETATM 1138 O  O   . HOH G 5 .   ? -4.017  -8.504  -4.640  1.00 41.59 ? 428 HOH A O   1 
HETATM 1139 O  O   . HOH G 5 .   ? -3.343  -10.530 -5.861  1.00 48.34 ? 429 HOH A O   1 
HETATM 1140 O  O   . HOH G 5 .   ? 11.254  -1.427  -8.702  1.00 58.48 ? 430 HOH A O   1 
HETATM 1141 O  O   . HOH G 5 .   ? 0.382   11.612  -10.704 1.00 38.49 ? 431 HOH A O   1 
HETATM 1142 O  O   . HOH G 5 .   ? -16.660 6.527   -3.535  1.00 45.62 ? 432 HOH A O   1 
HETATM 1143 O  O   . HOH G 5 .   ? 1.884   -10.238 7.798   1.00 40.14 ? 433 HOH A O   1 
HETATM 1144 O  O   . HOH G 5 .   ? 1.097   5.845   -9.117  1.00 36.77 ? 434 HOH A O   1 
HETATM 1145 O  O   . HOH G 5 .   ? 7.102   11.225  3.213   1.00 38.38 ? 435 HOH A O   1 
HETATM 1146 O  O   . HOH G 5 .   ? -0.654  16.730  -3.068  1.00 32.69 ? 436 HOH A O   1 
HETATM 1147 O  O   . HOH G 5 .   ? 17.181  -10.901 -1.915  1.00 32.97 ? 437 HOH A O   1 
HETATM 1148 O  O   . HOH G 5 .   ? 3.354   -8.398  12.557  1.00 44.29 ? 438 HOH A O   1 
HETATM 1149 O  O   . HOH G 5 .   ? -10.237 6.052   -9.695  1.00 34.63 ? 439 HOH A O   1 
HETATM 1150 O  O   . HOH G 5 .   ? -15.000 -17.024 3.447   1.00 39.77 ? 440 HOH A O   1 
HETATM 1151 O  O   . HOH G 5 .   ? -16.477 -10.301 -2.401  1.00 41.53 ? 441 HOH A O   1 
HETATM 1152 O  O   . HOH G 5 .   ? 14.013  -2.046  4.264   1.00 36.29 ? 442 HOH A O   1 
HETATM 1153 O  O   . HOH G 5 .   ? -19.326 41.145  -6.123  1.00 40.27 ? 443 HOH A O   1 
HETATM 1154 O  O   . HOH G 5 .   ? 10.713  -7.980  9.931   1.00 41.39 ? 444 HOH A O   1 
HETATM 1155 O  O   . HOH G 5 .   ? -16.299 -12.974 -1.522  1.00 43.54 ? 445 HOH A O   1 
HETATM 1156 O  O   . HOH G 5 .   ? 5.520   -4.538  -6.781  1.00 45.56 ? 446 HOH A O   1 
HETATM 1157 O  O   . HOH G 5 .   ? -4.924  9.247   -10.578 1.00 43.76 ? 447 HOH A O   1 
HETATM 1158 O  O   . HOH G 5 .   ? 5.113   -18.611 5.384   1.00 43.36 ? 448 HOH A O   1 
HETATM 1159 O  O   . HOH G 5 .   ? -1.495  5.837   -9.469  1.00 43.91 ? 449 HOH A O   1 
HETATM 1160 O  O   . HOH G 5 .   ? 3.150   -4.521  -7.678  1.00 41.70 ? 450 HOH A O   1 
HETATM 1161 O  O   . HOH G 5 .   ? -17.263 -11.192 -5.169  1.00 44.11 ? 451 HOH A O   1 
HETATM 1162 O  O   . HOH G 5 .   ? 11.192  -4.173  -5.758  1.00 46.33 ? 452 HOH A O   1 
HETATM 1163 O  O   . HOH G 5 .   ? -12.459 2.764   -12.011 1.00 52.36 ? 453 HOH A O   1 
HETATM 1164 O  O   . HOH G 5 .   ? -2.573  8.696   -9.133  1.00 48.81 ? 454 HOH A O   1 
HETATM 1165 O  O   . HOH G 5 .   ? 11.664  -2.054  -3.718  1.00 41.90 ? 455 HOH A O   1 
HETATM 1166 O  O   . HOH G 5 .   ? -17.106 40.430  -7.220  1.00 40.19 ? 456 HOH A O   1 
HETATM 1167 O  O   . HOH G 5 .   ? 29.716  -7.141  1.247   1.00 44.00 ? 457 HOH A O   1 
HETATM 1168 O  O   . HOH G 5 .   ? -6.000  23.796  -0.934  1.00 38.68 ? 458 HOH A O   1 
HETATM 1169 O  O   . HOH G 5 .   ? 8.352   8.510   8.823   1.00 47.69 ? 459 HOH A O   1 
HETATM 1170 O  O   . HOH G 5 .   ? -7.104  21.283  -6.538  1.00 39.00 ? 460 HOH A O   1 
HETATM 1171 O  O   . HOH G 5 .   ? -1.701  -0.648  -10.047 1.00 44.85 ? 461 HOH A O   1 
HETATM 1172 O  O   . HOH G 5 .   ? -2.751  -4.537  -6.535  1.00 36.45 ? 462 HOH A O   1 
HETATM 1173 O  O   . HOH G 5 .   ? -4.702  -6.559  -6.416  1.00 39.88 ? 463 HOH A O   1 
HETATM 1174 O  O   . HOH G 5 .   ? 4.778   -0.357  -12.222 1.00 43.44 ? 464 HOH A O   1 
HETATM 1175 O  O   . HOH G 5 .   ? -9.562  -13.433 -5.698  1.00 41.21 ? 465 HOH A O   1 
HETATM 1176 O  O   . HOH G 5 .   ? -9.702  22.994  -3.433  1.00 34.38 ? 466 HOH A O   1 
HETATM 1177 O  O   . HOH G 5 .   ? 9.959   5.524   -8.662  1.00 50.77 ? 467 HOH A O   1 
HETATM 1178 O  O   . HOH G 5 .   ? 2.394   2.497   13.485  1.00 50.43 ? 468 HOH A O   1 
HETATM 1179 O  O   . HOH G 5 .   ? 0.618   16.182  -6.642  1.00 37.30 ? 469 HOH A O   1 
HETATM 1180 O  O   . HOH G 5 .   ? 10.289  -0.636  6.492   1.00 38.26 ? 470 HOH A O   1 
HETATM 1181 O  O   . HOH G 5 .   ? 3.932   2.690   9.618   1.00 35.87 ? 471 HOH A O   1 
HETATM 1182 O  O   . HOH G 5 .   ? -10.569 35.916  0.083   1.00 47.66 ? 472 HOH A O   1 
HETATM 1183 O  O   . HOH G 5 .   ? -0.500  -6.397  -5.840  1.00 42.33 ? 473 HOH A O   1 
HETATM 1184 O  O   . HOH G 5 .   ? 11.840  4.810   1.580   1.00 41.85 ? 474 HOH A O   1 
HETATM 1185 O  O   . HOH G 5 .   ? -29.772 40.739  -9.475  1.00 49.25 ? 475 HOH A O   1 
HETATM 1186 O  O   . HOH G 5 .   ? 13.602  -11.251 -4.248  1.00 43.88 ? 476 HOH A O   1 
HETATM 1187 O  O   . HOH G 5 .   ? -14.274 2.383   -5.696  1.00 46.70 ? 477 HOH A O   1 
HETATM 1188 O  O   . HOH G 5 .   ? 4.010   -18.274 9.575   1.00 51.84 ? 478 HOH A O   1 
HETATM 1189 O  O   . HOH G 5 .   ? 1.905   -0.553  14.968  1.00 43.09 ? 479 HOH A O   1 
HETATM 1190 O  O   . HOH G 5 .   ? 17.187  -14.607 -2.986  1.00 41.18 ? 480 HOH A O   1 
HETATM 1191 O  O   . HOH G 5 .   ? 16.816  -10.842 -4.131  1.00 46.76 ? 481 HOH A O   1 
HETATM 1192 O  O   . HOH G 5 .   ? 13.718  -18.989 1.968   1.00 43.71 ? 482 HOH A O   1 
HETATM 1193 O  O   . HOH G 5 .   ? 7.300   -16.301 -6.532  1.00 51.86 ? 483 HOH A O   1 
HETATM 1194 O  O   . HOH G 5 .   ? -10.008 -11.489 -7.288  1.00 40.15 ? 484 HOH A O   1 
HETATM 1195 O  O   . HOH G 5 .   ? -9.728  24.562  6.795   1.00 58.32 ? 485 HOH A O   1 
HETATM 1196 O  O   . HOH G 5 .   ? -5.452  -3.483  14.040  1.00 54.62 ? 486 HOH A O   1 
HETATM 1197 O  O   . HOH G 5 .   ? 14.538  -15.589 -2.692  1.00 44.77 ? 487 HOH A O   1 
HETATM 1198 O  O   . HOH G 5 .   ? -7.686  -10.447 -8.333  1.00 45.47 ? 488 HOH A O   1 
HETATM 1199 O  O   . HOH G 5 .   ? -9.252  -7.526  -7.932  1.00 39.63 ? 489 HOH A O   1 
HETATM 1200 O  O   . HOH G 5 .   ? -0.891  17.708  -5.471  1.00 52.94 ? 490 HOH A O   1 
HETATM 1201 O  O   . HOH G 5 .   ? 7.398   -19.474 6.545   1.00 54.13 ? 491 HOH A O   1 
HETATM 1202 O  O   . HOH G 5 .   ? 11.840  5.707   4.102   1.00 48.67 ? 492 HOH A O   1 
HETATM 1203 O  O   . HOH G 5 .   ? -1.540  -14.296 -4.480  1.00 50.37 ? 493 HOH A O   1 
HETATM 1204 O  O   . HOH G 5 .   ? 1.394   -3.126  -10.745 1.00 50.92 ? 494 HOH A O   1 
HETATM 1205 O  O   . HOH G 5 .   ? 14.141  -17.764 -1.497  1.00 55.67 ? 495 HOH A O   1 
HETATM 1206 O  O   . HOH G 5 .   ? 4.040   -11.612 11.697  1.00 61.49 ? 496 HOH A O   1 
HETATM 1207 O  O   . HOH G 5 .   ? -3.116  15.807  -7.459  1.00 41.74 ? 497 HOH A O   1 
HETATM 1208 O  O   . HOH G 5 .   ? -16.611 -8.070  -1.716  1.00 47.35 ? 498 HOH A O   1 
HETATM 1209 O  O   . HOH G 5 .   ? -11.075 35.400  -3.881  1.00 44.84 ? 499 HOH A O   1 
HETATM 1210 O  O   . HOH G 5 .   ? -5.956  13.568  -7.976  1.00 60.52 ? 500 HOH A O   1 
HETATM 1211 O  O   . HOH G 5 .   ? -14.675 37.712  -0.265  1.00 49.99 ? 501 HOH A O   1 
HETATM 1212 O  O   . HOH G 5 .   ? 19.793  -5.455  2.924   1.00 54.89 ? 502 HOH A O   1 
HETATM 1213 O  O   . HOH G 5 .   ? -16.023 -1.966  -6.899  1.00 44.86 ? 503 HOH A O   1 
HETATM 1214 O  O   . HOH G 5 .   ? -2.191  4.004   12.133  1.00 48.56 ? 504 HOH A O   1 
HETATM 1215 O  O   . HOH G 5 .   ? -4.086  19.454  6.262   1.00 47.79 ? 505 HOH A O   1 
HETATM 1216 O  O   . HOH G 5 .   ? -4.723  -0.817  8.113   1.00 50.07 ? 506 HOH A O   1 
HETATM 1217 O  O   . HOH G 5 .   ? -3.377  4.846   7.644   1.00 49.57 ? 507 HOH A O   1 
HETATM 1218 O  O   . HOH G 5 .   ? 8.781   11.363  5.339   1.00 47.90 ? 508 HOH A O   1 
HETATM 1219 O  O   . HOH G 5 .   ? -15.487 35.834  -8.327  1.00 36.93 ? 509 HOH A O   1 
HETATM 1220 O  O   . HOH G 5 .   ? 32.781  -6.949  -5.155  1.00 48.17 ? 510 HOH A O   1 
HETATM 1221 O  O   . HOH G 5 .   ? -15.419 -14.257 3.118   1.00 47.13 ? 511 HOH A O   1 
HETATM 1222 O  O   . HOH G 5 .   ? 2.150   15.215  5.772   1.00 49.73 ? 512 HOH A O   1 
HETATM 1223 O  O   . HOH G 5 .   ? -15.029 9.114   -4.041  1.00 43.39 ? 513 HOH A O   1 
HETATM 1224 O  O   . HOH G 5 .   ? -13.230 19.340  -8.034  1.00 40.47 ? 514 HOH A O   1 
HETATM 1225 O  O   . HOH G 5 .   ? 4.426   -9.206  -7.308  1.00 53.13 ? 515 HOH A O   1 
HETATM 1226 O  O   . HOH G 5 .   ? -14.652 -3.444  -0.524  1.00 50.06 ? 516 HOH A O   1 
HETATM 1227 O  O   . HOH G 5 .   ? -9.198  23.328  -7.704  1.00 48.06 ? 517 HOH A O   1 
HETATM 1228 O  O   . HOH G 5 .   ? -4.776  24.463  1.475   1.00 58.22 ? 518 HOH A O   1 
HETATM 1229 O  O   . HOH G 5 .   ? 25.030  -10.484 -5.095  1.00 49.63 ? 519 HOH A O   1 
HETATM 1230 O  O   . HOH G 5 .   ? 0.067   13.829  10.936  1.00 44.15 ? 520 HOH A O   1 
HETATM 1231 O  O   . HOH G 5 .   ? -7.513  26.709  -1.272  1.00 51.39 ? 521 HOH A O   1 
HETATM 1232 O  O   . HOH G 5 .   ? -7.609  28.533  0.725   1.00 43.30 ? 522 HOH A O   1 
HETATM 1233 O  O   . HOH G 5 .   ? 21.153  -16.151 2.317   1.00 47.07 ? 523 HOH A O   1 
HETATM 1234 O  O   . HOH G 5 .   ? 8.519   -2.008  -10.289 1.00 57.53 ? 524 HOH A O   1 
HETATM 1235 O  O   . HOH G 5 .   ? -13.320 12.701  -2.086  0.50 24.17 ? 525 HOH A O   1 
HETATM 1236 O  O   . HOH G 5 .   ? 31.715  -5.264  0.512   1.00 46.44 ? 526 HOH A O   1 
HETATM 1237 O  O   . HOH G 5 .   ? 1.281   11.404  11.536  1.00 47.59 ? 527 HOH A O   1 
HETATM 1238 O  O   . HOH G 5 .   ? 1.818   15.532  9.868   1.00 56.41 ? 528 HOH A O   1 
HETATM 1239 O  O   . HOH G 5 .   ? -14.226 -11.890 4.315   1.00 50.06 ? 529 HOH A O   1 
HETATM 1240 O  O   . HOH G 5 .   ? 5.697   4.697   11.365  1.00 65.45 ? 530 HOH A O   1 
HETATM 1241 O  O   . HOH G 5 .   ? -27.879 43.287  -9.387  1.00 59.47 ? 531 HOH A O   1 
HETATM 1242 O  O   . HOH G 5 .   ? 7.270   6.515   -11.331 1.00 64.26 ? 532 HOH A O   1 
HETATM 1243 O  O   . HOH G 5 .   ? 13.333  1.143   3.485   1.00 53.68 ? 533 HOH A O   1 
HETATM 1244 O  O   . HOH G 5 .   ? -16.474 5.619   -7.285  1.00 64.24 ? 534 HOH A O   1 
HETATM 1245 O  O   . HOH G 5 .   ? 10.929  8.408   6.491   1.00 62.39 ? 535 HOH A O   1 
HETATM 1246 O  O   . HOH G 5 .   ? 9.250   7.624   -10.811 1.00 63.35 ? 536 HOH A O   1 
HETATM 1247 O  O   . HOH G 5 .   ? -3.758  -2.245  -11.155 1.00 67.11 ? 537 HOH A O   1 
HETATM 1248 O  O   . HOH G 5 .   ? 12.967  0.060   -5.353  1.00 69.28 ? 538 HOH A O   1 
HETATM 1249 O  O   . HOH G 5 .   ? -17.663 -8.249  -6.058  0.50 38.56 ? 539 HOH A O   1 
HETATM 1250 O  O   . HOH G 5 .   ? -0.678  -14.094 5.955   1.00 47.33 ? 540 HOH A O   1 
HETATM 1251 O  O   . HOH G 5 .   ? 17.615  -7.695  -4.614  1.00 58.04 ? 541 HOH A O   1 
HETATM 1252 O  O   . HOH G 5 .   ? 3.889   14.255  9.314   1.00 66.22 ? 542 HOH A O   1 
HETATM 1253 O  O   . HOH G 5 .   ? -6.473  -4.373  -8.100  1.00 41.05 ? 543 HOH A O   1 
HETATM 1254 O  O   . HOH G 5 .   ? -6.235  21.942  7.103   1.00 43.84 ? 544 HOH A O   1 
HETATM 1255 O  O   . HOH G 5 .   ? -7.144  23.530  5.814   1.00 55.15 ? 545 HOH A O   1 
HETATM 1256 O  O   . HOH G 5 .   ? -22.743 41.874  -7.913  1.00 37.56 ? 546 HOH A O   1 
HETATM 1257 O  O   . HOH G 5 .   ? -5.078  -10.108 -7.854  1.00 64.82 ? 547 HOH A O   1 
# 
